data_3IML
#
_entry.id   3IML
#
_cell.length_a   236.303
_cell.length_b   119.443
_cell.length_c   65.353
_cell.angle_alpha   90.00
_cell.angle_beta   105.98
_cell.angle_gamma   90.00
#
_symmetry.space_group_name_H-M   'C 1 2 1'
#
loop_
_entity.id
_entity.type
_entity.pdbx_description
1 polymer 'S-adenosylmethionine synthetase'
2 water water
#
_entity_poly.entity_id   1
_entity_poly.type   'polypeptide(L)'
_entity_poly.pdbx_seq_one_letter_code
;GPGSMANDYLFTSESVSEGHPDKVADQISDAILDAILAQDKYSRVAAETLCNTGLVVLAGEITTTANIDYIQIARDTIKR
IGYDNTDYGIDYRGCAVLVAYDKQSPDIAQGVDRAHDNNLDQGAGDQGLMFGYACDETPELMPLPIHLSHRLVERQANLR
RDGRLPWLRPDAKSQVTVRYVDGKPHSIDTVVLSTQHAPEIDLPALREAVIEEVIKPTLPADLIKGDIKFLVNPTGRFVI
GGPQGDCGLTGRKIIVDTYGGAAPHGGGAFSGKDPSKVDRSAAYAGRYVAKNIVAAGLASRALIQVSYAIGVAEPTSVMV
NTFGTGRVSDETITKLVREHFDLRPKGIIQMLDLLRPIYEKTAAYGHFGREEPEFSWEAADKALALAEAAGVEPAVQVA
;
_entity_poly.pdbx_strand_id   A,B,C,D
#
# COMPACT_ATOMS: atom_id res chain seq x y z
N SER A 4 28.67 -29.55 -34.86
CA SER A 4 28.70 -30.27 -36.17
C SER A 4 28.89 -29.27 -37.29
N MET A 5 28.15 -28.15 -37.22
CA MET A 5 28.27 -27.07 -38.22
C MET A 5 29.22 -25.98 -37.70
N ALA A 6 30.08 -25.45 -38.58
CA ALA A 6 30.99 -24.36 -38.22
C ALA A 6 30.17 -23.10 -37.89
N ASN A 7 30.62 -22.36 -36.87
CA ASN A 7 29.85 -21.30 -36.24
C ASN A 7 30.75 -20.19 -35.73
N ASP A 8 30.22 -18.97 -35.75
CA ASP A 8 30.82 -17.87 -35.02
C ASP A 8 29.72 -16.90 -34.62
N TYR A 9 29.45 -16.80 -33.32
CA TYR A 9 28.37 -15.96 -32.83
C TYR A 9 28.55 -15.52 -31.39
N LEU A 10 27.79 -14.48 -31.05
CA LEU A 10 27.79 -13.91 -29.71
C LEU A 10 26.47 -14.26 -29.04
N PHE A 11 26.57 -14.72 -27.81
CA PHE A 11 25.39 -15.03 -27.01
C PHE A 11 25.56 -14.37 -25.64
N THR A 12 24.47 -13.80 -25.13
CA THR A 12 24.47 -13.00 -23.92
C THR A 12 23.43 -13.40 -22.86
N SER A 13 23.85 -13.37 -21.60
CA SER A 13 22.95 -13.55 -20.46
C SER A 13 23.24 -12.45 -19.45
N GLU A 14 22.37 -12.31 -18.45
CA GLU A 14 22.53 -11.29 -17.41
C GLU A 14 22.18 -11.86 -16.05
N SER A 15 22.67 -11.22 -14.99
CA SER A 15 22.16 -11.48 -13.63
C SER A 15 22.05 -10.17 -12.85
N VAL A 16 21.45 -10.27 -11.66
CA VAL A 16 21.31 -9.15 -10.76
C VAL A 16 21.65 -9.62 -9.34
N SER A 17 22.10 -8.68 -8.53
CA SER A 17 22.48 -8.97 -7.16
C SER A 17 21.22 -9.14 -6.33
N GLU A 18 21.42 -9.56 -5.10
CA GLU A 18 20.35 -9.72 -4.16
C GLU A 18 19.70 -8.40 -3.73
N GLY A 19 20.30 -7.28 -4.09
CA GLY A 19 19.73 -5.97 -3.79
C GLY A 19 19.06 -5.29 -4.96
N HIS A 20 18.94 -5.98 -6.09
CA HIS A 20 18.12 -5.45 -7.19
C HIS A 20 16.68 -5.52 -6.72
N PRO A 21 15.87 -4.47 -6.98
CA PRO A 21 14.51 -4.43 -6.40
C PRO A 21 13.64 -5.67 -6.71
N ASP A 22 13.76 -6.24 -7.90
CA ASP A 22 12.95 -7.41 -8.27
C ASP A 22 13.40 -8.59 -7.44
N LYS A 23 14.69 -8.67 -7.17
CA LYS A 23 15.23 -9.76 -6.36
C LYS A 23 14.89 -9.59 -4.87
N VAL A 24 14.83 -8.34 -4.42
CA VAL A 24 14.38 -8.04 -3.06
C VAL A 24 13.01 -8.64 -2.93
N ALA A 25 12.14 -8.34 -3.90
CA ALA A 25 10.77 -8.82 -3.88
C ALA A 25 10.70 -10.35 -3.87
N ASP A 26 11.46 -11.01 -4.76
CA ASP A 26 11.54 -12.46 -4.79
C ASP A 26 12.01 -13.02 -3.45
N GLN A 27 13.00 -12.37 -2.83
CA GLN A 27 13.56 -12.89 -1.59
C GLN A 27 12.57 -12.71 -0.43
N ILE A 28 11.87 -11.57 -0.39
CA ILE A 28 10.83 -11.37 0.63
C ILE A 28 9.75 -12.44 0.47
N SER A 29 9.26 -12.59 -0.76
CA SER A 29 8.25 -13.62 -1.05
C SER A 29 8.69 -15.02 -0.54
N ASP A 30 9.96 -15.37 -0.76
CA ASP A 30 10.44 -16.71 -0.36
C ASP A 30 10.83 -16.78 1.11
N ALA A 31 11.23 -15.66 1.72
CA ALA A 31 11.42 -15.63 3.19
C ALA A 31 10.11 -15.91 3.94
N ILE A 32 9.05 -15.30 3.47
CA ILE A 32 7.70 -15.51 4.01
C ILE A 32 7.28 -16.95 3.77
N LEU A 33 7.57 -17.49 2.57
CA LEU A 33 7.32 -18.93 2.33
C LEU A 33 8.09 -19.81 3.30
N ASP A 34 9.37 -19.50 3.50
CA ASP A 34 10.19 -20.27 4.44
C ASP A 34 9.62 -20.23 5.84
N ALA A 35 9.24 -19.04 6.32
CA ALA A 35 8.74 -18.93 7.69
C ALA A 35 7.45 -19.71 7.87
N ILE A 36 6.61 -19.74 6.84
CA ILE A 36 5.35 -20.44 6.93
C ILE A 36 5.62 -21.94 6.98
N LEU A 37 6.49 -22.42 6.09
CA LEU A 37 6.81 -23.83 6.00
C LEU A 37 7.48 -24.36 7.27
N ALA A 38 8.29 -23.53 7.91
CA ALA A 38 8.89 -23.88 9.20
C ALA A 38 7.83 -24.39 10.19
N GLN A 39 6.68 -23.72 10.24
CA GLN A 39 5.62 -24.06 11.19
C GLN A 39 4.58 -25.04 10.65
N ASP A 40 4.45 -25.11 9.33
CA ASP A 40 3.41 -25.91 8.69
C ASP A 40 3.88 -26.24 7.26
N LYS A 41 4.50 -27.40 7.12
CA LYS A 41 5.18 -27.75 5.86
C LYS A 41 4.24 -28.19 4.76
N TYR A 42 2.95 -28.31 5.09
CA TYR A 42 1.90 -28.62 4.13
C TYR A 42 1.07 -27.40 3.79
N SER A 43 1.65 -26.21 3.90
CA SER A 43 0.93 -24.95 3.65
C SER A 43 0.84 -24.67 2.16
N ARG A 44 -0.22 -23.99 1.75
CA ARG A 44 -0.35 -23.44 0.38
C ARG A 44 -0.05 -21.94 0.39
N VAL A 45 0.93 -21.54 -0.41
CA VAL A 45 1.43 -20.19 -0.42
C VAL A 45 1.63 -19.75 -1.85
N ALA A 46 1.09 -18.57 -2.18
CA ALA A 46 1.35 -17.89 -3.45
C ALA A 46 1.62 -16.44 -3.10
N ALA A 47 2.77 -16.17 -2.49
CA ALA A 47 3.01 -14.88 -1.87
C ALA A 47 3.71 -13.89 -2.80
N GLU A 48 3.02 -12.80 -3.14
CA GLU A 48 3.50 -11.77 -4.08
C GLU A 48 3.96 -10.51 -3.34
N THR A 49 5.06 -9.91 -3.81
CA THR A 49 5.64 -8.76 -3.15
C THR A 49 5.92 -7.63 -4.16
N LEU A 50 5.60 -6.40 -3.76
CA LEU A 50 5.96 -5.23 -4.53
C LEU A 50 6.61 -4.27 -3.53
N CYS A 51 7.73 -3.69 -3.92
CA CYS A 51 8.41 -2.76 -3.03
C CYS A 51 8.95 -1.59 -3.78
N ASN A 52 8.89 -0.45 -3.10
CA ASN A 52 9.07 0.86 -3.71
C ASN A 52 10.04 1.59 -2.80
N THR A 53 10.10 2.92 -2.92
CA THR A 53 10.91 3.73 -2.03
C THR A 53 10.59 3.47 -0.55
N GLY A 54 9.41 3.89 -0.09
CA GLY A 54 9.06 3.67 1.32
C GLY A 54 7.86 2.77 1.49
N LEU A 55 7.83 1.66 0.75
CA LEU A 55 6.62 0.87 0.61
C LEU A 55 6.92 -0.58 0.29
N VAL A 56 6.40 -1.49 1.10
CA VAL A 56 6.33 -2.89 0.71
C VAL A 56 4.88 -3.32 0.67
N VAL A 57 4.46 -3.96 -0.41
CA VAL A 57 3.14 -4.53 -0.50
C VAL A 57 3.27 -6.03 -0.58
N LEU A 58 2.54 -6.70 0.31
CA LEU A 58 2.49 -8.14 0.38
C LEU A 58 1.06 -8.54 0.09
N ALA A 59 0.88 -9.41 -0.89
CA ALA A 59 -0.43 -9.83 -1.34
C ALA A 59 -0.38 -11.27 -1.83
N GLY A 60 -1.53 -11.86 -2.04
CA GLY A 60 -1.58 -13.21 -2.53
C GLY A 60 -2.41 -14.08 -1.64
N GLU A 61 -2.36 -15.37 -1.94
CA GLU A 61 -3.23 -16.36 -1.35
C GLU A 61 -2.39 -17.27 -0.45
N ILE A 62 -2.86 -17.53 0.76
CA ILE A 62 -2.13 -18.35 1.72
C ILE A 62 -3.12 -19.17 2.51
N THR A 63 -2.89 -20.48 2.54
CA THR A 63 -3.64 -21.39 3.40
C THR A 63 -2.64 -22.05 4.33
N THR A 64 -2.74 -21.78 5.64
CA THR A 64 -1.80 -22.33 6.62
C THR A 64 -2.30 -22.32 8.07
N THR A 65 -1.69 -23.11 8.95
CA THR A 65 -1.93 -22.99 10.40
C THR A 65 -0.86 -22.11 11.08
N ALA A 66 0.14 -21.70 10.30
CA ALA A 66 1.24 -20.93 10.85
C ALA A 66 0.78 -19.55 11.24
N ASN A 67 1.38 -19.03 12.31
CA ASN A 67 1.20 -17.64 12.75
C ASN A 67 2.50 -16.90 12.52
N ILE A 68 2.49 -15.95 11.61
CA ILE A 68 3.72 -15.35 11.14
C ILE A 68 3.62 -13.84 11.23
N ASP A 69 4.68 -13.23 11.76
CA ASP A 69 4.81 -11.79 11.75
C ASP A 69 5.38 -11.38 10.40
N TYR A 70 4.49 -11.23 9.43
CA TYR A 70 4.83 -10.90 8.05
C TYR A 70 5.69 -9.67 7.89
N ILE A 71 5.43 -8.65 8.68
CA ILE A 71 6.23 -7.44 8.59
C ILE A 71 7.66 -7.65 9.10
N GLN A 72 7.84 -8.39 10.20
CA GLN A 72 9.20 -8.61 10.76
C GLN A 72 10.07 -9.40 9.77
N ILE A 73 9.49 -10.43 9.16
CA ILE A 73 10.18 -11.22 8.13
C ILE A 73 10.62 -10.36 6.92
N ALA A 74 9.74 -9.49 6.43
CA ALA A 74 10.10 -8.60 5.33
C ALA A 74 11.23 -7.66 5.73
N ARG A 75 11.13 -7.07 6.92
CA ARG A 75 12.19 -6.21 7.44
C ARG A 75 13.53 -6.93 7.62
N ASP A 76 13.51 -8.12 8.20
CA ASP A 76 14.72 -8.91 8.40
C ASP A 76 15.42 -9.19 7.07
N THR A 77 14.62 -9.50 6.06
CA THR A 77 15.09 -9.83 4.73
C THR A 77 15.77 -8.61 4.10
N ILE A 78 15.10 -7.47 4.16
CA ILE A 78 15.66 -6.21 3.67
C ILE A 78 16.97 -5.86 4.36
N LYS A 79 17.04 -6.13 5.67
CA LYS A 79 18.21 -5.81 6.48
C LYS A 79 19.37 -6.72 6.09
N ARG A 80 19.09 -8.01 5.95
CA ARG A 80 20.07 -9.01 5.57
C ARG A 80 20.69 -8.69 4.21
N ILE A 81 19.88 -8.19 3.28
CA ILE A 81 20.34 -7.85 1.95
C ILE A 81 21.34 -6.69 1.96
N GLY A 82 21.23 -5.81 2.96
CA GLY A 82 22.15 -4.69 3.10
C GLY A 82 21.53 -3.32 3.26
N TYR A 83 20.20 -3.23 3.22
CA TYR A 83 19.49 -1.94 3.34
C TYR A 83 19.13 -1.58 4.79
N ASP A 84 20.12 -1.08 5.53
CA ASP A 84 19.96 -0.64 6.93
C ASP A 84 20.77 0.63 7.15
N GLY A 94 10.19 6.71 6.34
CA GLY A 94 9.40 5.55 6.74
C GLY A 94 9.36 4.48 5.65
N CYS A 95 9.29 3.22 6.06
CA CYS A 95 9.09 2.08 5.16
C CYS A 95 7.77 1.40 5.54
N ALA A 96 6.66 1.98 5.09
CA ALA A 96 5.32 1.41 5.31
C ALA A 96 5.16 0.03 4.66
N VAL A 97 4.47 -0.88 5.34
CA VAL A 97 4.16 -2.19 4.75
C VAL A 97 2.64 -2.39 4.70
N LEU A 98 2.12 -2.77 3.52
CA LEU A 98 0.71 -3.07 3.34
C LEU A 98 0.56 -4.58 3.18
N VAL A 99 -0.13 -5.21 4.13
CA VAL A 99 -0.33 -6.67 4.11
C VAL A 99 -1.77 -6.94 3.71
N ALA A 100 -1.94 -7.46 2.50
CA ALA A 100 -3.27 -7.69 1.94
C ALA A 100 -3.40 -9.14 1.46
N TYR A 101 -2.84 -10.07 2.20
CA TYR A 101 -2.99 -11.48 1.85
C TYR A 101 -4.44 -11.92 2.03
N ASP A 102 -4.89 -12.80 1.14
CA ASP A 102 -6.11 -13.60 1.33
C ASP A 102 -5.70 -14.85 2.10
N LYS A 103 -5.86 -14.80 3.42
CA LYS A 103 -5.35 -15.84 4.29
C LYS A 103 -6.51 -16.66 4.82
N GLN A 104 -6.28 -17.94 5.04
CA GLN A 104 -7.27 -18.83 5.70
C GLN A 104 -6.62 -20.07 6.31
N SER A 105 -7.26 -20.60 7.34
CA SER A 105 -6.90 -21.90 7.87
C SER A 105 -7.53 -22.96 6.95
N PRO A 106 -6.88 -24.13 6.85
CA PRO A 106 -7.40 -25.22 5.98
C PRO A 106 -8.67 -25.85 6.55
N ASN A 119 -3.20 -39.56 -3.51
CA ASN A 119 -1.89 -39.55 -2.86
C ASN A 119 -0.82 -39.13 -3.88
N LEU A 120 0.15 -40.00 -4.18
CA LEU A 120 1.13 -39.72 -5.22
C LEU A 120 0.46 -39.53 -6.59
N ASP A 121 -0.74 -40.10 -6.77
CA ASP A 121 -1.52 -39.94 -8.01
C ASP A 121 -2.40 -38.68 -8.02
N GLN A 122 -2.23 -37.79 -7.04
CA GLN A 122 -2.99 -36.55 -7.00
C GLN A 122 -2.68 -35.68 -8.21
N GLY A 123 -3.69 -34.96 -8.69
CA GLY A 123 -3.57 -34.14 -9.88
C GLY A 123 -2.81 -32.83 -9.69
N ALA A 124 -2.34 -32.28 -10.80
CA ALA A 124 -1.67 -30.98 -10.79
C ALA A 124 -2.68 -29.87 -10.47
N GLY A 125 -2.27 -28.93 -9.61
CA GLY A 125 -3.14 -27.82 -9.21
C GLY A 125 -3.35 -26.75 -10.27
N ASP A 126 -2.59 -26.82 -11.37
CA ASP A 126 -2.75 -25.88 -12.47
C ASP A 126 -2.10 -26.44 -13.73
N GLN A 127 -2.36 -25.82 -14.87
CA GLN A 127 -1.73 -26.19 -16.13
C GLN A 127 -0.43 -25.43 -16.29
N GLY A 128 0.43 -25.92 -17.17
CA GLY A 128 1.67 -25.21 -17.50
C GLY A 128 2.63 -26.05 -18.31
N LEU A 129 3.60 -25.36 -18.92
CA LEU A 129 4.73 -26.01 -19.57
C LEU A 129 5.98 -25.65 -18.78
N MET A 130 6.83 -26.64 -18.53
CA MET A 130 8.11 -26.36 -17.88
C MET A 130 9.29 -27.00 -18.62
N PHE A 131 10.40 -26.25 -18.65
CA PHE A 131 11.64 -26.69 -19.29
C PHE A 131 12.75 -26.89 -18.27
N GLY A 132 13.54 -27.95 -18.48
CA GLY A 132 14.77 -28.17 -17.75
C GLY A 132 15.97 -28.31 -18.68
N TYR A 133 17.13 -27.87 -18.23
CA TYR A 133 18.28 -27.81 -19.10
C TYR A 133 19.60 -28.01 -18.36
N ALA A 134 20.56 -28.59 -19.07
CA ALA A 134 21.90 -28.83 -18.59
C ALA A 134 22.87 -28.97 -19.75
N CYS A 135 24.08 -28.45 -19.60
CA CYS A 135 25.11 -28.68 -20.61
C CYS A 135 26.45 -28.73 -19.95
N ASP A 136 27.46 -29.20 -20.66
CA ASP A 136 28.80 -29.41 -20.08
C ASP A 136 29.75 -28.19 -20.20
N GLU A 137 29.19 -26.99 -20.35
CA GLU A 137 30.01 -25.80 -20.51
C GLU A 137 30.63 -25.36 -19.18
N THR A 138 30.07 -25.84 -18.08
CA THR A 138 30.61 -25.56 -16.76
C THR A 138 30.57 -26.84 -15.94
N PRO A 139 31.45 -26.95 -14.92
CA PRO A 139 31.41 -28.14 -14.05
C PRO A 139 30.04 -28.35 -13.36
N GLU A 140 29.30 -27.26 -13.13
CA GLU A 140 27.98 -27.34 -12.50
C GLU A 140 26.92 -27.74 -13.54
N LEU A 141 27.34 -27.85 -14.79
CA LEU A 141 26.55 -28.34 -15.91
C LEU A 141 25.51 -27.29 -16.30
N MET A 142 25.95 -26.04 -16.27
CA MET A 142 25.14 -24.90 -16.70
C MET A 142 25.79 -24.23 -17.90
N PRO A 143 24.98 -23.56 -18.75
CA PRO A 143 25.57 -22.79 -19.83
C PRO A 143 26.41 -21.66 -19.26
N LEU A 144 27.51 -21.35 -19.94
CA LEU A 144 28.51 -20.42 -19.43
C LEU A 144 28.01 -18.98 -19.13
N PRO A 145 27.27 -18.34 -20.04
CA PRO A 145 27.04 -16.91 -19.82
C PRO A 145 26.19 -16.60 -18.59
N ILE A 146 25.16 -17.39 -18.33
CA ILE A 146 24.35 -17.20 -17.12
C ILE A 146 25.20 -17.54 -15.87
N HIS A 147 26.04 -18.56 -15.99
CA HIS A 147 26.94 -18.91 -14.91
C HIS A 147 27.87 -17.76 -14.54
N LEU A 148 28.58 -17.23 -15.52
CA LEU A 148 29.49 -16.14 -15.26
C LEU A 148 28.75 -14.89 -14.74
N SER A 149 27.54 -14.66 -15.23
CA SER A 149 26.72 -13.52 -14.81
C SER A 149 26.40 -13.58 -13.34
N HIS A 150 25.90 -14.75 -12.91
CA HIS A 150 25.61 -15.00 -11.51
C HIS A 150 26.83 -14.78 -10.64
N ARG A 151 27.94 -15.44 -11.00
CA ARG A 151 29.18 -15.39 -10.18
C ARG A 151 29.70 -13.97 -10.10
N LEU A 152 29.55 -13.18 -11.16
CA LEU A 152 29.99 -11.78 -11.12
C LEU A 152 29.22 -10.98 -10.06
N VAL A 153 27.91 -11.16 -9.98
CA VAL A 153 27.14 -10.47 -8.97
C VAL A 153 27.33 -11.10 -7.58
N GLU A 154 27.59 -12.40 -7.47
CA GLU A 154 27.92 -12.97 -6.13
C GLU A 154 29.22 -12.40 -5.62
N ARG A 155 30.19 -12.27 -6.50
CA ARG A 155 31.47 -11.72 -6.17
C ARG A 155 31.32 -10.31 -5.64
N GLN A 156 30.53 -9.44 -6.30
CA GLN A 156 30.37 -8.08 -5.74
C GLN A 156 29.68 -8.09 -4.38
N ALA A 157 28.75 -9.01 -4.16
CA ALA A 157 28.13 -9.14 -2.83
C ALA A 157 29.17 -9.55 -1.77
N ASN A 158 29.98 -10.56 -2.10
CA ASN A 158 31.02 -11.05 -1.19
C ASN A 158 32.00 -9.97 -0.76
N LEU A 159 32.50 -9.23 -1.74
CA LEU A 159 33.47 -8.15 -1.50
C LEU A 159 32.84 -6.97 -0.74
N ARG A 160 31.56 -6.73 -0.94
CA ARG A 160 30.82 -5.78 -0.11
C ARG A 160 30.77 -6.24 1.35
N ARG A 161 30.27 -7.44 1.59
CA ARG A 161 30.06 -7.94 2.95
C ARG A 161 31.31 -8.19 3.80
N ASP A 162 32.40 -8.65 3.20
CA ASP A 162 33.61 -8.86 3.99
C ASP A 162 34.49 -7.59 4.05
N GLY A 163 33.98 -6.48 3.50
CA GLY A 163 34.62 -5.20 3.68
C GLY A 163 35.85 -4.94 2.83
N ARG A 164 36.19 -5.85 1.92
CA ARG A 164 37.27 -5.59 0.97
C ARG A 164 36.95 -4.39 0.07
N LEU A 165 35.70 -4.28 -0.38
CA LEU A 165 35.24 -3.11 -1.11
C LEU A 165 34.05 -2.53 -0.34
N PRO A 166 34.33 -1.78 0.74
CA PRO A 166 33.29 -1.33 1.65
C PRO A 166 32.41 -0.22 1.08
N TRP A 167 32.88 0.44 0.04
CA TRP A 167 32.10 1.47 -0.64
C TRP A 167 30.99 0.89 -1.52
N LEU A 168 31.03 -0.40 -1.81
CA LEU A 168 29.94 -1.02 -2.58
C LEU A 168 28.62 -1.01 -1.80
N ARG A 169 27.51 -0.92 -2.54
CA ARG A 169 26.17 -1.03 -1.96
C ARG A 169 25.40 -2.18 -2.63
N PRO A 170 24.24 -2.54 -2.09
CA PRO A 170 23.66 -3.85 -2.46
C PRO A 170 23.26 -4.07 -3.93
N ASP A 171 22.66 -3.04 -4.56
CA ASP A 171 22.13 -3.16 -5.93
C ASP A 171 23.23 -3.23 -7.01
N ALA A 172 23.16 -4.25 -7.85
CA ALA A 172 24.07 -4.39 -8.98
C ALA A 172 23.50 -5.33 -10.05
N LYS A 173 24.00 -5.15 -11.27
CA LYS A 173 23.60 -5.96 -12.42
C LYS A 173 24.86 -6.37 -13.18
N SER A 174 24.85 -7.59 -13.72
CA SER A 174 25.92 -8.03 -14.59
C SER A 174 25.32 -8.50 -15.92
N GLN A 175 26.14 -8.49 -16.96
CA GLN A 175 25.78 -9.03 -18.26
C GLN A 175 27.04 -9.50 -19.01
N VAL A 176 27.04 -10.76 -19.42
CA VAL A 176 28.20 -11.36 -20.03
C VAL A 176 27.89 -11.84 -21.42
N THR A 177 28.68 -11.36 -22.38
CA THR A 177 28.53 -11.72 -23.76
C THR A 177 29.64 -12.66 -24.15
N VAL A 178 29.26 -13.87 -24.54
CA VAL A 178 30.23 -14.88 -24.95
C VAL A 178 30.24 -15.15 -26.47
N ARG A 179 31.42 -15.04 -27.06
CA ARG A 179 31.67 -15.45 -28.45
C ARG A 179 31.89 -16.94 -28.49
N TYR A 180 30.97 -17.67 -29.11
CA TYR A 180 31.09 -19.10 -29.38
C TYR A 180 31.64 -19.35 -30.78
N VAL A 181 32.54 -20.32 -30.90
CA VAL A 181 33.05 -20.78 -32.20
C VAL A 181 32.87 -22.28 -32.25
N ASP A 182 32.26 -22.76 -33.33
CA ASP A 182 31.95 -24.17 -33.52
C ASP A 182 31.12 -24.78 -32.38
N GLY A 183 30.16 -24.01 -31.89
CA GLY A 183 29.28 -24.45 -30.82
C GLY A 183 29.91 -24.48 -29.43
N LYS A 184 31.11 -23.94 -29.29
CA LYS A 184 31.86 -23.97 -28.03
C LYS A 184 32.36 -22.57 -27.64
N PRO A 185 32.38 -22.26 -26.33
CA PRO A 185 32.88 -20.96 -25.90
C PRO A 185 34.30 -20.72 -26.36
N HIS A 186 34.58 -19.52 -26.86
CA HIS A 186 35.90 -19.17 -27.37
C HIS A 186 36.52 -18.01 -26.58
N SER A 187 35.76 -16.95 -26.36
CA SER A 187 36.30 -15.82 -25.61
C SER A 187 35.18 -15.05 -24.96
N ILE A 188 35.53 -14.20 -23.99
CA ILE A 188 34.57 -13.27 -23.40
C ILE A 188 34.63 -11.95 -24.18
N ASP A 189 33.53 -11.60 -24.83
CA ASP A 189 33.53 -10.42 -25.70
C ASP A 189 33.28 -9.17 -24.86
N THR A 190 32.25 -9.18 -24.02
CA THR A 190 31.87 -7.98 -23.26
C THR A 190 31.40 -8.39 -21.88
N VAL A 191 31.82 -7.63 -20.87
CA VAL A 191 31.24 -7.75 -19.53
C VAL A 191 30.76 -6.36 -19.10
N VAL A 192 29.49 -6.30 -18.77
CA VAL A 192 28.89 -5.13 -18.19
C VAL A 192 28.69 -5.38 -16.71
N LEU A 193 29.03 -4.41 -15.88
CA LEU A 193 28.74 -4.48 -14.46
C LEU A 193 28.42 -3.10 -13.97
N SER A 194 27.20 -2.93 -13.47
CA SER A 194 26.74 -1.69 -12.87
C SER A 194 26.57 -1.98 -11.40
N THR A 195 27.10 -1.13 -10.55
CA THR A 195 26.97 -1.36 -9.12
C THR A 195 26.67 -0.07 -8.41
N GLN A 196 25.80 -0.17 -7.41
CA GLN A 196 25.55 0.90 -6.49
C GLN A 196 26.81 1.07 -5.65
N HIS A 197 26.97 2.25 -5.06
CA HIS A 197 28.18 2.58 -4.35
C HIS A 197 27.96 3.79 -3.47
N ALA A 198 28.87 3.96 -2.51
CA ALA A 198 28.83 5.13 -1.64
C ALA A 198 29.18 6.36 -2.47
N PRO A 199 28.63 7.54 -2.12
CA PRO A 199 29.00 8.78 -2.82
C PRO A 199 30.47 9.17 -2.70
N GLU A 200 31.15 8.60 -1.70
CA GLU A 200 32.59 8.91 -1.43
C GLU A 200 33.55 8.49 -2.56
N ILE A 201 33.17 7.48 -3.33
CA ILE A 201 34.08 6.88 -4.31
C ILE A 201 33.97 7.56 -5.68
N ASP A 202 35.12 7.78 -6.33
CA ASP A 202 35.18 8.36 -7.67
C ASP A 202 35.04 7.29 -8.77
N LEU A 203 34.42 7.68 -9.88
CA LEU A 203 34.07 6.74 -10.96
C LEU A 203 35.26 5.93 -11.50
N PRO A 204 36.38 6.60 -11.79
CA PRO A 204 37.51 5.84 -12.36
C PRO A 204 38.09 4.83 -11.39
N ALA A 205 38.15 5.18 -10.10
CA ALA A 205 38.61 4.26 -9.07
C ALA A 205 37.61 3.13 -8.87
N LEU A 206 36.33 3.45 -9.00
CA LEU A 206 35.29 2.43 -8.92
C LEU A 206 35.51 1.41 -10.04
N ARG A 207 35.68 1.89 -11.26
CA ARG A 207 35.78 1.01 -12.43
C ARG A 207 37.04 0.14 -12.40
N GLU A 208 38.18 0.73 -12.06
CA GLU A 208 39.40 -0.06 -11.92
C GLU A 208 39.21 -1.17 -10.86
N ALA A 209 38.61 -0.80 -9.73
CA ALA A 209 38.39 -1.76 -8.67
C ALA A 209 37.49 -2.89 -9.16
N VAL A 210 36.45 -2.56 -9.90
CA VAL A 210 35.53 -3.58 -10.37
C VAL A 210 36.18 -4.50 -11.41
N ILE A 211 36.98 -3.93 -12.32
CA ILE A 211 37.66 -4.74 -13.31
C ILE A 211 38.64 -5.73 -12.65
N GLU A 212 39.49 -5.25 -11.76
CA GLU A 212 40.55 -6.09 -11.18
C GLU A 212 40.07 -7.04 -10.08
N GLU A 213 39.07 -6.62 -9.31
CA GLU A 213 38.63 -7.36 -8.11
C GLU A 213 37.43 -8.24 -8.35
N VAL A 214 36.47 -7.76 -9.14
CA VAL A 214 35.18 -8.43 -9.30
C VAL A 214 35.14 -9.24 -10.58
N ILE A 215 35.47 -8.59 -11.70
CA ILE A 215 35.36 -9.20 -13.02
C ILE A 215 36.49 -10.20 -13.37
N LYS A 216 37.73 -9.72 -13.43
CA LYS A 216 38.85 -10.57 -13.88
C LYS A 216 39.03 -11.84 -13.04
N PRO A 217 38.96 -11.76 -11.70
CA PRO A 217 39.14 -12.98 -10.91
C PRO A 217 38.05 -14.04 -11.12
N THR A 218 36.92 -13.64 -11.70
CA THR A 218 35.78 -14.53 -11.93
C THR A 218 35.80 -15.20 -13.32
N LEU A 219 36.39 -14.53 -14.31
CA LEU A 219 36.40 -15.05 -15.68
C LEU A 219 37.43 -16.14 -15.84
N PRO A 220 37.11 -17.19 -16.62
CA PRO A 220 38.13 -18.20 -16.92
C PRO A 220 39.32 -17.59 -17.65
N ALA A 221 40.51 -17.95 -17.19
CA ALA A 221 41.74 -17.40 -17.72
C ALA A 221 41.82 -17.53 -19.25
N ASP A 222 41.58 -18.73 -19.75
CA ASP A 222 41.77 -19.00 -21.18
C ASP A 222 40.78 -18.31 -22.13
N LEU A 223 39.71 -17.70 -21.60
CA LEU A 223 38.76 -16.96 -22.45
C LEU A 223 38.99 -15.47 -22.49
N ILE A 224 40.03 -14.98 -21.82
CA ILE A 224 40.37 -13.56 -21.88
C ILE A 224 41.39 -13.28 -23.00
N LYS A 225 40.87 -12.87 -24.16
CA LYS A 225 41.69 -12.47 -25.29
C LYS A 225 41.85 -10.95 -25.28
N GLY A 226 42.65 -10.46 -26.22
CA GLY A 226 42.93 -9.02 -26.32
C GLY A 226 41.73 -8.15 -26.66
N ASP A 227 40.64 -8.75 -27.17
CA ASP A 227 39.50 -7.95 -27.65
C ASP A 227 38.38 -7.73 -26.59
N ILE A 228 38.65 -8.08 -25.32
CA ILE A 228 37.65 -8.05 -24.25
C ILE A 228 37.25 -6.60 -23.85
N LYS A 229 35.95 -6.38 -23.70
CA LYS A 229 35.42 -5.05 -23.39
C LYS A 229 34.75 -5.04 -22.00
N PHE A 230 35.22 -4.16 -21.11
CA PHE A 230 34.63 -4.03 -19.78
C PHE A 230 33.80 -2.77 -19.70
N LEU A 231 32.50 -2.92 -19.44
CA LEU A 231 31.60 -1.77 -19.32
C LEU A 231 31.09 -1.66 -17.89
N VAL A 232 31.78 -0.86 -17.08
CA VAL A 232 31.49 -0.72 -15.68
C VAL A 232 30.85 0.62 -15.44
N ASN A 233 29.71 0.62 -14.75
CA ASN A 233 28.90 1.84 -14.57
C ASN A 233 29.04 2.80 -15.75
N PRO A 234 28.56 2.38 -16.92
CA PRO A 234 28.74 3.21 -18.12
C PRO A 234 28.13 4.63 -18.04
N THR A 235 27.01 4.75 -17.35
CA THR A 235 26.36 6.05 -17.14
C THR A 235 26.72 6.65 -15.77
N GLY A 236 27.89 6.29 -15.25
CA GLY A 236 28.46 6.96 -14.08
C GLY A 236 27.85 6.62 -12.73
N ARG A 237 27.59 7.65 -11.93
CA ARG A 237 27.18 7.51 -10.54
C ARG A 237 25.92 6.66 -10.35
N PHE A 238 25.83 5.99 -9.20
CA PHE A 238 24.77 5.04 -8.88
C PHE A 238 24.76 4.95 -7.35
N VAL A 239 24.14 5.96 -6.72
CA VAL A 239 24.13 6.09 -5.26
C VAL A 239 22.77 5.67 -4.69
N ILE A 240 21.70 6.08 -5.37
CA ILE A 240 20.35 5.65 -5.01
C ILE A 240 20.11 4.36 -5.76
N GLY A 241 20.02 3.26 -5.02
CA GLY A 241 19.79 1.95 -5.62
C GLY A 241 18.68 1.21 -4.91
N GLY A 242 18.34 0.05 -5.45
CA GLY A 242 17.29 -0.78 -4.89
C GLY A 242 15.92 -0.11 -5.01
N PRO A 243 14.96 -0.56 -4.18
CA PRO A 243 13.57 -0.07 -4.22
C PRO A 243 13.45 1.46 -4.28
N GLN A 244 14.34 2.17 -3.59
CA GLN A 244 14.34 3.64 -3.60
C GLN A 244 14.47 4.26 -5.01
N GLY A 245 15.28 3.65 -5.87
CA GLY A 245 15.52 4.16 -7.24
C GLY A 245 14.68 3.49 -8.32
N ASP A 246 13.99 2.42 -7.96
CA ASP A 246 13.06 1.75 -8.87
C ASP A 246 12.24 0.69 -8.17
N CYS A 247 11.04 0.48 -8.70
CA CYS A 247 10.08 -0.44 -8.15
C CYS A 247 10.51 -1.88 -8.41
N GLY A 248 10.27 -2.76 -7.44
CA GLY A 248 10.51 -4.20 -7.59
C GLY A 248 9.23 -5.03 -7.44
N LEU A 249 9.13 -6.14 -8.18
CA LEU A 249 8.01 -7.08 -8.08
C LEU A 249 8.49 -8.52 -8.09
N THR A 250 7.70 -9.38 -7.47
CA THR A 250 8.00 -10.80 -7.46
C THR A 250 7.84 -11.33 -8.88
N GLY A 251 8.72 -12.25 -9.27
CA GLY A 251 8.56 -12.97 -10.52
C GLY A 251 8.85 -12.16 -11.78
N ARG A 252 9.79 -11.23 -11.68
CA ARG A 252 10.16 -10.40 -12.82
C ARG A 252 11.61 -10.60 -13.24
N LYS A 253 12.22 -11.67 -12.75
CA LYS A 253 13.57 -12.04 -13.16
C LYS A 253 13.60 -13.53 -13.45
N ILE A 254 12.66 -14.02 -14.25
CA ILE A 254 12.49 -15.49 -14.36
C ILE A 254 13.55 -16.13 -15.26
N ILE A 255 14.17 -15.31 -16.12
CA ILE A 255 15.24 -15.75 -17.01
C ILE A 255 16.57 -15.76 -16.27
N VAL A 256 16.80 -14.74 -15.43
CA VAL A 256 17.91 -14.75 -14.47
C VAL A 256 17.82 -15.95 -13.52
N ASP A 257 16.60 -16.32 -13.15
CA ASP A 257 16.37 -17.41 -12.21
C ASP A 257 16.65 -18.82 -12.81
N THR A 258 16.71 -18.92 -14.13
CA THR A 258 16.76 -20.19 -14.83
C THR A 258 18.05 -20.25 -15.65
N TYR A 259 17.98 -20.14 -16.98
CA TYR A 259 19.14 -20.43 -17.84
C TYR A 259 19.67 -19.24 -18.66
N GLY A 260 19.28 -18.03 -18.31
CA GLY A 260 19.79 -16.85 -19.01
C GLY A 260 19.47 -16.73 -20.48
N GLY A 261 18.41 -17.38 -20.93
CA GLY A 261 18.10 -17.41 -22.35
C GLY A 261 18.68 -18.58 -23.15
N ALA A 262 19.38 -19.51 -22.48
CA ALA A 262 19.99 -20.67 -23.17
C ALA A 262 18.98 -21.77 -23.49
N ALA A 263 17.83 -21.70 -22.83
CA ALA A 263 16.76 -22.64 -23.06
C ALA A 263 15.44 -21.87 -23.21
N PRO A 264 14.40 -22.52 -23.75
CA PRO A 264 13.07 -21.96 -23.69
C PRO A 264 12.50 -21.99 -22.27
N HIS A 265 11.51 -21.12 -22.05
CA HIS A 265 10.87 -21.03 -20.76
C HIS A 265 9.35 -21.10 -20.96
N GLY A 266 8.69 -21.85 -20.07
CA GLY A 266 7.27 -22.07 -20.15
C GLY A 266 6.37 -21.03 -19.51
N GLY A 267 6.91 -20.09 -18.72
CA GLY A 267 6.11 -18.96 -18.17
C GLY A 267 6.17 -18.60 -16.67
N GLY A 268 6.18 -19.62 -15.82
CA GLY A 268 5.87 -19.42 -14.41
C GLY A 268 7.01 -18.89 -13.57
N ALA A 269 6.69 -17.95 -12.67
CA ALA A 269 7.63 -17.48 -11.67
C ALA A 269 7.80 -18.55 -10.57
N PHE A 270 8.90 -18.45 -9.81
CA PHE A 270 9.19 -19.38 -8.72
C PHE A 270 8.90 -18.84 -7.33
N SER A 271 9.35 -17.62 -7.04
CA SER A 271 9.31 -17.15 -5.66
C SER A 271 7.88 -16.91 -5.16
N GLY A 272 7.67 -17.24 -3.87
CA GLY A 272 6.40 -17.09 -3.21
C GLY A 272 5.48 -18.28 -3.35
N LYS A 273 5.95 -19.30 -4.06
CA LYS A 273 5.11 -20.45 -4.36
C LYS A 273 5.62 -21.69 -3.63
N ASP A 274 4.73 -22.43 -2.97
CA ASP A 274 5.12 -23.66 -2.29
C ASP A 274 5.22 -24.77 -3.33
N PRO A 275 5.94 -25.86 -2.99
CA PRO A 275 6.26 -26.93 -3.94
C PRO A 275 5.06 -27.57 -4.68
N SER A 276 3.86 -27.46 -4.14
CA SER A 276 2.68 -28.02 -4.80
C SER A 276 2.35 -27.33 -6.13
N LYS A 277 2.89 -26.13 -6.35
CA LYS A 277 2.75 -25.43 -7.64
C LYS A 277 3.74 -26.04 -8.63
N VAL A 278 3.22 -26.71 -9.65
CA VAL A 278 4.07 -27.36 -10.67
C VAL A 278 4.98 -26.39 -11.41
N ASP A 279 4.59 -25.12 -11.50
CA ASP A 279 5.46 -24.09 -12.08
C ASP A 279 6.83 -24.14 -11.40
N ARG A 280 6.85 -24.46 -10.10
CA ARG A 280 8.12 -24.46 -9.38
C ARG A 280 8.74 -25.84 -9.30
N SER A 281 7.96 -26.81 -8.88
CA SER A 281 8.49 -28.15 -8.63
C SER A 281 8.87 -28.90 -9.92
N ALA A 282 8.13 -28.65 -11.00
CA ALA A 282 8.37 -29.30 -12.28
C ALA A 282 9.55 -28.69 -12.98
N ALA A 283 9.73 -27.38 -12.83
CA ALA A 283 10.98 -26.72 -13.28
C ALA A 283 12.21 -27.33 -12.57
N TYR A 284 12.10 -27.53 -11.25
CA TYR A 284 13.18 -28.05 -10.47
C TYR A 284 13.48 -29.49 -10.84
N ALA A 285 12.43 -30.27 -11.04
CA ALA A 285 12.55 -31.66 -11.45
C ALA A 285 13.18 -31.73 -12.82
N GLY A 286 12.72 -30.86 -13.71
CA GLY A 286 13.32 -30.74 -15.04
C GLY A 286 14.81 -30.51 -15.04
N ARG A 287 15.29 -29.53 -14.27
CA ARG A 287 16.74 -29.31 -14.05
C ARG A 287 17.40 -30.60 -13.56
N TYR A 288 16.81 -31.16 -12.50
CA TYR A 288 17.26 -32.44 -11.92
C TYR A 288 17.49 -33.49 -12.99
N VAL A 289 16.47 -33.74 -13.81
CA VAL A 289 16.56 -34.76 -14.87
C VAL A 289 17.65 -34.38 -15.87
N ALA A 290 17.55 -33.17 -16.41
CA ALA A 290 18.49 -32.69 -17.41
C ALA A 290 19.92 -32.81 -16.89
N LYS A 291 20.14 -32.48 -15.61
CA LYS A 291 21.49 -32.52 -15.06
C LYS A 291 22.00 -33.94 -14.93
N ASN A 292 21.15 -34.85 -14.46
CA ASN A 292 21.54 -36.23 -14.37
C ASN A 292 21.82 -36.90 -15.72
N ILE A 293 21.16 -36.41 -16.78
CA ILE A 293 21.39 -36.94 -18.12
C ILE A 293 22.81 -36.61 -18.55
N VAL A 294 23.23 -35.37 -18.33
CA VAL A 294 24.56 -34.94 -18.74
C VAL A 294 25.64 -35.52 -17.80
N ALA A 295 25.35 -35.52 -16.50
CA ALA A 295 26.28 -36.06 -15.52
C ALA A 295 26.54 -37.54 -15.80
N ALA A 296 25.51 -38.24 -16.26
CA ALA A 296 25.63 -39.65 -16.59
C ALA A 296 26.50 -39.90 -17.84
N GLY A 297 26.71 -38.85 -18.64
CA GLY A 297 27.51 -38.91 -19.86
C GLY A 297 26.68 -39.41 -21.03
N LEU A 298 25.35 -39.30 -20.89
CA LEU A 298 24.44 -39.75 -21.94
C LEU A 298 24.43 -38.76 -23.07
N ALA A 299 24.63 -37.49 -22.73
CA ALA A 299 24.66 -36.40 -23.70
C ALA A 299 25.56 -35.27 -23.17
N SER A 300 26.04 -34.41 -24.08
CA SER A 300 26.82 -33.24 -23.72
C SER A 300 25.85 -32.11 -23.38
N ARG A 301 24.65 -32.20 -23.91
CA ARG A 301 23.56 -31.38 -23.41
C ARG A 301 22.17 -32.03 -23.57
N ALA A 302 21.25 -31.57 -22.71
CA ALA A 302 19.91 -32.11 -22.65
C ALA A 302 18.90 -31.02 -22.28
N LEU A 303 17.85 -30.93 -23.08
CA LEU A 303 16.69 -30.13 -22.77
C LEU A 303 15.54 -31.10 -22.57
N ILE A 304 14.78 -30.93 -21.50
CA ILE A 304 13.59 -31.75 -21.23
C ILE A 304 12.40 -30.81 -21.07
N GLN A 305 11.29 -31.14 -21.74
CA GLN A 305 10.06 -30.34 -21.70
C GLN A 305 8.95 -31.17 -21.10
N VAL A 306 8.25 -30.62 -20.11
CA VAL A 306 7.12 -31.35 -19.51
C VAL A 306 5.88 -30.46 -19.44
N SER A 307 4.73 -31.07 -19.72
CA SER A 307 3.44 -30.37 -19.65
C SER A 307 2.51 -31.07 -18.66
N TYR A 308 1.75 -30.28 -17.91
CA TYR A 308 0.70 -30.81 -17.05
C TYR A 308 -0.65 -30.23 -17.42
N ALA A 309 -1.69 -31.03 -17.21
CA ALA A 309 -3.07 -30.59 -17.35
C ALA A 309 -3.67 -30.51 -15.95
N ILE A 310 -4.47 -29.48 -15.70
CA ILE A 310 -5.09 -29.31 -14.37
C ILE A 310 -5.74 -30.62 -13.95
N GLY A 311 -5.53 -31.02 -12.71
CA GLY A 311 -6.19 -32.21 -12.16
C GLY A 311 -5.63 -33.55 -12.65
N VAL A 312 -4.65 -33.52 -13.56
CA VAL A 312 -3.99 -34.74 -14.03
C VAL A 312 -2.63 -34.87 -13.36
N ALA A 313 -2.37 -36.04 -12.77
CA ALA A 313 -1.14 -36.30 -12.04
C ALA A 313 0.01 -36.52 -13.01
N GLU A 314 0.04 -37.70 -13.62
CA GLU A 314 0.98 -38.02 -14.70
C GLU A 314 0.97 -36.86 -15.72
N PRO A 315 2.15 -36.37 -16.11
CA PRO A 315 2.18 -35.23 -17.02
C PRO A 315 1.77 -35.57 -18.47
N THR A 316 1.18 -34.59 -19.14
CA THR A 316 0.77 -34.70 -20.53
C THR A 316 1.87 -35.26 -21.42
N SER A 317 3.02 -34.59 -21.41
CA SER A 317 4.13 -34.91 -22.29
C SER A 317 5.46 -34.75 -21.57
N VAL A 318 6.39 -35.64 -21.91
CA VAL A 318 7.74 -35.62 -21.41
C VAL A 318 8.65 -35.96 -22.58
N MET A 319 9.49 -35.00 -23.00
CA MET A 319 10.46 -35.23 -24.10
C MET A 319 11.85 -34.71 -23.80
N VAL A 320 12.85 -35.44 -24.29
CA VAL A 320 14.25 -35.06 -24.13
C VAL A 320 14.87 -34.79 -25.51
N ASN A 321 15.46 -33.61 -25.66
CA ASN A 321 16.20 -33.23 -26.87
C ASN A 321 17.66 -33.04 -26.51
N THR A 322 18.53 -33.88 -27.03
CA THR A 322 19.95 -33.72 -26.79
C THR A 322 20.67 -32.95 -27.92
N PHE A 323 19.91 -32.43 -28.88
CA PHE A 323 20.44 -31.64 -30.01
C PHE A 323 21.56 -32.37 -30.79
N GLY A 324 21.41 -33.67 -30.98
CA GLY A 324 22.41 -34.48 -31.70
C GLY A 324 23.59 -34.89 -30.85
N THR A 325 23.57 -34.60 -29.54
CA THR A 325 24.72 -34.95 -28.69
C THR A 325 24.55 -36.26 -27.90
N GLY A 326 23.37 -36.86 -27.94
CA GLY A 326 23.08 -38.08 -27.21
C GLY A 326 23.81 -39.31 -27.70
N ARG A 327 24.34 -40.10 -26.77
CA ARG A 327 25.08 -41.32 -27.08
C ARG A 327 24.13 -42.52 -27.29
N VAL A 328 22.85 -42.30 -26.99
CA VAL A 328 21.78 -43.21 -27.41
C VAL A 328 20.65 -42.34 -27.94
N SER A 329 19.66 -42.98 -28.52
CA SER A 329 18.51 -42.29 -29.09
C SER A 329 17.83 -41.45 -28.03
N ASP A 330 17.34 -40.27 -28.45
CA ASP A 330 16.58 -39.40 -27.57
C ASP A 330 15.43 -40.20 -26.96
N GLU A 331 14.76 -41.00 -27.79
CA GLU A 331 13.65 -41.83 -27.35
C GLU A 331 14.06 -42.70 -26.15
N THR A 332 15.19 -43.38 -26.24
CA THR A 332 15.70 -44.20 -25.14
C THR A 332 15.95 -43.37 -23.88
N ILE A 333 16.39 -42.12 -24.06
CA ILE A 333 16.63 -41.24 -22.92
C ILE A 333 15.30 -40.86 -22.26
N THR A 334 14.34 -40.44 -23.08
CA THR A 334 12.99 -40.14 -22.59
C THR A 334 12.39 -41.36 -21.89
N LYS A 335 12.59 -42.55 -22.43
CA LYS A 335 12.15 -43.77 -21.76
C LYS A 335 12.86 -43.96 -20.42
N LEU A 336 14.17 -43.74 -20.40
CA LEU A 336 14.97 -43.85 -19.18
C LEU A 336 14.50 -42.88 -18.11
N VAL A 337 14.05 -41.70 -18.53
CA VAL A 337 13.60 -40.66 -17.60
C VAL A 337 12.36 -41.11 -16.84
N ARG A 338 11.47 -41.81 -17.52
CA ARG A 338 10.21 -42.27 -16.91
C ARG A 338 10.38 -43.48 -16.00
N GLU A 339 11.38 -44.32 -16.28
CA GLU A 339 11.72 -45.42 -15.36
C GLU A 339 12.38 -44.92 -14.07
N HIS A 340 13.13 -43.83 -14.17
CA HIS A 340 14.03 -43.44 -13.09
C HIS A 340 13.59 -42.21 -12.29
N PHE A 341 12.57 -41.50 -12.77
CA PHE A 341 12.09 -40.30 -12.10
C PHE A 341 10.58 -40.38 -11.99
N ASP A 342 10.06 -39.80 -10.91
CA ASP A 342 8.63 -39.64 -10.72
C ASP A 342 8.29 -38.19 -10.99
N LEU A 343 7.58 -37.93 -12.08
CA LEU A 343 7.25 -36.57 -12.51
C LEU A 343 5.84 -36.15 -12.11
N ARG A 344 5.12 -36.95 -11.35
CA ARG A 344 3.81 -36.55 -10.86
C ARG A 344 4.03 -35.47 -9.80
N PRO A 345 3.11 -34.51 -9.68
CA PRO A 345 3.32 -33.39 -8.77
C PRO A 345 3.79 -33.79 -7.38
N LYS A 346 3.14 -34.78 -6.79
CA LYS A 346 3.49 -35.19 -5.43
C LYS A 346 4.73 -36.12 -5.43
N GLY A 347 4.96 -36.78 -6.55
CA GLY A 347 6.18 -37.56 -6.73
C GLY A 347 7.43 -36.71 -6.73
N ILE A 348 7.38 -35.54 -7.36
CA ILE A 348 8.53 -34.62 -7.42
C ILE A 348 8.92 -34.13 -6.03
N ILE A 349 7.93 -33.76 -5.23
CA ILE A 349 8.11 -33.35 -3.83
C ILE A 349 8.80 -34.43 -2.97
N GLN A 350 8.40 -35.68 -3.12
CA GLN A 350 9.06 -36.80 -2.42
C GLN A 350 10.48 -37.01 -2.96
N MET A 351 10.60 -37.04 -4.28
CA MET A 351 11.88 -37.28 -4.97
C MET A 351 12.93 -36.21 -4.65
N LEU A 352 12.48 -34.97 -4.46
CA LEU A 352 13.38 -33.86 -4.15
C LEU A 352 13.23 -33.33 -2.75
N ASP A 353 12.38 -33.96 -1.93
CA ASP A 353 12.13 -33.55 -0.53
C ASP A 353 11.92 -32.04 -0.43
N LEU A 354 10.89 -31.55 -1.10
CA LEU A 354 10.72 -30.13 -1.30
C LEU A 354 10.04 -29.43 -0.12
N LEU A 355 9.51 -30.19 0.84
CA LEU A 355 8.78 -29.59 1.97
C LEU A 355 9.71 -29.17 3.09
N ARG A 356 10.60 -28.23 2.81
CA ARG A 356 11.54 -27.72 3.78
C ARG A 356 11.68 -26.22 3.51
N PRO A 357 12.01 -25.43 4.53
CA PRO A 357 12.11 -23.99 4.32
C PRO A 357 13.46 -23.65 3.73
N ILE A 358 13.63 -23.91 2.44
CA ILE A 358 14.94 -23.78 1.79
C ILE A 358 14.93 -22.76 0.66
N TYR A 359 13.83 -22.02 0.55
CA TYR A 359 13.57 -21.23 -0.64
C TYR A 359 14.13 -19.82 -0.67
N GLU A 360 14.28 -19.15 0.47
CA GLU A 360 14.87 -17.81 0.42
C GLU A 360 16.23 -17.86 -0.27
N LYS A 361 17.01 -18.90 0.04
CA LYS A 361 18.34 -19.09 -0.55
C LYS A 361 18.29 -19.26 -2.07
N THR A 362 17.19 -19.77 -2.63
CA THR A 362 17.04 -19.86 -4.10
C THR A 362 16.80 -18.53 -4.79
N ALA A 363 16.34 -17.52 -4.03
CA ALA A 363 15.71 -16.32 -4.62
C ALA A 363 16.69 -15.27 -5.12
N ALA A 364 17.98 -15.55 -5.00
CA ALA A 364 18.99 -14.74 -5.67
C ALA A 364 20.14 -15.61 -6.15
N TYR A 365 20.70 -15.23 -7.30
CA TYR A 365 21.90 -15.85 -7.89
C TYR A 365 21.62 -17.14 -8.63
N GLY A 366 20.36 -17.33 -8.98
CA GLY A 366 19.94 -18.41 -9.86
C GLY A 366 19.45 -19.59 -9.05
N HIS A 367 18.31 -20.14 -9.43
CA HIS A 367 17.78 -21.36 -8.77
C HIS A 367 18.54 -22.63 -9.19
N PHE A 368 19.23 -22.55 -10.32
CA PHE A 368 19.96 -23.67 -10.89
C PHE A 368 21.43 -23.33 -11.05
N GLY A 369 22.31 -24.31 -10.75
CA GLY A 369 23.74 -24.17 -11.01
C GLY A 369 24.59 -23.86 -9.79
N ARG A 370 23.97 -23.85 -8.61
CA ARG A 370 24.66 -23.62 -7.36
C ARG A 370 24.50 -24.87 -6.56
N GLU A 371 25.60 -25.54 -6.24
CA GLU A 371 25.54 -26.87 -5.65
C GLU A 371 25.50 -26.81 -4.11
N GLU A 372 24.47 -26.17 -3.57
CA GLU A 372 24.24 -26.08 -2.14
C GLU A 372 23.62 -27.38 -1.65
N PRO A 373 23.93 -27.80 -0.41
CA PRO A 373 23.39 -29.07 0.11
C PRO A 373 21.85 -29.16 0.06
N GLU A 374 21.18 -28.04 0.36
CA GLU A 374 19.72 -27.95 0.34
C GLU A 374 19.11 -28.13 -1.06
N PHE A 375 19.90 -27.89 -2.11
CA PHE A 375 19.37 -27.88 -3.47
C PHE A 375 19.43 -29.29 -4.04
N SER A 376 18.37 -30.02 -3.76
CA SER A 376 18.19 -31.41 -4.13
C SER A 376 18.26 -31.66 -5.64
N TRP A 377 17.73 -30.71 -6.41
CA TRP A 377 17.66 -30.82 -7.87
C TRP A 377 19.05 -30.69 -8.53
N GLU A 378 20.06 -30.30 -7.75
CA GLU A 378 21.44 -30.20 -8.25
C GLU A 378 22.32 -31.44 -7.92
N ALA A 379 21.76 -32.44 -7.23
CA ALA A 379 22.48 -33.68 -6.94
C ALA A 379 22.49 -34.57 -8.16
N ALA A 380 23.65 -35.10 -8.51
CA ALA A 380 23.76 -36.02 -9.63
C ALA A 380 23.62 -37.46 -9.15
N ASP A 381 22.60 -37.74 -8.33
CA ASP A 381 22.52 -39.02 -7.58
C ASP A 381 21.87 -40.18 -8.35
N LYS A 382 21.42 -39.91 -9.56
CA LYS A 382 20.90 -40.96 -10.47
C LYS A 382 21.78 -41.15 -11.73
N ALA A 383 22.84 -40.36 -11.87
CA ALA A 383 23.72 -40.45 -13.03
C ALA A 383 24.33 -41.85 -13.22
N LEU A 384 24.73 -42.46 -12.11
CA LEU A 384 25.34 -43.80 -12.17
C LEU A 384 24.39 -44.84 -12.77
N ALA A 385 23.13 -44.77 -12.35
CA ALA A 385 22.10 -45.67 -12.84
C ALA A 385 21.77 -45.41 -14.31
N LEU A 386 21.69 -44.14 -14.71
CA LEU A 386 21.40 -43.82 -16.11
C LEU A 386 22.57 -44.24 -17.00
N ALA A 387 23.80 -44.00 -16.54
CA ALA A 387 24.99 -44.43 -17.25
C ALA A 387 24.98 -45.95 -17.42
N GLU A 388 24.85 -46.67 -16.31
CA GLU A 388 24.81 -48.14 -16.33
C GLU A 388 23.74 -48.69 -17.28
N ALA A 389 22.59 -48.03 -17.32
CA ALA A 389 21.53 -48.41 -18.24
C ALA A 389 21.96 -48.22 -19.69
N ALA A 390 22.13 -46.96 -20.10
CA ALA A 390 22.43 -46.64 -21.50
C ALA A 390 23.68 -47.34 -22.03
N GLY A 391 24.69 -47.53 -21.19
CA GLY A 391 25.92 -48.25 -21.54
C GLY A 391 27.16 -47.38 -21.60
N VAL A 392 27.23 -46.41 -20.69
CA VAL A 392 28.26 -45.36 -20.69
C VAL A 392 29.16 -45.45 -19.46
N TYR B 9 6.29 -35.84 -31.54
CA TYR B 9 6.14 -35.36 -30.13
C TYR B 9 4.93 -34.44 -29.93
N LEU B 10 4.60 -34.20 -28.66
CA LEU B 10 3.49 -33.36 -28.28
C LEU B 10 4.06 -32.10 -27.67
N PHE B 11 3.67 -30.95 -28.20
CA PHE B 11 4.11 -29.65 -27.67
C PHE B 11 2.91 -28.78 -27.26
N THR B 12 3.04 -28.08 -26.15
CA THR B 12 1.94 -27.37 -25.52
C THR B 12 2.23 -25.89 -25.27
N SER B 13 1.25 -25.03 -25.59
CA SER B 13 1.28 -23.63 -25.21
C SER B 13 0.01 -23.23 -24.47
N GLU B 14 0.01 -22.01 -23.92
CA GLU B 14 -1.11 -21.49 -23.16
C GLU B 14 -1.33 -19.99 -23.40
N SER B 15 -2.58 -19.58 -23.18
CA SER B 15 -2.92 -18.18 -23.13
C SER B 15 -3.99 -17.89 -22.09
N VAL B 16 -4.24 -16.62 -21.85
CA VAL B 16 -5.27 -16.20 -20.93
C VAL B 16 -6.06 -15.04 -21.54
N SER B 17 -7.28 -14.87 -21.09
CA SER B 17 -8.12 -13.82 -21.59
C SER B 17 -7.70 -12.48 -20.98
N GLU B 18 -8.26 -11.41 -21.52
CA GLU B 18 -8.11 -10.09 -20.94
C GLU B 18 -8.61 -10.01 -19.50
N GLY B 19 -9.34 -11.02 -19.05
CA GLY B 19 -9.91 -11.00 -17.71
C GLY B 19 -9.06 -11.64 -16.65
N HIS B 20 -7.99 -12.33 -17.05
CA HIS B 20 -7.06 -12.95 -16.09
C HIS B 20 -6.38 -11.88 -15.23
N PRO B 21 -6.28 -12.11 -13.91
CA PRO B 21 -5.76 -11.05 -13.04
C PRO B 21 -4.42 -10.46 -13.49
N ASP B 22 -3.52 -11.31 -13.98
CA ASP B 22 -2.25 -10.81 -14.49
C ASP B 22 -2.43 -9.88 -15.69
N LYS B 23 -3.32 -10.22 -16.63
CA LYS B 23 -3.61 -9.34 -17.77
C LYS B 23 -4.39 -8.11 -17.39
N VAL B 24 -5.16 -8.18 -16.32
CA VAL B 24 -5.82 -6.97 -15.86
C VAL B 24 -4.72 -5.99 -15.50
N ALA B 25 -3.71 -6.48 -14.81
CA ALA B 25 -2.59 -5.63 -14.42
C ALA B 25 -1.83 -5.08 -15.63
N ASP B 26 -1.57 -5.94 -16.62
CA ASP B 26 -0.83 -5.52 -17.83
C ASP B 26 -1.64 -4.44 -18.54
N GLN B 27 -2.94 -4.68 -18.72
CA GLN B 27 -3.79 -3.71 -19.44
C GLN B 27 -3.94 -2.39 -18.68
N ILE B 28 -4.06 -2.43 -17.34
CA ILE B 28 -4.06 -1.19 -16.57
C ILE B 28 -2.75 -0.44 -16.78
N SER B 29 -1.64 -1.18 -16.65
CA SER B 29 -0.32 -0.59 -16.87
C SER B 29 -0.21 0.11 -18.23
N ASP B 30 -0.77 -0.49 -19.28
CA ASP B 30 -0.66 0.04 -20.66
C ASP B 30 -1.77 1.05 -20.97
N ALA B 31 -2.91 0.97 -20.28
CA ALA B 31 -3.98 1.99 -20.42
C ALA B 31 -3.43 3.31 -19.94
N ILE B 32 -2.73 3.22 -18.81
CA ILE B 32 -2.06 4.35 -18.25
C ILE B 32 -0.98 4.89 -19.19
N LEU B 33 -0.17 4.01 -19.77
CA LEU B 33 0.84 4.43 -20.76
C LEU B 33 0.22 5.21 -21.95
N ASP B 34 -0.80 4.62 -22.59
CA ASP B 34 -1.49 5.31 -23.70
C ASP B 34 -2.05 6.65 -23.29
N ALA B 35 -2.61 6.76 -22.09
CA ALA B 35 -3.16 8.06 -21.63
C ALA B 35 -2.06 9.08 -21.54
N ILE B 36 -0.92 8.68 -20.98
CA ILE B 36 0.24 9.56 -20.91
C ILE B 36 0.74 9.93 -22.30
N LEU B 37 0.85 8.93 -23.16
CA LEU B 37 1.41 9.13 -24.49
C LEU B 37 0.50 9.99 -25.38
N ALA B 38 -0.81 9.95 -25.12
CA ALA B 38 -1.75 10.79 -25.85
C ALA B 38 -1.48 12.28 -25.61
N GLN B 39 -0.96 12.65 -24.43
CA GLN B 39 -0.71 14.05 -24.10
C GLN B 39 0.75 14.42 -24.34
N ASP B 40 1.67 13.54 -23.95
CA ASP B 40 3.11 13.78 -24.08
C ASP B 40 3.82 12.52 -24.55
N LYS B 41 4.01 12.41 -25.86
CA LYS B 41 4.51 11.18 -26.45
C LYS B 41 5.98 10.87 -26.13
N TYR B 42 6.72 11.83 -25.62
CA TYR B 42 8.11 11.60 -25.24
C TYR B 42 8.30 11.14 -23.78
N SER B 43 7.20 11.03 -23.03
CA SER B 43 7.25 10.66 -21.62
C SER B 43 8.06 9.38 -21.34
N ARG B 44 8.75 9.33 -20.21
CA ARG B 44 9.31 8.08 -19.70
C ARG B 44 8.30 7.49 -18.72
N VAL B 45 7.94 6.23 -18.94
CA VAL B 45 6.93 5.54 -18.14
C VAL B 45 7.37 4.12 -17.80
N ALA B 46 7.33 3.79 -16.52
CA ALA B 46 7.58 2.42 -16.07
C ALA B 46 6.46 2.08 -15.13
N ALA B 47 5.26 1.85 -15.67
CA ALA B 47 4.07 1.74 -14.81
C ALA B 47 3.77 0.29 -14.40
N GLU B 48 3.88 0.00 -13.11
CA GLU B 48 3.67 -1.36 -12.59
C GLU B 48 2.33 -1.43 -11.87
N THR B 49 1.62 -2.54 -12.02
CA THR B 49 0.31 -2.69 -11.43
C THR B 49 0.20 -4.01 -10.63
N LEU B 50 -0.37 -3.90 -9.44
CA LEU B 50 -0.78 -5.03 -8.68
C LEU B 50 -2.27 -4.85 -8.38
N CYS B 51 -3.08 -5.88 -8.68
CA CYS B 51 -4.49 -5.82 -8.34
C CYS B 51 -5.00 -7.05 -7.56
N ASN B 52 -5.90 -6.76 -6.62
CA ASN B 52 -6.34 -7.68 -5.60
C ASN B 52 -7.83 -7.58 -5.50
N THR B 53 -8.41 -8.30 -4.54
CA THR B 53 -9.84 -8.26 -4.30
C THR B 53 -10.31 -6.83 -4.07
N GLY B 54 -9.81 -6.16 -3.05
CA GLY B 54 -10.27 -4.79 -2.78
C GLY B 54 -9.27 -3.70 -3.12
N LEU B 55 -8.27 -4.02 -3.94
CA LEU B 55 -7.05 -3.23 -4.00
C LEU B 55 -6.42 -3.15 -5.37
N VAL B 56 -6.08 -1.93 -5.77
CA VAL B 56 -5.22 -1.73 -6.91
C VAL B 56 -4.03 -0.89 -6.47
N VAL B 57 -2.84 -1.34 -6.80
CA VAL B 57 -1.64 -0.60 -6.45
C VAL B 57 -0.98 -0.23 -7.76
N LEU B 58 -0.67 1.05 -7.89
CA LEU B 58 -0.06 1.57 -9.12
C LEU B 58 1.27 2.15 -8.67
N ALA B 59 2.38 1.63 -9.19
CA ALA B 59 3.69 2.03 -8.75
C ALA B 59 4.65 2.10 -9.93
N GLY B 60 5.86 2.58 -9.69
CA GLY B 60 6.87 2.72 -10.72
C GLY B 60 7.18 4.17 -10.97
N GLU B 61 7.83 4.44 -12.09
CA GLU B 61 8.52 5.69 -12.33
C GLU B 61 7.95 6.39 -13.58
N ILE B 62 7.70 7.69 -13.48
CA ILE B 62 7.08 8.43 -14.58
C ILE B 62 7.71 9.81 -14.74
N THR B 63 8.06 10.17 -15.97
CA THR B 63 8.50 11.53 -16.33
C THR B 63 7.63 12.05 -17.48
N THR B 64 6.89 13.13 -17.25
CA THR B 64 5.85 13.59 -18.18
C THR B 64 5.34 14.99 -17.88
N THR B 65 4.76 15.64 -18.89
CA THR B 65 3.99 16.88 -18.71
C THR B 65 2.52 16.59 -18.66
N ALA B 66 2.15 15.34 -18.98
CA ALA B 66 0.75 14.92 -18.98
C ALA B 66 0.18 14.98 -17.57
N ASN B 67 -1.10 15.31 -17.46
CA ASN B 67 -1.86 15.26 -16.21
C ASN B 67 -2.95 14.22 -16.34
N ILE B 68 -2.78 13.13 -15.64
CA ILE B 68 -3.67 12.00 -15.78
C ILE B 68 -4.33 11.73 -14.45
N ASP B 69 -5.60 11.37 -14.48
CA ASP B 69 -6.29 10.84 -13.33
C ASP B 69 -6.11 9.32 -13.38
N TYR B 70 -5.05 8.85 -12.73
CA TYR B 70 -4.64 7.44 -12.81
C TYR B 70 -5.68 6.47 -12.28
N ILE B 71 -6.37 6.86 -11.22
CA ILE B 71 -7.46 6.07 -10.68
C ILE B 71 -8.60 5.89 -11.71
N GLN B 72 -9.02 6.96 -12.37
CA GLN B 72 -10.11 6.84 -13.34
C GLN B 72 -9.73 5.91 -14.49
N ILE B 73 -8.48 6.01 -14.94
CA ILE B 73 -8.02 5.18 -16.04
C ILE B 73 -7.93 3.70 -15.62
N ALA B 74 -7.60 3.42 -14.37
CA ALA B 74 -7.64 2.03 -13.90
C ALA B 74 -9.10 1.54 -13.90
N ARG B 75 -10.01 2.34 -13.33
CA ARG B 75 -11.42 1.96 -13.26
C ARG B 75 -12.04 1.77 -14.65
N ASP B 76 -11.71 2.67 -15.58
CA ASP B 76 -12.21 2.54 -16.94
C ASP B 76 -11.74 1.22 -17.53
N THR B 77 -10.51 0.81 -17.23
CA THR B 77 -9.90 -0.36 -17.85
C THR B 77 -10.54 -1.63 -17.33
N ILE B 78 -10.73 -1.67 -16.00
CA ILE B 78 -11.43 -2.76 -15.32
C ILE B 78 -12.87 -2.85 -15.82
N LYS B 79 -13.46 -1.70 -16.12
CA LYS B 79 -14.84 -1.66 -16.60
C LYS B 79 -14.89 -2.26 -18.00
N ARG B 80 -14.02 -1.81 -18.89
CA ARG B 80 -14.00 -2.30 -20.26
C ARG B 80 -13.76 -3.81 -20.32
N ILE B 81 -12.87 -4.33 -19.48
CA ILE B 81 -12.61 -5.78 -19.41
C ILE B 81 -13.90 -6.51 -19.07
N GLY B 82 -14.72 -5.92 -18.20
CA GLY B 82 -16.04 -6.47 -17.88
C GLY B 82 -16.33 -6.76 -16.40
N TYR B 83 -15.51 -6.29 -15.48
CA TYR B 83 -15.77 -6.55 -14.06
C TYR B 83 -16.56 -5.43 -13.42
N CYS B 95 -12.93 -0.72 -4.97
CA CYS B 95 -11.53 -0.97 -4.63
C CYS B 95 -10.90 0.26 -3.98
N ALA B 96 -10.15 0.05 -2.90
CA ALA B 96 -9.10 1.00 -2.51
C ALA B 96 -8.02 1.03 -3.60
N VAL B 97 -7.56 2.24 -3.94
CA VAL B 97 -6.49 2.41 -4.92
C VAL B 97 -5.30 3.16 -4.32
N LEU B 98 -4.13 2.55 -4.43
CA LEU B 98 -2.92 3.11 -3.87
C LEU B 98 -2.01 3.56 -4.99
N VAL B 99 -1.79 4.85 -5.09
CA VAL B 99 -0.97 5.41 -6.15
C VAL B 99 0.35 5.88 -5.58
N ALA B 100 1.42 5.19 -6.00
CA ALA B 100 2.77 5.43 -5.47
C ALA B 100 3.80 5.62 -6.58
N TYR B 101 3.44 6.29 -7.66
CA TYR B 101 4.40 6.62 -8.71
C TYR B 101 5.44 7.63 -8.23
N ASP B 102 6.69 7.45 -8.65
CA ASP B 102 7.63 8.55 -8.58
C ASP B 102 7.49 9.31 -9.90
N LYS B 103 6.73 10.41 -9.85
CA LYS B 103 6.41 11.19 -11.04
C LYS B 103 7.26 12.47 -11.05
N ASN B 119 20.30 12.64 -33.21
CA ASN B 119 19.63 12.18 -31.99
C ASN B 119 19.67 10.63 -31.84
N LEU B 120 19.99 9.93 -32.93
CA LEU B 120 19.92 8.46 -32.95
C LEU B 120 20.96 7.73 -32.10
N ASP B 121 22.03 8.43 -31.69
CA ASP B 121 23.06 7.83 -30.82
C ASP B 121 22.77 7.93 -29.31
N GLN B 122 21.51 8.15 -28.92
CA GLN B 122 21.13 8.07 -27.51
C GLN B 122 21.37 6.62 -27.02
N GLY B 123 22.10 6.48 -25.92
CA GLY B 123 22.38 5.16 -25.34
C GLY B 123 21.21 4.50 -24.64
N ALA B 124 21.22 3.18 -24.61
CA ALA B 124 20.13 2.42 -23.96
C ALA B 124 19.95 2.82 -22.50
N GLY B 125 18.69 2.89 -22.07
CA GLY B 125 18.34 3.23 -20.70
C GLY B 125 18.58 2.14 -19.66
N ASP B 126 18.95 0.94 -20.11
CA ASP B 126 19.23 -0.18 -19.20
C ASP B 126 19.96 -1.24 -20.02
N GLN B 127 20.57 -2.20 -19.33
CA GLN B 127 21.14 -3.37 -19.99
C GLN B 127 20.03 -4.40 -20.19
N GLY B 128 20.32 -5.44 -20.95
CA GLY B 128 19.41 -6.57 -21.04
C GLY B 128 19.51 -7.30 -22.35
N LEU B 129 18.83 -8.47 -22.41
CA LEU B 129 18.76 -9.29 -23.60
C LEU B 129 17.32 -9.42 -24.07
N MET B 130 17.13 -9.52 -25.40
CA MET B 130 15.81 -9.64 -26.02
C MET B 130 15.85 -10.61 -27.19
N PHE B 131 14.79 -11.40 -27.34
CA PHE B 131 14.69 -12.40 -28.40
C PHE B 131 13.50 -12.08 -29.27
N GLY B 132 13.68 -12.28 -30.58
CA GLY B 132 12.64 -12.17 -31.59
C GLY B 132 12.55 -13.49 -32.33
N TYR B 133 11.36 -13.85 -32.80
CA TYR B 133 11.17 -15.16 -33.43
C TYR B 133 10.09 -15.17 -34.48
N ALA B 134 10.26 -16.04 -35.46
CA ALA B 134 9.26 -16.25 -36.49
C ALA B 134 9.46 -17.60 -37.14
N CYS B 135 8.39 -18.15 -37.69
CA CYS B 135 8.45 -19.43 -38.39
C CYS B 135 7.25 -19.60 -39.30
N ASP B 136 7.35 -20.52 -40.25
CA ASP B 136 6.31 -20.69 -41.28
C ASP B 136 5.11 -21.59 -40.89
N GLU B 137 4.89 -21.82 -39.60
CA GLU B 137 3.80 -22.69 -39.15
C GLU B 137 2.39 -22.11 -39.33
N THR B 138 2.29 -20.79 -39.41
CA THR B 138 1.04 -20.10 -39.66
C THR B 138 1.28 -18.96 -40.66
N PRO B 139 0.22 -18.47 -41.34
CA PRO B 139 0.46 -17.36 -42.28
C PRO B 139 0.95 -16.07 -41.60
N GLU B 140 0.63 -15.91 -40.33
CA GLU B 140 1.15 -14.78 -39.53
C GLU B 140 2.61 -15.00 -39.08
N LEU B 141 3.16 -16.16 -39.43
CA LEU B 141 4.54 -16.54 -39.16
C LEU B 141 4.84 -16.62 -37.66
N MET B 142 3.91 -17.25 -36.94
CA MET B 142 4.03 -17.55 -35.51
C MET B 142 3.97 -19.07 -35.36
N PRO B 143 4.57 -19.60 -34.29
CA PRO B 143 4.42 -21.02 -34.00
C PRO B 143 2.96 -21.31 -33.70
N LEU B 144 2.50 -22.50 -34.08
CA LEU B 144 1.07 -22.82 -34.05
C LEU B 144 0.47 -22.79 -32.65
N PRO B 145 1.06 -23.52 -31.69
CA PRO B 145 0.36 -23.70 -30.41
C PRO B 145 -0.03 -22.40 -29.70
N ILE B 146 0.90 -21.45 -29.59
CA ILE B 146 0.57 -20.17 -28.97
C ILE B 146 -0.49 -19.38 -29.80
N HIS B 147 -0.39 -19.43 -31.12
CA HIS B 147 -1.34 -18.75 -31.99
C HIS B 147 -2.78 -19.24 -31.76
N LEU B 148 -2.94 -20.56 -31.70
CA LEU B 148 -4.25 -21.17 -31.41
C LEU B 148 -4.75 -20.86 -29.99
N SER B 149 -3.82 -20.86 -29.03
CA SER B 149 -4.16 -20.53 -27.64
C SER B 149 -4.71 -19.10 -27.51
N HIS B 150 -4.05 -18.14 -28.16
CA HIS B 150 -4.56 -16.76 -28.17
C HIS B 150 -5.94 -16.66 -28.81
N ARG B 151 -6.11 -17.36 -29.93
CA ARG B 151 -7.36 -17.34 -30.68
C ARG B 151 -8.49 -17.94 -29.88
N LEU B 152 -8.20 -18.98 -29.11
CA LEU B 152 -9.25 -19.61 -28.31
C LEU B 152 -9.78 -18.64 -27.27
N VAL B 153 -8.91 -17.95 -26.54
CA VAL B 153 -9.37 -16.99 -25.55
C VAL B 153 -9.97 -15.74 -26.19
N GLU B 154 -9.44 -15.30 -27.33
CA GLU B 154 -10.04 -14.16 -28.06
C GLU B 154 -11.50 -14.47 -28.46
N ARG B 155 -11.69 -15.68 -28.97
CA ARG B 155 -12.99 -16.18 -29.35
C ARG B 155 -13.96 -16.14 -28.17
N GLN B 156 -13.53 -16.57 -26.98
CA GLN B 156 -14.47 -16.57 -25.85
C GLN B 156 -14.82 -15.15 -25.41
N ALA B 157 -13.88 -14.21 -25.54
CA ALA B 157 -14.17 -12.82 -25.26
C ALA B 157 -15.15 -12.24 -26.30
N ASN B 158 -14.95 -12.59 -27.57
CA ASN B 158 -15.87 -12.15 -28.64
C ASN B 158 -17.30 -12.61 -28.37
N LEU B 159 -17.47 -13.91 -28.13
CA LEU B 159 -18.78 -14.47 -27.80
C LEU B 159 -19.39 -13.92 -26.49
N ARG B 160 -18.55 -13.52 -25.55
CA ARG B 160 -19.03 -12.81 -24.37
C ARG B 160 -19.61 -11.46 -24.76
N ARG B 161 -18.81 -10.66 -25.46
CA ARG B 161 -19.13 -9.26 -25.69
C ARG B 161 -20.21 -9.03 -26.70
N ASP B 162 -20.44 -9.96 -27.63
CA ASP B 162 -21.54 -9.83 -28.56
C ASP B 162 -22.82 -10.54 -28.10
N GLY B 163 -22.78 -11.08 -26.87
CA GLY B 163 -23.96 -11.66 -26.25
C GLY B 163 -24.44 -12.98 -26.83
N ARG B 164 -23.61 -13.67 -27.61
CA ARG B 164 -23.95 -14.99 -28.09
C ARG B 164 -23.93 -16.02 -26.96
N LEU B 165 -22.94 -15.93 -26.09
CA LEU B 165 -22.90 -16.67 -24.84
C LEU B 165 -22.85 -15.66 -23.68
N PRO B 166 -24.02 -15.13 -23.28
CA PRO B 166 -24.05 -14.03 -22.30
C PRO B 166 -23.74 -14.45 -20.88
N TRP B 167 -23.71 -15.76 -20.61
CA TRP B 167 -23.31 -16.31 -19.31
C TRP B 167 -21.80 -16.41 -19.14
N LEU B 168 -21.03 -16.18 -20.20
CA LEU B 168 -19.59 -16.12 -20.08
C LEU B 168 -19.23 -14.95 -19.19
N ARG B 169 -18.07 -15.01 -18.51
CA ARG B 169 -17.56 -13.89 -17.73
CA ARG B 169 -17.57 -13.88 -17.74
C ARG B 169 -16.12 -13.64 -18.17
N PRO B 170 -15.48 -12.55 -17.68
CA PRO B 170 -14.18 -12.19 -18.26
C PRO B 170 -13.00 -13.18 -18.20
N ASP B 171 -12.74 -13.82 -17.06
CA ASP B 171 -11.53 -14.62 -16.87
C ASP B 171 -11.60 -15.93 -17.63
N ALA B 172 -10.57 -16.21 -18.43
CA ALA B 172 -10.48 -17.50 -19.17
C ALA B 172 -9.04 -17.93 -19.46
N LYS B 173 -8.87 -19.23 -19.67
CA LYS B 173 -7.56 -19.84 -19.85
C LYS B 173 -7.63 -20.91 -20.94
N SER B 174 -6.65 -20.91 -21.84
CA SER B 174 -6.61 -21.94 -22.85
C SER B 174 -5.25 -22.63 -22.83
N GLN B 175 -5.25 -23.92 -23.16
CA GLN B 175 -4.03 -24.70 -23.36
C GLN B 175 -4.23 -25.57 -24.60
N VAL B 176 -3.28 -25.50 -25.54
CA VAL B 176 -3.37 -26.27 -26.77
C VAL B 176 -2.12 -27.13 -26.92
N THR B 177 -2.33 -28.44 -27.03
CA THR B 177 -1.25 -29.39 -27.24
C THR B 177 -1.29 -29.89 -28.68
N VAL B 178 -0.22 -29.63 -29.42
CA VAL B 178 -0.14 -30.00 -30.83
C VAL B 178 0.86 -31.13 -31.08
N ARG B 179 0.43 -32.11 -31.87
CA ARG B 179 1.29 -33.23 -32.24
C ARG B 179 2.15 -32.83 -33.44
N TYR B 180 3.47 -32.98 -33.31
CA TYR B 180 4.36 -32.76 -34.44
C TYR B 180 4.91 -34.09 -34.97
N VAL B 181 4.88 -34.25 -36.29
CA VAL B 181 5.53 -35.37 -36.96
C VAL B 181 6.29 -34.78 -38.13
N ASP B 182 7.50 -35.28 -38.38
CA ASP B 182 8.37 -34.72 -39.44
C ASP B 182 8.77 -33.27 -39.07
N GLY B 183 8.73 -32.93 -37.78
CA GLY B 183 8.96 -31.53 -37.35
C GLY B 183 7.94 -30.51 -37.84
N LYS B 184 6.73 -30.98 -38.12
CA LYS B 184 5.64 -30.15 -38.65
C LYS B 184 4.32 -30.54 -37.99
N PRO B 185 3.40 -29.59 -37.78
CA PRO B 185 2.15 -29.94 -37.10
C PRO B 185 1.33 -30.99 -37.84
N HIS B 186 0.85 -31.98 -37.09
CA HIS B 186 0.13 -33.12 -37.63
C HIS B 186 -1.33 -33.14 -37.21
N SER B 187 -1.58 -32.86 -35.93
CA SER B 187 -2.92 -32.89 -35.37
C SER B 187 -2.94 -32.13 -34.05
N ILE B 188 -4.13 -31.96 -33.49
CA ILE B 188 -4.28 -31.32 -32.19
C ILE B 188 -4.69 -32.38 -31.18
N ASP B 189 -3.80 -32.68 -30.24
CA ASP B 189 -4.02 -33.79 -29.30
C ASP B 189 -5.10 -33.40 -28.31
N THR B 190 -4.82 -32.35 -27.55
CA THR B 190 -5.74 -31.87 -26.51
C THR B 190 -5.86 -30.36 -26.52
N VAL B 191 -7.10 -29.90 -26.40
CA VAL B 191 -7.37 -28.51 -26.10
C VAL B 191 -8.04 -28.46 -24.73
N VAL B 192 -7.48 -27.65 -23.84
CA VAL B 192 -8.10 -27.35 -22.54
C VAL B 192 -8.54 -25.89 -22.53
N LEU B 193 -9.79 -25.65 -22.16
CA LEU B 193 -10.33 -24.30 -22.01
C LEU B 193 -11.17 -24.17 -20.75
N SER B 194 -10.71 -23.34 -19.82
CA SER B 194 -11.48 -23.03 -18.61
C SER B 194 -11.98 -21.62 -18.74
N THR B 195 -13.26 -21.40 -18.46
CA THR B 195 -13.82 -20.08 -18.51
C THR B 195 -14.65 -19.80 -17.28
N GLN B 196 -14.55 -18.56 -16.79
CA GLN B 196 -15.44 -18.05 -15.77
C GLN B 196 -16.83 -17.96 -16.36
N HIS B 197 -17.85 -18.01 -15.51
CA HIS B 197 -19.24 -18.01 -15.96
C HIS B 197 -20.21 -17.60 -14.87
N ALA B 198 -21.40 -17.16 -15.29
CA ALA B 198 -22.50 -16.88 -14.36
C ALA B 198 -22.92 -18.14 -13.62
N PRO B 199 -23.40 -17.99 -12.38
CA PRO B 199 -23.81 -19.16 -11.56
C PRO B 199 -25.02 -19.91 -12.09
N GLU B 200 -25.87 -19.24 -12.88
CA GLU B 200 -27.12 -19.83 -13.37
C GLU B 200 -26.95 -21.03 -14.32
N ILE B 201 -25.79 -21.16 -14.97
CA ILE B 201 -25.58 -22.25 -15.94
C ILE B 201 -24.95 -23.50 -15.30
N ASP B 202 -25.38 -24.67 -15.78
CA ASP B 202 -24.77 -25.93 -15.35
C ASP B 202 -23.58 -26.32 -16.26
N LEU B 203 -22.62 -27.02 -15.66
CA LEU B 203 -21.41 -27.48 -16.36
C LEU B 203 -21.68 -28.25 -17.66
N PRO B 204 -22.41 -29.38 -17.59
CA PRO B 204 -22.76 -30.12 -18.79
C PRO B 204 -23.07 -29.25 -20.01
N ALA B 205 -23.95 -28.26 -19.84
CA ALA B 205 -24.33 -27.37 -20.92
C ALA B 205 -23.22 -26.38 -21.26
N LEU B 206 -22.49 -25.93 -20.23
CA LEU B 206 -21.34 -25.06 -20.43
C LEU B 206 -20.28 -25.74 -21.30
N ARG B 207 -19.92 -26.97 -20.93
CA ARG B 207 -18.86 -27.69 -21.62
C ARG B 207 -19.23 -27.96 -23.08
N GLU B 208 -20.50 -28.26 -23.32
CA GLU B 208 -20.99 -28.53 -24.68
C GLU B 208 -20.95 -27.25 -25.50
N ALA B 209 -21.42 -26.16 -24.90
CA ALA B 209 -21.39 -24.86 -25.56
C ALA B 209 -19.96 -24.41 -25.91
N VAL B 210 -19.00 -24.61 -25.01
CA VAL B 210 -17.62 -24.17 -25.27
C VAL B 210 -16.93 -24.99 -26.37
N ILE B 211 -17.13 -26.30 -26.35
CA ILE B 211 -16.59 -27.18 -27.38
C ILE B 211 -17.14 -26.82 -28.75
N GLU B 212 -18.46 -26.66 -28.84
CA GLU B 212 -19.11 -26.37 -30.11
C GLU B 212 -18.92 -24.93 -30.62
N GLU B 213 -18.86 -23.98 -29.71
CA GLU B 213 -18.88 -22.57 -30.09
C GLU B 213 -17.54 -21.85 -29.96
N VAL B 214 -16.70 -22.28 -29.02
CA VAL B 214 -15.39 -21.67 -28.81
C VAL B 214 -14.26 -22.46 -29.45
N ILE B 215 -14.20 -23.76 -29.14
CA ILE B 215 -13.07 -24.58 -29.53
C ILE B 215 -13.14 -24.98 -31.00
N LYS B 216 -14.19 -25.70 -31.39
CA LYS B 216 -14.27 -26.27 -32.75
C LYS B 216 -14.09 -25.27 -33.90
N PRO B 217 -14.73 -24.09 -33.82
CA PRO B 217 -14.61 -23.11 -34.90
C PRO B 217 -13.24 -22.45 -35.05
N THR B 218 -12.45 -22.51 -33.99
CA THR B 218 -11.13 -21.88 -33.97
C THR B 218 -10.02 -22.83 -34.44
N LEU B 219 -10.32 -24.13 -34.45
CA LEU B 219 -9.32 -25.11 -34.83
C LEU B 219 -9.33 -25.31 -36.34
N PRO B 220 -8.14 -25.35 -36.97
CA PRO B 220 -8.14 -25.56 -38.41
C PRO B 220 -8.51 -27.00 -38.72
N ALA B 221 -9.46 -27.19 -39.63
CA ALA B 221 -10.07 -28.50 -39.88
C ALA B 221 -9.05 -29.56 -40.33
N ASP B 222 -8.01 -29.13 -41.04
CA ASP B 222 -6.93 -30.02 -41.49
C ASP B 222 -6.20 -30.73 -40.33
N LEU B 223 -6.26 -30.17 -39.12
CA LEU B 223 -5.55 -30.70 -37.94
C LEU B 223 -6.45 -31.47 -36.97
N ILE B 224 -7.75 -31.56 -37.28
CA ILE B 224 -8.74 -32.14 -36.35
C ILE B 224 -8.99 -33.61 -36.69
N LYS B 225 -8.61 -34.50 -35.77
CA LYS B 225 -8.67 -35.94 -36.02
C LYS B 225 -9.33 -36.73 -34.88
N GLY B 226 -9.52 -38.03 -35.10
CA GLY B 226 -10.27 -38.89 -34.19
C GLY B 226 -9.79 -38.92 -32.75
N ASP B 227 -8.49 -38.73 -32.54
CA ASP B 227 -7.89 -38.76 -31.20
C ASP B 227 -7.82 -37.37 -30.50
N ILE B 228 -8.79 -36.50 -30.77
CA ILE B 228 -8.78 -35.15 -30.17
C ILE B 228 -9.57 -35.12 -28.86
N LYS B 229 -8.92 -34.67 -27.78
CA LYS B 229 -9.52 -34.59 -26.44
C LYS B 229 -9.88 -33.14 -26.06
N PHE B 230 -11.15 -32.92 -25.74
CA PHE B 230 -11.62 -31.62 -25.24
C PHE B 230 -11.87 -31.66 -23.72
N LEU B 231 -11.08 -30.89 -22.98
CA LEU B 231 -11.33 -30.71 -21.55
C LEU B 231 -11.80 -29.27 -21.35
N VAL B 232 -13.08 -29.10 -21.00
CA VAL B 232 -13.59 -27.78 -20.66
C VAL B 232 -13.92 -27.73 -19.17
N ASN B 233 -13.44 -26.67 -18.51
CA ASN B 233 -13.54 -26.49 -17.05
C ASN B 233 -13.22 -27.76 -16.25
N PRO B 234 -11.99 -28.25 -16.32
CA PRO B 234 -11.66 -29.52 -15.65
C PRO B 234 -11.87 -29.52 -14.14
N THR B 235 -11.65 -28.37 -13.49
CA THR B 235 -11.85 -28.25 -12.05
C THR B 235 -13.23 -27.66 -11.64
N GLY B 236 -14.23 -27.80 -12.51
CA GLY B 236 -15.61 -27.52 -12.15
C GLY B 236 -15.99 -26.06 -12.21
N ARG B 237 -16.87 -25.66 -11.29
CA ARG B 237 -17.48 -24.33 -11.34
C ARG B 237 -16.44 -23.25 -11.20
N PHE B 238 -16.62 -22.19 -11.98
CA PHE B 238 -15.67 -21.10 -12.09
C PHE B 238 -16.51 -19.83 -12.12
N VAL B 239 -17.00 -19.45 -10.95
CA VAL B 239 -17.90 -18.31 -10.83
C VAL B 239 -17.16 -17.03 -10.47
N ILE B 240 -16.17 -17.15 -9.57
CA ILE B 240 -15.38 -16.01 -9.14
C ILE B 240 -14.10 -16.02 -9.95
N GLY B 241 -13.78 -14.89 -10.59
CA GLY B 241 -12.61 -14.79 -11.45
C GLY B 241 -11.99 -13.42 -11.33
N GLY B 242 -10.92 -13.20 -12.08
CA GLY B 242 -10.22 -11.91 -12.05
C GLY B 242 -9.53 -11.62 -10.74
N PRO B 243 -9.20 -10.34 -10.49
CA PRO B 243 -8.59 -9.89 -9.24
C PRO B 243 -9.33 -10.36 -7.96
N GLN B 244 -10.66 -10.39 -8.02
CA GLN B 244 -11.46 -10.83 -6.88
C GLN B 244 -11.16 -12.28 -6.41
N GLY B 245 -10.65 -13.11 -7.33
CA GLY B 245 -10.34 -14.51 -7.02
C GLY B 245 -8.86 -14.79 -6.79
N ASP B 246 -8.00 -13.87 -7.25
CA ASP B 246 -6.57 -14.14 -7.34
C ASP B 246 -5.77 -12.88 -7.70
N CYS B 247 -4.69 -12.65 -6.95
CA CYS B 247 -3.82 -11.50 -7.15
C CYS B 247 -3.15 -11.47 -8.52
N GLY B 248 -3.14 -10.31 -9.15
CA GLY B 248 -2.53 -10.16 -10.48
C GLY B 248 -1.46 -9.09 -10.50
N LEU B 249 -0.41 -9.34 -11.27
CA LEU B 249 0.76 -8.43 -11.35
C LEU B 249 1.14 -8.16 -12.81
N THR B 250 1.65 -6.97 -13.06
CA THR B 250 2.21 -6.64 -14.36
C THR B 250 3.45 -7.49 -14.62
N GLY B 251 3.57 -7.95 -15.85
CA GLY B 251 4.75 -8.63 -16.31
C GLY B 251 4.88 -10.06 -15.88
N ARG B 252 3.78 -10.74 -15.61
CA ARG B 252 3.82 -12.11 -15.15
C ARG B 252 3.23 -13.06 -16.18
N LYS B 253 3.01 -12.56 -17.39
CA LYS B 253 2.56 -13.40 -18.47
C LYS B 253 3.46 -13.17 -19.69
N ILE B 254 4.77 -13.13 -19.45
CA ILE B 254 5.69 -12.69 -20.50
C ILE B 254 5.87 -13.73 -21.58
N ILE B 255 5.67 -15.01 -21.22
CA ILE B 255 5.69 -16.09 -22.21
C ILE B 255 4.38 -16.17 -23.01
N VAL B 256 3.24 -16.05 -22.35
CA VAL B 256 1.98 -15.86 -23.06
C VAL B 256 2.05 -14.64 -24.01
N ASP B 257 2.71 -13.57 -23.59
CA ASP B 257 2.83 -12.35 -24.41
C ASP B 257 3.66 -12.56 -25.68
N THR B 258 4.49 -13.59 -25.74
CA THR B 258 5.49 -13.66 -26.79
C THR B 258 5.27 -14.91 -27.62
N TYR B 259 6.03 -15.98 -27.35
CA TYR B 259 5.98 -17.15 -28.24
C TYR B 259 5.48 -18.43 -27.58
N GLY B 260 4.98 -18.34 -26.37
CA GLY B 260 4.36 -19.48 -25.70
C GLY B 260 5.24 -20.70 -25.51
N GLY B 261 6.55 -20.51 -25.41
CA GLY B 261 7.42 -21.66 -25.14
C GLY B 261 8.19 -22.17 -26.35
N ALA B 262 7.86 -21.64 -27.54
CA ALA B 262 8.58 -22.00 -28.77
C ALA B 262 9.93 -21.26 -28.92
N ALA B 263 10.18 -20.24 -28.12
CA ALA B 263 11.46 -19.50 -28.18
C ALA B 263 11.92 -19.15 -26.77
N PRO B 264 13.23 -19.01 -26.58
CA PRO B 264 13.74 -18.40 -25.36
C PRO B 264 13.29 -16.95 -25.21
N HIS B 265 13.43 -16.44 -23.99
CA HIS B 265 12.99 -15.09 -23.65
C HIS B 265 14.10 -14.41 -22.86
N GLY B 266 14.23 -13.11 -23.04
CA GLY B 266 15.26 -12.34 -22.35
C GLY B 266 14.93 -11.96 -20.91
N GLY B 267 13.64 -12.04 -20.56
CA GLY B 267 13.18 -11.76 -19.21
C GLY B 267 12.36 -10.51 -19.01
N GLY B 268 12.47 -9.56 -19.92
CA GLY B 268 11.82 -8.27 -19.75
C GLY B 268 10.32 -8.27 -20.03
N ALA B 269 9.57 -7.72 -19.09
CA ALA B 269 8.16 -7.46 -19.27
C ALA B 269 7.95 -6.30 -20.27
N PHE B 270 6.78 -6.30 -20.93
CA PHE B 270 6.43 -5.22 -21.88
C PHE B 270 5.51 -4.12 -21.32
N SER B 271 4.48 -4.52 -20.59
CA SER B 271 3.40 -3.58 -20.29
C SER B 271 3.83 -2.55 -19.23
N GLY B 272 3.38 -1.31 -19.43
CA GLY B 272 3.72 -0.21 -18.55
C GLY B 272 4.98 0.54 -18.97
N LYS B 273 5.64 0.07 -20.02
CA LYS B 273 6.93 0.62 -20.41
C LYS B 273 6.81 1.37 -21.71
N ASP B 274 7.26 2.61 -21.72
CA ASP B 274 7.29 3.41 -22.94
C ASP B 274 8.36 2.83 -23.88
N PRO B 275 8.35 3.25 -25.15
CA PRO B 275 9.18 2.62 -26.15
C PRO B 275 10.65 2.98 -26.09
N SER B 276 11.07 3.81 -25.13
CA SER B 276 12.48 4.02 -24.88
C SER B 276 13.11 2.86 -24.08
N LYS B 277 12.28 2.00 -23.45
CA LYS B 277 12.78 0.82 -22.72
C LYS B 277 13.06 -0.29 -23.71
N VAL B 278 14.31 -0.66 -23.86
CA VAL B 278 14.68 -1.70 -24.82
C VAL B 278 13.94 -3.03 -24.58
N ASP B 279 13.59 -3.30 -23.32
CA ASP B 279 12.82 -4.53 -23.00
C ASP B 279 11.67 -4.75 -23.95
N ARG B 280 11.02 -3.65 -24.32
CA ARG B 280 9.87 -3.68 -25.20
C ARG B 280 10.32 -3.40 -26.63
N SER B 281 10.96 -2.25 -26.85
CA SER B 281 11.35 -1.84 -28.22
C SER B 281 12.22 -2.85 -28.97
N ALA B 282 13.17 -3.47 -28.27
CA ALA B 282 14.10 -4.46 -28.86
C ALA B 282 13.44 -5.81 -29.13
N ALA B 283 12.53 -6.23 -28.27
CA ALA B 283 11.75 -7.44 -28.53
C ALA B 283 10.82 -7.23 -29.74
N TYR B 284 10.22 -6.05 -29.85
CA TYR B 284 9.36 -5.73 -30.96
C TYR B 284 10.19 -5.69 -32.25
N ALA B 285 11.35 -5.06 -32.20
CA ALA B 285 12.26 -5.04 -33.36
C ALA B 285 12.72 -6.47 -33.67
N GLY B 286 12.94 -7.27 -32.65
CA GLY B 286 13.33 -8.65 -32.87
C GLY B 286 12.29 -9.38 -33.71
N ARG B 287 11.02 -9.19 -33.35
CA ARG B 287 9.91 -9.83 -34.06
C ARG B 287 9.89 -9.36 -35.51
N TYR B 288 9.96 -8.03 -35.69
CA TYR B 288 10.06 -7.39 -37.02
C TYR B 288 11.15 -8.06 -37.86
N VAL B 289 12.34 -8.16 -37.28
CA VAL B 289 13.49 -8.70 -37.98
C VAL B 289 13.21 -10.15 -38.34
N ALA B 290 12.94 -10.98 -37.34
CA ALA B 290 12.67 -12.42 -37.52
C ALA B 290 11.57 -12.68 -38.54
N LYS B 291 10.47 -11.94 -38.43
CA LYS B 291 9.35 -12.11 -39.36
C LYS B 291 9.78 -11.76 -40.79
N ASN B 292 10.51 -10.67 -40.95
CA ASN B 292 11.02 -10.28 -42.27
C ASN B 292 12.05 -11.25 -42.86
N ILE B 293 12.85 -11.91 -42.01
CA ILE B 293 13.79 -12.90 -42.49
C ILE B 293 13.04 -14.09 -43.11
N VAL B 294 11.96 -14.51 -42.45
CA VAL B 294 11.19 -15.66 -42.91
C VAL B 294 10.32 -15.32 -44.11
N ALA B 295 9.69 -14.14 -44.08
CA ALA B 295 8.87 -13.71 -45.21
C ALA B 295 9.74 -13.39 -46.43
N ALA B 296 11.01 -13.06 -46.19
CA ALA B 296 11.98 -12.85 -47.26
C ALA B 296 12.33 -14.14 -48.00
N GLY B 297 12.12 -15.28 -47.34
CA GLY B 297 12.49 -16.57 -47.90
C GLY B 297 13.91 -16.97 -47.53
N LEU B 298 14.50 -16.27 -46.56
CA LEU B 298 15.87 -16.58 -46.13
C LEU B 298 15.89 -17.84 -45.26
N ALA B 299 14.78 -18.12 -44.59
CA ALA B 299 14.69 -19.22 -43.67
C ALA B 299 13.24 -19.58 -43.47
N SER B 300 13.01 -20.77 -42.94
CA SER B 300 11.67 -21.21 -42.57
C SER B 300 11.45 -20.90 -41.09
N ARG B 301 12.53 -20.81 -40.32
CA ARG B 301 12.46 -20.19 -39.00
C ARG B 301 13.69 -19.38 -38.61
N ALA B 302 13.47 -18.38 -37.76
CA ALA B 302 14.54 -17.43 -37.42
C ALA B 302 14.39 -16.92 -35.98
N LEU B 303 15.46 -17.10 -35.22
CA LEU B 303 15.53 -16.61 -33.85
C LEU B 303 16.64 -15.60 -33.82
N ILE B 304 16.35 -14.41 -33.28
CA ILE B 304 17.32 -13.35 -33.15
C ILE B 304 17.45 -13.00 -31.68
N GLN B 305 18.68 -12.99 -31.16
CA GLN B 305 18.95 -12.41 -29.86
C GLN B 305 19.61 -11.06 -30.08
N VAL B 306 19.16 -10.05 -29.36
CA VAL B 306 19.86 -8.78 -29.24
C VAL B 306 20.13 -8.51 -27.73
N SER B 307 21.13 -7.69 -27.44
CA SER B 307 21.41 -7.24 -26.08
C SER B 307 21.99 -5.84 -26.07
N TYR B 308 21.88 -5.17 -24.92
CA TYR B 308 22.26 -3.77 -24.76
C TYR B 308 23.03 -3.54 -23.46
N ALA B 309 23.93 -2.58 -23.49
CA ALA B 309 24.58 -2.05 -22.30
C ALA B 309 24.00 -0.67 -22.05
N ILE B 310 23.77 -0.36 -20.77
CA ILE B 310 23.27 0.95 -20.38
C ILE B 310 24.22 2.04 -20.90
N GLY B 311 23.65 3.04 -21.58
CA GLY B 311 24.39 4.21 -22.05
C GLY B 311 25.17 3.99 -23.32
N VAL B 312 24.88 2.89 -24.01
CA VAL B 312 25.54 2.56 -25.26
C VAL B 312 24.44 2.28 -26.27
N ALA B 313 24.53 2.95 -27.43
CA ALA B 313 23.49 2.94 -28.44
C ALA B 313 23.47 1.64 -29.23
N GLU B 314 24.62 1.22 -29.71
CA GLU B 314 24.72 0.00 -30.50
C GLU B 314 24.62 -1.20 -29.58
N PRO B 315 23.88 -2.24 -29.99
CA PRO B 315 23.76 -3.45 -29.23
C PRO B 315 25.12 -4.02 -28.87
N THR B 316 25.27 -4.45 -27.62
CA THR B 316 26.48 -5.19 -27.22
C THR B 316 26.61 -6.52 -28.01
N SER B 317 25.49 -7.10 -28.43
CA SER B 317 25.55 -8.31 -29.26
C SER B 317 24.31 -8.43 -30.09
N VAL B 318 24.45 -9.11 -31.23
CA VAL B 318 23.35 -9.52 -32.07
C VAL B 318 23.69 -10.90 -32.62
N MET B 319 22.72 -11.81 -32.60
CA MET B 319 22.89 -13.10 -33.27
C MET B 319 21.60 -13.64 -33.86
N VAL B 320 21.72 -14.35 -34.98
CA VAL B 320 20.61 -14.98 -35.65
C VAL B 320 20.84 -16.50 -35.68
N ASN B 321 19.81 -17.25 -35.31
CA ASN B 321 19.84 -18.72 -35.45
C ASN B 321 18.67 -19.12 -36.34
N THR B 322 18.94 -19.84 -37.43
CA THR B 322 17.88 -20.28 -38.34
C THR B 322 17.67 -21.78 -38.27
N PHE B 323 18.27 -22.42 -37.27
CA PHE B 323 18.04 -23.83 -36.97
C PHE B 323 18.27 -24.73 -38.17
N GLY B 324 19.36 -24.47 -38.88
CA GLY B 324 19.67 -25.19 -40.10
C GLY B 324 18.79 -24.91 -41.31
N THR B 325 17.86 -23.94 -41.24
CA THR B 325 16.95 -23.72 -42.40
C THR B 325 17.34 -22.55 -43.34
N GLY B 326 18.41 -21.83 -43.00
CA GLY B 326 18.85 -20.70 -43.78
C GLY B 326 19.44 -21.06 -45.13
N ARG B 327 19.15 -20.21 -46.12
CA ARG B 327 19.67 -20.33 -47.47
C ARG B 327 20.99 -19.60 -47.62
N VAL B 328 21.31 -18.74 -46.64
CA VAL B 328 22.63 -18.16 -46.51
C VAL B 328 23.06 -18.28 -45.05
N SER B 329 24.36 -18.26 -44.81
CA SER B 329 24.89 -18.54 -43.46
C SER B 329 24.26 -17.62 -42.43
N ASP B 330 24.04 -18.14 -41.22
CA ASP B 330 23.44 -17.36 -40.12
C ASP B 330 24.23 -16.07 -39.85
N GLU B 331 25.54 -16.15 -39.99
CA GLU B 331 26.39 -14.98 -39.76
C GLU B 331 26.20 -13.92 -40.84
N THR B 332 25.96 -14.36 -42.08
CA THR B 332 25.67 -13.43 -43.18
C THR B 332 24.29 -12.78 -42.99
N ILE B 333 23.32 -13.56 -42.52
CA ILE B 333 22.00 -13.03 -42.18
C ILE B 333 22.16 -12.01 -41.06
N THR B 334 22.94 -12.35 -40.03
CA THR B 334 23.24 -11.43 -38.95
C THR B 334 23.81 -10.13 -39.50
N LYS B 335 24.74 -10.23 -40.44
CA LYS B 335 25.33 -9.05 -41.07
C LYS B 335 24.30 -8.22 -41.84
N LEU B 336 23.45 -8.90 -42.60
CA LEU B 336 22.36 -8.23 -43.32
C LEU B 336 21.41 -7.50 -42.39
N VAL B 337 21.13 -8.10 -41.24
CA VAL B 337 20.27 -7.49 -40.23
C VAL B 337 20.81 -6.12 -39.85
N ARG B 338 22.12 -6.02 -39.64
CA ARG B 338 22.74 -4.75 -39.26
C ARG B 338 22.58 -3.69 -40.35
N GLU B 339 22.73 -4.09 -41.61
CA GLU B 339 22.63 -3.17 -42.74
C GLU B 339 21.20 -2.69 -42.98
N HIS B 340 20.22 -3.52 -42.69
CA HIS B 340 18.82 -3.23 -43.03
C HIS B 340 17.91 -2.72 -41.90
N PHE B 341 18.33 -2.92 -40.65
CA PHE B 341 17.56 -2.46 -39.50
C PHE B 341 18.41 -1.57 -38.60
N ASP B 342 17.84 -0.53 -38.02
CA ASP B 342 18.56 0.27 -37.02
C ASP B 342 18.19 -0.23 -35.61
N LEU B 343 19.12 -0.96 -34.98
CA LEU B 343 18.84 -1.58 -33.67
C LEU B 343 19.19 -0.69 -32.46
N ARG B 344 19.66 0.53 -32.71
CA ARG B 344 19.87 1.48 -31.63
C ARG B 344 18.50 1.86 -31.09
N PRO B 345 18.38 2.11 -29.77
CA PRO B 345 17.07 2.38 -29.15
C PRO B 345 16.21 3.42 -29.88
N LYS B 346 16.72 4.63 -30.06
CA LYS B 346 15.95 5.67 -30.76
C LYS B 346 15.83 5.36 -32.24
N GLY B 347 16.75 4.53 -32.75
CA GLY B 347 16.66 4.01 -34.10
C GLY B 347 15.41 3.15 -34.28
N ILE B 348 15.10 2.33 -33.28
CA ILE B 348 13.97 1.41 -33.37
C ILE B 348 12.63 2.15 -33.25
N ILE B 349 12.61 3.17 -32.41
CA ILE B 349 11.42 4.02 -32.30
C ILE B 349 11.08 4.62 -33.67
N GLN B 350 12.10 5.14 -34.34
CA GLN B 350 11.89 5.79 -35.64
C GLN B 350 11.51 4.74 -36.68
N MET B 351 12.04 3.53 -36.53
CA MET B 351 11.82 2.45 -37.51
C MET B 351 10.40 1.88 -37.47
N LEU B 352 9.86 1.73 -36.26
CA LEU B 352 8.50 1.21 -36.05
C LEU B 352 7.50 2.29 -35.61
N ASP B 353 7.90 3.57 -35.64
CA ASP B 353 7.01 4.69 -35.30
C ASP B 353 6.28 4.44 -33.99
N LEU B 354 7.04 4.28 -32.92
CA LEU B 354 6.48 3.77 -31.65
C LEU B 354 5.86 4.81 -30.72
N LEU B 355 6.00 6.11 -31.02
CA LEU B 355 5.48 7.15 -30.11
C LEU B 355 4.00 7.39 -30.39
N ARG B 356 3.20 6.37 -30.09
CA ARG B 356 1.77 6.37 -30.35
C ARG B 356 1.06 5.60 -29.23
N PRO B 357 -0.14 6.04 -28.84
CA PRO B 357 -0.83 5.36 -27.74
C PRO B 357 -1.52 4.11 -28.27
N ILE B 358 -0.75 3.06 -28.50
CA ILE B 358 -1.25 1.86 -29.16
C ILE B 358 -1.10 0.62 -28.30
N TYR B 359 -0.70 0.79 -27.03
CA TYR B 359 -0.18 -0.32 -26.25
C TYR B 359 -1.20 -1.09 -25.42
N GLU B 360 -2.29 -0.46 -25.00
CA GLU B 360 -3.34 -1.20 -24.30
C GLU B 360 -3.81 -2.39 -25.14
N LYS B 361 -3.89 -2.21 -26.46
CA LYS B 361 -4.31 -3.27 -27.37
C LYS B 361 -3.31 -4.43 -27.41
N THR B 362 -2.02 -4.12 -27.21
CA THR B 362 -0.97 -5.16 -27.18
C THR B 362 -1.06 -6.05 -25.95
N ALA B 363 -1.71 -5.58 -24.90
CA ALA B 363 -1.59 -6.19 -23.56
C ALA B 363 -2.51 -7.38 -23.30
N ALA B 364 -3.34 -7.76 -24.26
CA ALA B 364 -4.01 -9.05 -24.21
C ALA B 364 -3.94 -9.76 -25.57
N TYR B 365 -3.93 -11.09 -25.52
CA TYR B 365 -3.99 -11.96 -26.73
C TYR B 365 -2.71 -11.99 -27.56
N GLY B 366 -1.61 -11.53 -26.96
CA GLY B 366 -0.29 -11.71 -27.53
C GLY B 366 0.18 -10.44 -28.18
N HIS B 367 1.42 -10.05 -27.93
CA HIS B 367 1.97 -8.86 -28.62
C HIS B 367 2.36 -9.17 -30.07
N PHE B 368 2.46 -10.45 -30.40
CA PHE B 368 2.97 -10.88 -31.71
C PHE B 368 1.96 -11.82 -32.36
N GLY B 369 1.82 -11.71 -33.68
CA GLY B 369 0.96 -12.61 -34.44
C GLY B 369 -0.40 -12.07 -34.85
N ARG B 370 -0.68 -10.83 -34.45
CA ARG B 370 -1.92 -10.14 -34.80
C ARG B 370 -1.56 -9.01 -35.77
N GLU B 371 -2.02 -9.12 -37.01
CA GLU B 371 -1.61 -8.19 -38.07
C GLU B 371 -2.56 -6.98 -38.10
N GLU B 372 -2.53 -6.22 -37.00
CA GLU B 372 -3.31 -5.00 -36.90
C GLU B 372 -2.53 -3.88 -37.56
N PRO B 373 -3.22 -2.88 -38.11
CA PRO B 373 -2.53 -1.78 -38.75
C PRO B 373 -1.57 -1.08 -37.80
N GLU B 374 -1.97 -0.91 -36.56
CA GLU B 374 -1.13 -0.23 -35.57
C GLU B 374 0.18 -0.98 -35.25
N PHE B 375 0.17 -2.30 -35.35
CA PHE B 375 1.32 -3.10 -34.98
C PHE B 375 2.35 -3.14 -36.12
N SER B 376 3.12 -2.06 -36.21
CA SER B 376 4.19 -1.89 -37.19
C SER B 376 5.21 -3.00 -37.20
N TRP B 377 5.39 -3.72 -36.08
CA TRP B 377 6.36 -4.81 -35.98
C TRP B 377 5.90 -6.10 -36.71
N GLU B 378 4.68 -6.09 -37.23
CA GLU B 378 4.15 -7.23 -37.99
C GLU B 378 4.18 -7.03 -39.51
N ALA B 379 4.55 -5.84 -39.98
CA ALA B 379 4.67 -5.59 -41.42
C ALA B 379 5.92 -6.29 -41.97
N ALA B 380 5.75 -7.09 -43.01
CA ALA B 380 6.87 -7.70 -43.72
C ALA B 380 7.37 -6.75 -44.81
N ASP B 381 7.55 -5.48 -44.46
CA ASP B 381 7.88 -4.44 -45.47
C ASP B 381 9.37 -4.31 -45.75
N LYS B 382 10.19 -5.21 -45.20
CA LYS B 382 11.60 -5.29 -45.58
C LYS B 382 11.96 -6.62 -46.24
N ALA B 383 10.95 -7.48 -46.40
CA ALA B 383 11.17 -8.82 -46.94
C ALA B 383 11.88 -8.81 -48.31
N LEU B 384 11.32 -8.04 -49.25
CA LEU B 384 11.87 -8.00 -50.61
C LEU B 384 13.30 -7.46 -50.64
N ALA B 385 13.56 -6.45 -49.83
CA ALA B 385 14.90 -5.86 -49.76
C ALA B 385 15.93 -6.87 -49.23
N LEU B 386 15.53 -7.66 -48.23
CA LEU B 386 16.39 -8.71 -47.65
C LEU B 386 16.64 -9.84 -48.65
N ALA B 387 15.58 -10.28 -49.32
CA ALA B 387 15.69 -11.33 -50.34
C ALA B 387 16.64 -10.89 -51.46
N GLU B 388 16.51 -9.63 -51.85
CA GLU B 388 17.34 -9.03 -52.89
C GLU B 388 18.82 -8.99 -52.49
N ALA B 389 19.10 -8.57 -51.25
CA ALA B 389 20.48 -8.44 -50.77
C ALA B 389 21.18 -9.80 -50.60
N ALA B 390 20.42 -10.83 -50.24
CA ALA B 390 20.95 -12.17 -49.97
C ALA B 390 21.36 -12.92 -51.24
N GLY B 391 20.67 -12.63 -52.34
CA GLY B 391 20.94 -13.26 -53.65
C GLY B 391 19.71 -13.99 -54.16
N ASP C 8 -34.55 26.12 35.21
CA ASP C 8 -35.10 24.99 34.40
C ASP C 8 -34.55 24.92 32.94
N TYR C 9 -33.75 23.90 32.64
CA TYR C 9 -33.20 23.69 31.29
C TYR C 9 -32.82 22.23 31.01
N LEU C 10 -32.73 21.89 29.72
CA LEU C 10 -32.34 20.53 29.28
C LEU C 10 -30.88 20.45 28.87
N PHE C 11 -30.21 19.37 29.23
CA PHE C 11 -28.79 19.15 28.93
C PHE C 11 -28.53 17.72 28.48
N THR C 12 -27.86 17.56 27.35
CA THR C 12 -27.63 16.25 26.74
C THR C 12 -26.14 15.85 26.63
N SER C 13 -25.87 14.59 26.95
CA SER C 13 -24.57 13.96 26.72
C SER C 13 -24.80 12.69 25.92
N GLU C 14 -23.71 12.06 25.46
CA GLU C 14 -23.80 10.83 24.68
C GLU C 14 -22.58 9.97 24.83
N SER C 15 -22.74 8.70 24.45
CA SER C 15 -21.64 7.75 24.43
C SER C 15 -21.81 6.80 23.26
N VAL C 16 -20.77 6.02 22.98
CA VAL C 16 -20.84 5.01 21.93
C VAL C 16 -20.19 3.73 22.44
N SER C 17 -20.60 2.59 21.90
CA SER C 17 -20.10 1.31 22.41
C SER C 17 -18.67 1.05 21.91
N GLU C 18 -18.09 -0.04 22.41
CA GLU C 18 -16.77 -0.48 21.97
C GLU C 18 -16.69 -0.95 20.51
N GLY C 19 -17.85 -1.07 19.85
CA GLY C 19 -17.89 -1.38 18.43
C GLY C 19 -18.12 -0.20 17.51
N HIS C 20 -18.16 1.01 18.02
CA HIS C 20 -18.30 2.18 17.16
C HIS C 20 -16.98 2.39 16.44
N PRO C 21 -17.00 2.64 15.12
CA PRO C 21 -15.71 2.67 14.39
C PRO C 21 -14.64 3.55 15.06
N ASP C 22 -15.02 4.73 15.57
CA ASP C 22 -14.05 5.61 16.23
C ASP C 22 -13.47 4.95 17.50
N LYS C 23 -14.28 4.24 18.27
CA LYS C 23 -13.77 3.53 19.46
C LYS C 23 -12.99 2.24 19.14
N VAL C 24 -13.24 1.66 17.98
CA VAL C 24 -12.43 0.51 17.54
C VAL C 24 -11.02 1.03 17.30
N ALA C 25 -10.90 2.19 16.66
CA ALA C 25 -9.62 2.88 16.46
C ALA C 25 -8.91 3.19 17.77
N ASP C 26 -9.60 3.84 18.70
CA ASP C 26 -9.01 4.16 20.00
C ASP C 26 -8.53 2.89 20.70
N GLN C 27 -9.30 1.80 20.58
CA GLN C 27 -8.96 0.57 21.31
C GLN C 27 -7.79 -0.16 20.70
N ILE C 28 -7.68 -0.13 19.38
CA ILE C 28 -6.52 -0.72 18.71
C ILE C 28 -5.27 0.07 19.11
N SER C 29 -5.38 1.39 19.07
CA SER C 29 -4.29 2.28 19.44
C SER C 29 -3.81 1.97 20.84
N ASP C 30 -4.76 1.83 21.78
CA ASP C 30 -4.43 1.52 23.18
C ASP C 30 -4.05 0.07 23.41
N ALA C 31 -4.57 -0.84 22.61
CA ALA C 31 -4.15 -2.24 22.64
C ALA C 31 -2.68 -2.37 22.25
N ILE C 32 -2.27 -1.59 21.25
CA ILE C 32 -0.89 -1.58 20.79
C ILE C 32 0.04 -0.92 21.82
N LEU C 33 -0.44 0.16 22.41
CA LEU C 33 0.26 0.79 23.53
C LEU C 33 0.57 -0.24 24.65
N ASP C 34 -0.44 -0.98 25.08
CA ASP C 34 -0.30 -1.92 26.20
C ASP C 34 0.68 -3.04 25.90
N ALA C 35 0.59 -3.60 24.69
CA ALA C 35 1.50 -4.68 24.31
C ALA C 35 2.94 -4.17 24.38
N ILE C 36 3.16 -2.93 23.95
CA ILE C 36 4.48 -2.30 24.01
C ILE C 36 4.93 -2.09 25.45
N LEU C 37 4.02 -1.58 26.27
CA LEU C 37 4.36 -1.27 27.65
C LEU C 37 4.65 -2.55 28.44
N ALA C 38 3.96 -3.63 28.08
CA ALA C 38 4.18 -4.93 28.71
C ALA C 38 5.65 -5.38 28.61
N GLN C 39 6.32 -5.02 27.51
CA GLN C 39 7.72 -5.41 27.26
C GLN C 39 8.76 -4.29 27.52
N ASP C 40 8.34 -3.03 27.37
CA ASP C 40 9.20 -1.89 27.58
C ASP C 40 8.33 -0.74 28.10
N LYS C 41 8.20 -0.68 29.43
CA LYS C 41 7.29 0.27 30.07
C LYS C 41 7.69 1.73 29.93
N TYR C 42 8.95 1.99 29.56
CA TYR C 42 9.43 3.35 29.30
C TYR C 42 9.35 3.74 27.82
N SER C 43 8.56 3.01 27.03
CA SER C 43 8.42 3.33 25.61
C SER C 43 7.71 4.67 25.40
N ARG C 44 8.02 5.30 24.28
CA ARG C 44 7.31 6.47 23.81
C ARG C 44 6.45 6.05 22.63
N VAL C 45 5.16 6.32 22.71
CA VAL C 45 4.18 5.81 21.76
C VAL C 45 3.21 6.92 21.42
N ALA C 46 2.89 7.03 20.14
CA ALA C 46 1.89 7.96 19.63
C ALA C 46 1.19 7.23 18.51
N ALA C 47 0.46 6.18 18.84
CA ALA C 47 -0.05 5.24 17.85
C ALA C 47 -1.46 5.63 17.39
N GLU C 48 -1.55 6.00 16.12
CA GLU C 48 -2.77 6.44 15.46
C GLU C 48 -3.37 5.30 14.61
N THR C 49 -4.68 5.20 14.59
CA THR C 49 -5.36 4.11 13.91
C THR C 49 -6.48 4.65 13.03
N LEU C 50 -6.55 4.14 11.81
CA LEU C 50 -7.65 4.42 10.92
C LEU C 50 -8.23 3.08 10.43
N CYS C 51 -9.53 2.91 10.54
CA CYS C 51 -10.14 1.68 10.07
C CYS C 51 -11.43 1.91 9.31
N ASN C 52 -11.53 1.29 8.14
CA ASN C 52 -12.79 1.26 7.44
C ASN C 52 -13.04 -0.14 6.93
N THR C 53 -13.93 -0.27 5.95
CA THR C 53 -14.45 -1.55 5.52
C THR C 53 -13.37 -2.62 5.34
N GLY C 54 -12.48 -2.43 4.38
CA GLY C 54 -11.47 -3.45 4.10
C GLY C 54 -10.07 -3.12 4.55
N LEU C 55 -9.93 -2.19 5.50
CA LEU C 55 -8.64 -1.58 5.76
C LEU C 55 -8.42 -1.11 7.18
N VAL C 56 -7.25 -1.43 7.74
CA VAL C 56 -6.74 -0.76 8.92
C VAL C 56 -5.40 -0.11 8.56
N VAL C 57 -5.22 1.14 8.99
CA VAL C 57 -3.96 1.82 8.85
C VAL C 57 -3.45 2.07 10.26
N LEU C 58 -2.21 1.64 10.51
CA LEU C 58 -1.53 1.94 11.76
C LEU C 58 -0.37 2.90 11.45
N ALA C 59 -0.33 4.04 12.11
CA ALA C 59 0.76 5.00 11.89
C ALA C 59 1.10 5.76 13.15
N GLY C 60 2.06 6.66 13.05
CA GLY C 60 2.50 7.49 14.15
C GLY C 60 3.92 7.18 14.57
N GLU C 61 4.28 7.63 15.77
CA GLU C 61 5.66 7.58 16.24
C GLU C 61 5.86 6.62 17.42
N ILE C 62 6.87 5.76 17.33
CA ILE C 62 7.14 4.77 18.38
C ILE C 62 8.65 4.66 18.65
N THR C 63 9.04 4.87 19.91
CA THR C 63 10.40 4.59 20.37
C THR C 63 10.32 3.51 21.46
N THR C 64 10.85 2.32 21.14
CA THR C 64 10.74 1.16 22.01
C THR C 64 11.79 0.10 21.69
N THR C 65 12.03 -0.79 22.66
CA THR C 65 12.86 -1.98 22.46
C THR C 65 11.97 -3.21 22.24
N ALA C 66 10.66 -2.99 22.24
CA ALA C 66 9.70 -4.09 22.24
C ALA C 66 9.51 -4.61 20.84
N ASN C 67 9.26 -5.92 20.70
CA ASN C 67 8.95 -6.49 19.39
C ASN C 67 7.52 -7.01 19.36
N ILE C 68 6.70 -6.33 18.55
CA ILE C 68 5.25 -6.46 18.58
C ILE C 68 4.78 -6.83 17.19
N ASP C 69 3.86 -7.79 17.13
CA ASP C 69 3.18 -8.13 15.90
C ASP C 69 1.94 -7.24 15.86
N TYR C 70 2.06 -6.08 15.20
CA TYR C 70 1.00 -5.05 15.23
C TYR C 70 -0.31 -5.55 14.63
N ILE C 71 -0.19 -6.23 13.51
CA ILE C 71 -1.32 -6.76 12.80
C ILE C 71 -2.08 -7.72 13.69
N GLN C 72 -1.35 -8.62 14.37
CA GLN C 72 -2.00 -9.60 15.22
C GLN C 72 -2.75 -8.94 16.37
N ILE C 73 -2.18 -7.87 16.90
CA ILE C 73 -2.78 -7.16 18.03
C ILE C 73 -4.00 -6.37 17.60
N ALA C 74 -3.92 -5.71 16.45
CA ALA C 74 -5.10 -5.14 15.80
C ALA C 74 -6.21 -6.19 15.66
N ARG C 75 -5.87 -7.37 15.12
CA ARG C 75 -6.87 -8.41 14.84
C ARG C 75 -7.50 -8.93 16.13
N ASP C 76 -6.65 -9.25 17.11
CA ASP C 76 -7.10 -9.65 18.44
C ASP C 76 -8.10 -8.67 19.06
N THR C 77 -7.94 -7.38 18.78
CA THR C 77 -8.77 -6.33 19.36
C THR C 77 -10.13 -6.25 18.67
N ILE C 78 -10.09 -6.37 17.35
CA ILE C 78 -11.29 -6.47 16.54
C ILE C 78 -12.12 -7.69 16.92
N LYS C 79 -11.44 -8.80 17.18
CA LYS C 79 -12.11 -10.03 17.60
C LYS C 79 -12.79 -9.87 18.97
N ARG C 80 -12.04 -9.41 19.98
CA ARG C 80 -12.58 -9.24 21.34
C ARG C 80 -13.83 -8.38 21.33
N ILE C 81 -13.82 -7.32 20.53
CA ILE C 81 -14.95 -6.39 20.37
C ILE C 81 -16.21 -7.04 19.79
N GLY C 82 -16.06 -8.07 18.97
CA GLY C 82 -17.19 -8.82 18.44
C GLY C 82 -17.27 -8.92 16.92
N TYR C 83 -16.35 -8.26 16.22
CA TYR C 83 -16.24 -8.41 14.76
C TYR C 83 -15.20 -9.48 14.46
N GLY C 94 -7.91 -11.18 6.82
CA GLY C 94 -9.17 -10.49 6.51
C GLY C 94 -8.94 -9.11 5.89
N CYS C 95 -9.06 -8.06 6.70
CA CYS C 95 -8.80 -6.72 6.21
C CYS C 95 -7.34 -6.59 5.75
N ALA C 96 -7.11 -5.76 4.72
CA ALA C 96 -5.77 -5.29 4.41
C ALA C 96 -5.29 -4.43 5.56
N VAL C 97 -4.03 -4.59 5.97
CA VAL C 97 -3.47 -3.80 7.06
C VAL C 97 -2.21 -3.06 6.62
N LEU C 98 -2.21 -1.75 6.80
CA LEU C 98 -1.10 -0.89 6.43
C LEU C 98 -0.36 -0.38 7.66
N VAL C 99 0.88 -0.82 7.85
CA VAL C 99 1.67 -0.45 9.02
C VAL C 99 2.75 0.54 8.57
N ALA C 100 2.62 1.77 9.05
CA ALA C 100 3.46 2.89 8.63
C ALA C 100 3.98 3.66 9.84
N TYR C 101 4.30 2.98 10.93
CA TYR C 101 4.90 3.65 12.08
C TYR C 101 6.30 4.13 11.68
N ASP C 102 6.70 5.26 12.24
CA ASP C 102 8.11 5.64 12.31
C ASP C 102 8.57 5.10 13.66
N LYS C 103 9.25 3.95 13.62
CA LYS C 103 9.77 3.32 14.83
C LYS C 103 11.19 3.83 15.07
N GLN C 104 11.81 3.40 16.17
CA GLN C 104 13.17 3.85 16.56
C GLN C 104 13.68 3.01 17.75
N SER C 105 14.87 3.34 18.25
CA SER C 105 15.39 2.70 19.48
C SER C 105 16.27 3.65 20.29
N LEU C 120 11.16 13.98 39.12
CA LEU C 120 12.04 14.52 38.07
C LEU C 120 11.44 15.80 37.50
N ASP C 121 12.30 16.72 37.08
CA ASP C 121 11.88 18.01 36.50
C ASP C 121 12.01 18.02 34.97
N GLN C 122 11.86 16.85 34.34
CA GLN C 122 11.94 16.77 32.88
C GLN C 122 10.80 17.59 32.24
N GLY C 123 11.13 18.34 31.20
CA GLY C 123 10.18 19.23 30.55
C GLY C 123 9.04 18.53 29.83
N ALA C 124 8.00 19.28 29.51
CA ALA C 124 6.89 18.75 28.74
C ALA C 124 7.38 18.36 27.35
N GLY C 125 6.84 17.26 26.83
CA GLY C 125 7.19 16.79 25.49
C GLY C 125 6.51 17.60 24.41
N ASP C 126 5.58 18.46 24.82
CA ASP C 126 4.76 19.22 23.90
C ASP C 126 4.08 20.33 24.71
N GLN C 127 3.69 21.39 24.03
CA GLN C 127 2.79 22.38 24.62
C GLN C 127 1.36 21.79 24.73
N GLY C 128 0.48 22.48 25.44
CA GLY C 128 -0.92 22.07 25.53
C GLY C 128 -1.66 22.57 26.76
N LEU C 129 -2.99 22.54 26.69
CA LEU C 129 -3.86 22.87 27.82
C LEU C 129 -4.80 21.68 28.04
N MET C 130 -5.11 21.36 29.30
CA MET C 130 -5.96 20.19 29.59
C MET C 130 -6.77 20.30 30.90
N PHE C 131 -8.01 19.81 30.87
CA PHE C 131 -9.01 20.11 31.90
C PHE C 131 -9.43 18.92 32.78
N GLY C 132 -9.68 19.21 34.05
CA GLY C 132 -10.13 18.21 35.03
C GLY C 132 -11.45 18.62 35.67
N TYR C 133 -12.31 17.65 35.97
CA TYR C 133 -13.66 17.98 36.44
C TYR C 133 -14.25 16.91 37.36
N ALA C 134 -15.12 17.35 38.26
CA ALA C 134 -15.84 16.44 39.14
C ALA C 134 -17.05 17.17 39.73
N CYS C 135 -18.07 16.40 40.10
CA CYS C 135 -19.27 16.97 40.71
C CYS C 135 -20.08 15.91 41.45
N ASP C 136 -21.06 16.35 42.24
CA ASP C 136 -21.81 15.47 43.16
C ASP C 136 -23.01 14.72 42.53
N GLU C 137 -23.18 14.82 41.23
CA GLU C 137 -24.40 14.31 40.59
C GLU C 137 -24.51 12.78 40.60
N THR C 138 -23.39 12.10 40.82
CA THR C 138 -23.39 10.64 40.93
C THR C 138 -22.42 10.23 42.03
N PRO C 139 -22.56 8.98 42.54
CA PRO C 139 -21.65 8.54 43.61
C PRO C 139 -20.21 8.36 43.13
N GLU C 140 -20.04 8.07 41.84
CA GLU C 140 -18.71 8.05 41.23
C GLU C 140 -18.22 9.45 40.93
N LEU C 141 -19.06 10.45 41.20
CA LEU C 141 -18.68 11.87 41.14
C LEU C 141 -18.42 12.37 39.71
N MET C 142 -19.24 11.90 38.80
CA MET C 142 -19.26 12.35 37.42
C MET C 142 -20.58 13.05 37.15
N PRO C 143 -20.59 14.03 36.22
CA PRO C 143 -21.90 14.54 35.81
C PRO C 143 -22.78 13.38 35.33
N LEU C 144 -24.08 13.47 35.62
CA LEU C 144 -25.05 12.39 35.38
C LEU C 144 -25.23 11.98 33.90
N PRO C 145 -25.45 12.98 33.02
CA PRO C 145 -25.72 12.68 31.60
C PRO C 145 -24.65 11.79 30.95
N ILE C 146 -23.39 12.13 31.14
CA ILE C 146 -22.34 11.34 30.53
C ILE C 146 -22.20 10.00 31.24
N HIS C 147 -22.44 9.99 32.56
CA HIS C 147 -22.33 8.75 33.32
C HIS C 147 -23.33 7.70 32.83
N LEU C 148 -24.58 8.10 32.67
CA LEU C 148 -25.65 7.19 32.23
C LEU C 148 -25.47 6.82 30.77
N SER C 149 -25.01 7.76 29.95
CA SER C 149 -24.72 7.48 28.54
C SER C 149 -23.76 6.30 28.43
N HIS C 150 -22.66 6.35 29.18
CA HIS C 150 -21.70 5.26 29.18
C HIS C 150 -22.32 3.97 29.72
N ARG C 151 -23.06 4.09 30.82
CA ARG C 151 -23.67 2.91 31.44
C ARG C 151 -24.62 2.18 30.51
N LEU C 152 -25.32 2.93 29.64
CA LEU C 152 -26.27 2.31 28.70
C LEU C 152 -25.55 1.44 27.66
N VAL C 153 -24.54 1.98 26.99
CA VAL C 153 -23.83 1.24 25.94
C VAL C 153 -23.00 0.09 26.51
N GLU C 154 -22.48 0.27 27.70
CA GLU C 154 -21.81 -0.81 28.39
C GLU C 154 -22.80 -1.91 28.76
N ARG C 155 -23.99 -1.51 29.18
CA ARG C 155 -25.06 -2.46 29.44
C ARG C 155 -25.36 -3.30 28.17
N GLN C 156 -25.47 -2.64 27.01
CA GLN C 156 -25.77 -3.38 25.79
C GLN C 156 -24.64 -4.31 25.41
N ALA C 157 -23.40 -3.92 25.67
CA ALA C 157 -22.24 -4.78 25.40
C ALA C 157 -22.32 -6.01 26.29
N ASN C 158 -22.73 -5.80 27.54
CA ASN C 158 -22.88 -6.87 28.51
C ASN C 158 -24.00 -7.86 28.16
N LEU C 159 -25.15 -7.34 27.77
CA LEU C 159 -26.26 -8.20 27.38
C LEU C 159 -25.89 -8.95 26.09
N ARG C 160 -25.18 -8.30 25.17
CA ARG C 160 -24.70 -8.97 23.96
C ARG C 160 -23.77 -10.15 24.28
N ARG C 161 -22.84 -9.94 25.20
CA ARG C 161 -21.83 -10.95 25.53
C ARG C 161 -22.39 -12.16 26.26
N ASP C 162 -23.27 -11.94 27.23
CA ASP C 162 -23.82 -13.07 27.97
C ASP C 162 -24.96 -13.71 27.19
N GLY C 163 -25.35 -13.09 26.08
CA GLY C 163 -26.36 -13.65 25.19
C GLY C 163 -27.80 -13.48 25.64
N ARG C 164 -28.04 -12.56 26.56
CA ARG C 164 -29.39 -12.27 27.05
C ARG C 164 -30.30 -11.82 25.88
N LEU C 165 -29.78 -10.95 25.03
CA LEU C 165 -30.42 -10.58 23.77
C LEU C 165 -29.51 -11.04 22.61
N PRO C 166 -29.72 -12.26 22.10
CA PRO C 166 -28.78 -12.86 21.14
C PRO C 166 -28.52 -12.09 19.83
N TRP C 167 -29.44 -11.20 19.44
CA TRP C 167 -29.43 -10.52 18.14
C TRP C 167 -28.65 -9.19 18.20
N LEU C 168 -28.12 -8.86 19.37
CA LEU C 168 -27.34 -7.64 19.56
C LEU C 168 -26.01 -7.75 18.85
N ARG C 169 -25.61 -6.66 18.23
CA ARG C 169 -24.30 -6.59 17.62
C ARG C 169 -23.47 -5.47 18.25
N PRO C 170 -22.16 -5.42 17.93
CA PRO C 170 -21.25 -4.55 18.70
C PRO C 170 -21.53 -3.03 18.72
N ASP C 171 -21.86 -2.47 17.56
CA ASP C 171 -22.00 -1.03 17.39
C ASP C 171 -23.27 -0.56 18.07
N ALA C 172 -23.18 0.52 18.82
CA ALA C 172 -24.33 1.07 19.52
C ALA C 172 -24.00 2.47 20.02
N LYS C 173 -25.04 3.31 20.10
CA LYS C 173 -24.90 4.72 20.46
C LYS C 173 -25.96 5.02 21.50
N SER C 174 -25.60 5.77 22.54
CA SER C 174 -26.53 6.22 23.58
C SER C 174 -26.49 7.72 23.71
N GLN C 175 -27.65 8.32 23.95
CA GLN C 175 -27.75 9.76 24.15
C GLN C 175 -28.80 10.06 25.22
N VAL C 176 -28.42 10.81 26.26
CA VAL C 176 -29.26 11.06 27.44
C VAL C 176 -29.48 12.56 27.66
N THR C 177 -30.74 12.96 27.74
CA THR C 177 -31.10 14.34 28.01
C THR C 177 -31.70 14.41 29.40
N VAL C 178 -31.10 15.22 30.26
CA VAL C 178 -31.57 15.43 31.62
C VAL C 178 -32.16 16.82 31.75
N ARG C 179 -33.32 16.90 32.39
CA ARG C 179 -33.92 18.14 32.77
C ARG C 179 -33.31 18.57 34.10
N TYR C 180 -32.65 19.72 34.12
CA TYR C 180 -32.08 20.30 35.34
C TYR C 180 -32.99 21.39 35.89
N VAL C 181 -33.39 21.24 37.14
CA VAL C 181 -34.23 22.23 37.83
C VAL C 181 -33.43 22.74 39.01
N ASP C 182 -33.25 24.06 39.09
CA ASP C 182 -32.41 24.69 40.12
C ASP C 182 -31.00 24.08 40.23
N GLY C 183 -30.34 23.88 39.10
CA GLY C 183 -28.94 23.41 39.09
C GLY C 183 -28.70 21.92 39.37
N LYS C 184 -29.75 21.18 39.70
CA LYS C 184 -29.62 19.76 40.05
C LYS C 184 -30.53 18.87 39.16
N PRO C 185 -30.10 17.64 38.86
CA PRO C 185 -30.94 16.75 38.06
C PRO C 185 -32.32 16.61 38.68
N HIS C 186 -33.35 16.76 37.85
CA HIS C 186 -34.73 16.61 38.26
C HIS C 186 -35.36 15.37 37.63
N SER C 187 -35.18 15.21 36.32
CA SER C 187 -35.85 14.18 35.56
C SER C 187 -35.03 13.78 34.34
N ILE C 188 -35.26 12.58 33.85
CA ILE C 188 -34.68 12.15 32.59
C ILE C 188 -35.69 12.41 31.50
N ASP C 189 -35.40 13.40 30.66
CA ASP C 189 -36.31 13.83 29.59
C ASP C 189 -36.34 12.82 28.46
N THR C 190 -35.17 12.52 27.90
CA THR C 190 -35.05 11.61 26.76
C THR C 190 -33.87 10.65 26.88
N VAL C 191 -34.10 9.38 26.58
CA VAL C 191 -33.04 8.44 26.35
C VAL C 191 -33.16 7.92 24.91
N VAL C 192 -32.08 8.05 24.17
CA VAL C 192 -32.00 7.52 22.82
C VAL C 192 -31.03 6.35 22.86
N LEU C 193 -31.39 5.24 22.25
CA LEU C 193 -30.45 4.14 22.12
C LEU C 193 -30.60 3.47 20.77
N SER C 194 -29.58 3.62 19.93
CA SER C 194 -29.49 2.94 18.66
C SER C 194 -28.50 1.77 18.77
N THR C 195 -28.96 0.58 18.44
CA THR C 195 -28.09 -0.59 18.47
C THR C 195 -28.08 -1.36 17.16
N GLN C 196 -26.89 -1.83 16.79
CA GLN C 196 -26.72 -2.73 15.67
C GLN C 196 -27.37 -4.04 16.06
N HIS C 197 -27.85 -4.78 15.07
CA HIS C 197 -28.57 -6.02 15.35
C HIS C 197 -28.53 -6.97 14.17
N ALA C 198 -28.75 -8.25 14.45
CA ALA C 198 -28.91 -9.25 13.40
C ALA C 198 -30.15 -8.93 12.57
N PRO C 199 -30.16 -9.31 11.29
CA PRO C 199 -31.30 -8.94 10.45
C PRO C 199 -32.60 -9.65 10.84
N GLU C 200 -32.50 -10.83 11.47
CA GLU C 200 -33.68 -11.61 11.78
C GLU C 200 -34.67 -10.99 12.79
N ILE C 201 -34.23 -10.04 13.63
CA ILE C 201 -35.17 -9.44 14.59
C ILE C 201 -35.90 -8.20 14.03
N ASP C 202 -37.20 -8.12 14.29
CA ASP C 202 -38.00 -6.96 13.85
C ASP C 202 -37.83 -5.80 14.82
N LEU C 203 -38.16 -4.61 14.36
CA LEU C 203 -37.90 -3.39 15.14
C LEU C 203 -38.77 -3.25 16.39
N PRO C 204 -40.09 -3.29 16.24
CA PRO C 204 -40.91 -3.18 17.45
C PRO C 204 -40.44 -4.09 18.59
N ALA C 205 -40.15 -5.36 18.30
CA ALA C 205 -39.64 -6.29 19.32
C ALA C 205 -38.30 -5.80 19.88
N LEU C 206 -37.35 -5.52 19.00
CA LEU C 206 -36.04 -4.99 19.39
C LEU C 206 -36.20 -3.79 20.33
N ARG C 207 -37.04 -2.82 19.96
CA ARG C 207 -37.28 -1.62 20.76
C ARG C 207 -37.84 -1.91 22.16
N GLU C 208 -38.81 -2.82 22.23
CA GLU C 208 -39.37 -3.15 23.53
C GLU C 208 -38.32 -3.84 24.39
N ALA C 209 -37.50 -4.71 23.78
CA ALA C 209 -36.47 -5.41 24.52
C ALA C 209 -35.41 -4.45 25.08
N VAL C 210 -35.03 -3.45 24.28
CA VAL C 210 -33.99 -2.51 24.69
C VAL C 210 -34.46 -1.58 25.81
N ILE C 211 -35.70 -1.12 25.74
CA ILE C 211 -36.25 -0.23 26.76
C ILE C 211 -36.24 -0.95 28.11
N GLU C 212 -36.66 -2.22 28.13
CA GLU C 212 -36.77 -3.00 29.36
C GLU C 212 -35.45 -3.57 29.92
N GLU C 213 -34.53 -3.99 29.04
CA GLU C 213 -33.32 -4.71 29.43
C GLU C 213 -32.08 -3.80 29.51
N VAL C 214 -32.00 -2.84 28.60
CA VAL C 214 -30.87 -1.94 28.52
C VAL C 214 -31.15 -0.60 29.22
N ILE C 215 -32.22 0.07 28.81
CA ILE C 215 -32.49 1.42 29.33
C ILE C 215 -32.96 1.45 30.78
N LYS C 216 -34.13 0.90 31.09
CA LYS C 216 -34.74 1.06 32.43
C LYS C 216 -33.87 0.64 33.64
N PRO C 217 -33.14 -0.48 33.54
CA PRO C 217 -32.33 -0.88 34.69
C PRO C 217 -31.09 -0.01 34.92
N THR C 218 -30.76 0.84 33.95
CA THR C 218 -29.65 1.77 34.07
C THR C 218 -30.08 3.09 34.70
N LEU C 219 -31.38 3.42 34.66
CA LEU C 219 -31.85 4.74 35.10
C LEU C 219 -32.14 4.80 36.60
N PRO C 220 -31.71 5.89 37.27
CA PRO C 220 -32.12 6.08 38.66
C PRO C 220 -33.64 6.23 38.77
N ALA C 221 -34.24 5.29 39.49
CA ALA C 221 -35.69 5.16 39.60
C ALA C 221 -36.39 6.50 39.82
N ASP C 222 -35.83 7.30 40.72
CA ASP C 222 -36.45 8.56 41.14
C ASP C 222 -36.33 9.71 40.15
N LEU C 223 -35.64 9.51 39.01
CA LEU C 223 -35.62 10.50 37.94
C LEU C 223 -36.58 10.14 36.79
N ILE C 224 -37.24 8.99 36.89
CA ILE C 224 -38.22 8.56 35.89
C ILE C 224 -39.60 9.16 36.17
N LYS C 225 -40.02 10.11 35.34
CA LYS C 225 -41.32 10.76 35.46
C LYS C 225 -42.18 10.34 34.27
N GLY C 226 -43.45 10.75 34.27
CA GLY C 226 -44.38 10.41 33.17
C GLY C 226 -44.01 11.09 31.85
N ASP C 227 -43.30 12.21 31.97
CA ASP C 227 -42.69 12.91 30.86
C ASP C 227 -41.76 12.03 29.95
N ILE C 228 -41.19 10.95 30.48
CA ILE C 228 -40.02 10.30 29.85
C ILE C 228 -40.26 9.74 28.44
N LYS C 229 -39.27 9.97 27.58
CA LYS C 229 -39.32 9.58 26.17
C LYS C 229 -38.19 8.62 25.83
N PHE C 230 -38.55 7.43 25.40
CA PHE C 230 -37.60 6.44 24.91
C PHE C 230 -37.64 6.41 23.40
N LEU C 231 -36.47 6.55 22.78
CA LEU C 231 -36.35 6.43 21.34
C LEU C 231 -35.28 5.38 21.05
N VAL C 232 -35.71 4.20 20.62
CA VAL C 232 -34.79 3.12 20.30
C VAL C 232 -34.80 2.90 18.79
N ASN C 233 -33.61 2.92 18.21
CA ASN C 233 -33.39 2.84 16.75
C ASN C 233 -34.35 3.77 15.97
N PRO C 234 -34.32 5.07 16.27
CA PRO C 234 -35.23 6.02 15.65
C PRO C 234 -35.08 6.14 14.14
N THR C 235 -33.89 5.95 13.59
CA THR C 235 -33.72 5.97 12.13
C THR C 235 -33.99 4.61 11.48
N GLY C 236 -34.38 3.61 12.29
CA GLY C 236 -34.78 2.30 11.78
C GLY C 236 -33.72 1.21 11.91
N ARG C 237 -33.73 0.28 10.96
CA ARG C 237 -32.84 -0.87 10.96
C ARG C 237 -31.36 -0.46 10.92
N PHE C 238 -30.54 -1.27 11.59
CA PHE C 238 -29.13 -0.99 11.86
C PHE C 238 -28.40 -2.35 11.82
N VAL C 239 -28.23 -2.92 10.63
CA VAL C 239 -27.65 -4.25 10.48
C VAL C 239 -26.15 -4.19 10.27
N ILE C 240 -25.72 -3.21 9.49
CA ILE C 240 -24.30 -2.99 9.26
C ILE C 240 -23.80 -1.89 10.17
N GLY C 241 -22.81 -2.23 11.01
CA GLY C 241 -22.17 -1.26 11.90
C GLY C 241 -20.65 -1.36 11.90
N GLY C 242 -20.01 -0.57 12.75
CA GLY C 242 -18.56 -0.59 12.89
C GLY C 242 -17.85 -0.08 11.65
N PRO C 243 -16.54 -0.34 11.56
CA PRO C 243 -15.69 0.05 10.43
C PRO C 243 -16.33 -0.27 9.08
N GLN C 244 -17.00 -1.42 9.03
CA GLN C 244 -17.65 -1.89 7.83
C GLN C 244 -18.63 -0.86 7.28
N GLY C 245 -19.34 -0.19 8.20
CA GLY C 245 -20.32 0.81 7.82
C GLY C 245 -19.68 2.15 7.55
N ASP C 246 -18.69 2.52 8.37
CA ASP C 246 -18.24 3.89 8.53
C ASP C 246 -16.76 3.95 8.93
N CYS C 247 -16.05 4.97 8.46
CA CYS C 247 -14.64 5.13 8.78
C CYS C 247 -14.42 5.52 10.24
N GLY C 248 -13.48 4.87 10.93
CA GLY C 248 -13.12 5.24 12.30
C GLY C 248 -11.68 5.75 12.43
N LEU C 249 -11.47 6.76 13.26
CA LEU C 249 -10.14 7.27 13.57
C LEU C 249 -9.93 7.41 15.09
N THR C 250 -8.67 7.26 15.49
CA THR C 250 -8.26 7.47 16.87
C THR C 250 -8.47 8.94 17.21
N GLY C 251 -8.94 9.20 18.42
CA GLY C 251 -8.96 10.55 18.97
C GLY C 251 -10.06 11.43 18.46
N ARG C 252 -11.15 10.81 18.04
CA ARG C 252 -12.30 11.49 17.43
C ARG C 252 -13.53 11.39 18.30
N LYS C 253 -13.36 10.86 19.51
CA LYS C 253 -14.45 10.79 20.49
C LYS C 253 -14.00 11.38 21.85
N ILE C 254 -13.29 12.50 21.79
CA ILE C 254 -12.59 13.02 22.97
C ILE C 254 -13.55 13.59 24.05
N ILE C 255 -14.72 14.07 23.63
CA ILE C 255 -15.73 14.54 24.59
C ILE C 255 -16.49 13.37 25.21
N VAL C 256 -16.74 12.34 24.41
CA VAL C 256 -17.27 11.09 24.94
C VAL C 256 -16.30 10.51 25.97
N ASP C 257 -15.01 10.61 25.67
CA ASP C 257 -13.95 10.03 26.50
C ASP C 257 -13.83 10.70 27.88
N THR C 258 -14.31 11.94 28.00
CA THR C 258 -14.11 12.75 29.19
C THR C 258 -15.45 13.07 29.90
N TYR C 259 -15.96 14.31 29.76
CA TYR C 259 -17.09 14.79 30.57
C TYR C 259 -18.36 15.11 29.79
N GLY C 260 -18.33 14.90 28.50
CA GLY C 260 -19.56 14.83 27.73
C GLY C 260 -20.26 16.15 27.60
N GLY C 261 -19.49 17.23 27.63
CA GLY C 261 -20.06 18.57 27.46
C GLY C 261 -20.22 19.34 28.75
N ALA C 262 -20.05 18.67 29.89
CA ALA C 262 -20.24 19.31 31.19
C ALA C 262 -19.06 20.22 31.51
N ALA C 263 -17.89 19.94 30.92
CA ALA C 263 -16.68 20.75 31.13
C ALA C 263 -15.99 21.00 29.81
N PRO C 264 -15.28 22.13 29.69
CA PRO C 264 -14.52 22.42 28.47
C PRO C 264 -13.33 21.49 28.32
N HIS C 265 -12.87 21.29 27.09
CA HIS C 265 -11.77 20.36 26.79
C HIS C 265 -10.58 21.15 26.22
N GLY C 266 -9.37 20.66 26.52
CA GLY C 266 -8.13 21.32 26.14
C GLY C 266 -7.65 20.96 24.74
N GLY C 267 -7.97 19.74 24.30
CA GLY C 267 -8.03 19.40 22.87
C GLY C 267 -7.44 18.08 22.46
N GLY C 268 -6.55 17.54 23.30
CA GLY C 268 -5.81 16.32 22.97
C GLY C 268 -6.56 15.02 23.18
N ALA C 269 -6.32 14.08 22.30
CA ALA C 269 -6.89 12.75 22.43
C ALA C 269 -6.02 11.97 23.40
N PHE C 270 -6.56 10.90 23.97
CA PHE C 270 -5.80 10.06 24.90
C PHE C 270 -5.19 8.83 24.24
N SER C 271 -5.97 8.13 23.43
CA SER C 271 -5.59 6.78 22.99
C SER C 271 -4.40 6.77 22.05
N GLY C 272 -3.51 5.80 22.25
CA GLY C 272 -2.29 5.68 21.48
C GLY C 272 -1.10 6.42 22.06
N LYS C 273 -1.33 7.17 23.13
CA LYS C 273 -0.29 7.99 23.73
C LYS C 273 0.16 7.40 25.04
N ASP C 274 1.46 7.16 25.17
CA ASP C 274 2.03 6.75 26.44
C ASP C 274 1.94 7.89 27.46
N PRO C 275 2.16 7.57 28.76
CA PRO C 275 1.93 8.55 29.83
C PRO C 275 2.87 9.75 29.83
N SER C 276 3.94 9.72 29.06
CA SER C 276 4.81 10.89 28.93
C SER C 276 4.14 12.06 28.19
N LYS C 277 3.07 11.78 27.45
CA LYS C 277 2.29 12.84 26.80
C LYS C 277 1.33 13.43 27.80
N VAL C 278 1.46 14.73 28.04
CA VAL C 278 0.68 15.44 29.05
C VAL C 278 -0.81 15.58 28.70
N ASP C 279 -1.15 15.49 27.42
CA ASP C 279 -2.55 15.40 26.99
C ASP C 279 -3.28 14.26 27.71
N ARG C 280 -2.61 13.13 27.90
CA ARG C 280 -3.20 12.02 28.64
C ARG C 280 -3.01 12.19 30.17
N SER C 281 -1.76 12.20 30.61
CA SER C 281 -1.44 12.19 32.05
C SER C 281 -1.88 13.43 32.83
N ALA C 282 -1.79 14.62 32.22
CA ALA C 282 -2.30 15.82 32.90
C ALA C 282 -3.83 15.85 32.95
N ALA C 283 -4.49 15.25 31.95
CA ALA C 283 -5.95 15.09 31.98
C ALA C 283 -6.35 14.11 33.08
N TYR C 284 -5.61 13.01 33.19
CA TYR C 284 -5.85 12.04 34.26
C TYR C 284 -5.53 12.66 35.63
N ALA C 285 -4.45 13.45 35.69
CA ALA C 285 -4.12 14.18 36.92
C ALA C 285 -5.26 15.11 37.30
N GLY C 286 -5.74 15.88 36.32
CA GLY C 286 -6.86 16.80 36.50
C GLY C 286 -8.13 16.16 37.03
N ARG C 287 -8.45 14.96 36.56
CA ARG C 287 -9.57 14.21 37.12
C ARG C 287 -9.31 13.77 38.57
N TYR C 288 -8.09 13.36 38.87
CA TYR C 288 -7.71 12.85 40.21
C TYR C 288 -7.86 13.93 41.27
N VAL C 289 -7.40 15.14 40.94
CA VAL C 289 -7.46 16.28 41.86
C VAL C 289 -8.91 16.76 42.02
N ALA C 290 -9.61 16.90 40.91
CA ALA C 290 -11.02 17.31 40.93
C ALA C 290 -11.88 16.33 41.73
N LYS C 291 -11.72 15.03 41.46
CA LYS C 291 -12.47 14.02 42.21
C LYS C 291 -12.19 14.12 43.71
N ASN C 292 -10.93 14.24 44.09
CA ASN C 292 -10.58 14.39 45.51
C ASN C 292 -11.14 15.66 46.18
N ILE C 293 -10.94 16.82 45.56
CA ILE C 293 -11.45 18.11 46.04
C ILE C 293 -12.93 18.02 46.43
N VAL C 294 -13.70 17.35 45.58
CA VAL C 294 -15.13 17.13 45.82
C VAL C 294 -15.35 16.00 46.82
N ALA C 295 -14.57 14.94 46.70
CA ALA C 295 -14.69 13.79 47.62
C ALA C 295 -14.26 14.15 49.04
N ALA C 296 -13.49 15.23 49.18
CA ALA C 296 -13.03 15.73 50.47
C ALA C 296 -13.86 16.92 50.97
N GLY C 297 -15.01 17.16 50.35
CA GLY C 297 -15.94 18.19 50.80
C GLY C 297 -15.57 19.64 50.53
N LEU C 298 -14.51 19.89 49.78
CA LEU C 298 -14.07 21.28 49.54
C LEU C 298 -14.97 22.09 48.60
N ALA C 299 -15.74 21.40 47.75
CA ALA C 299 -16.67 22.07 46.83
C ALA C 299 -17.67 21.08 46.27
N SER C 300 -18.80 21.60 45.81
CA SER C 300 -19.84 20.78 45.18
C SER C 300 -19.44 20.39 43.75
N ARG C 301 -18.68 21.27 43.09
CA ARG C 301 -18.28 21.12 41.69
C ARG C 301 -16.87 21.67 41.51
N ALA C 302 -15.95 20.83 41.05
CA ALA C 302 -14.54 21.22 40.93
C ALA C 302 -14.05 21.13 39.50
N LEU C 303 -13.59 22.25 38.94
CA LEU C 303 -13.04 22.31 37.60
C LEU C 303 -11.59 22.80 37.65
N ILE C 304 -10.71 22.19 36.84
CA ILE C 304 -9.29 22.57 36.79
C ILE C 304 -8.73 22.70 35.37
N GLN C 305 -8.03 23.81 35.11
CA GLN C 305 -7.17 23.89 33.92
C GLN C 305 -5.72 23.86 34.32
N VAL C 306 -4.92 23.22 33.47
CA VAL C 306 -3.48 23.26 33.54
C VAL C 306 -2.96 23.53 32.13
N SER C 307 -1.69 23.92 32.03
CA SER C 307 -1.06 24.26 30.75
C SER C 307 0.44 23.95 30.78
N TYR C 308 1.05 23.74 29.60
CA TYR C 308 2.48 23.41 29.52
C TYR C 308 3.19 24.08 28.33
N ALA C 309 4.46 24.44 28.54
CA ALA C 309 5.37 24.81 27.45
C ALA C 309 6.22 23.59 27.13
N ILE C 310 6.50 23.39 25.84
CA ILE C 310 7.40 22.34 25.42
C ILE C 310 8.77 22.65 25.99
N GLY C 311 9.27 21.77 26.86
CA GLY C 311 10.58 21.95 27.50
C GLY C 311 10.56 22.64 28.87
N VAL C 312 9.37 22.83 29.46
CA VAL C 312 9.28 23.30 30.85
C VAL C 312 8.43 22.34 31.68
N ALA C 313 8.89 22.03 32.89
CA ALA C 313 8.31 20.98 33.72
C ALA C 313 7.06 21.46 34.45
N GLU C 314 7.22 22.35 35.44
CA GLU C 314 6.07 22.94 36.13
C GLU C 314 5.14 23.61 35.10
N PRO C 315 3.81 23.46 35.26
CA PRO C 315 2.86 24.00 34.27
C PRO C 315 3.01 25.50 34.01
N THR C 316 2.74 25.91 32.77
CA THR C 316 2.80 27.33 32.38
C THR C 316 1.52 28.05 32.80
N SER C 317 0.51 27.28 33.21
CA SER C 317 -0.71 27.84 33.81
C SER C 317 -1.43 26.77 34.62
N VAL C 318 -1.92 27.16 35.79
CA VAL C 318 -2.87 26.36 36.52
C VAL C 318 -4.02 27.29 36.91
N MET C 319 -5.25 26.78 36.81
CA MET C 319 -6.45 27.59 37.03
C MET C 319 -7.60 26.70 37.49
N VAL C 320 -8.18 27.03 38.65
CA VAL C 320 -9.27 26.24 39.26
C VAL C 320 -10.50 27.10 39.55
N ASN C 321 -11.68 26.52 39.38
CA ASN C 321 -12.96 27.19 39.59
C ASN C 321 -13.91 26.33 40.46
N THR C 322 -14.60 26.98 41.39
CA THR C 322 -15.48 26.30 42.37
C THR C 322 -16.97 26.39 42.03
N PHE C 323 -17.32 27.27 41.09
CA PHE C 323 -18.72 27.53 40.73
C PHE C 323 -19.60 27.80 41.97
N THR C 332 -8.16 30.25 47.44
CA THR C 332 -7.32 29.41 48.28
C THR C 332 -7.06 28.03 47.67
N ILE C 333 -7.96 27.57 46.80
CA ILE C 333 -7.90 26.20 46.27
C ILE C 333 -6.80 26.00 45.23
N THR C 334 -6.56 27.02 44.40
CA THR C 334 -5.50 26.96 43.37
C THR C 334 -4.10 26.90 43.99
N LYS C 335 -3.91 27.61 45.10
CA LYS C 335 -2.67 27.52 45.87
C LYS C 335 -2.56 26.17 46.56
N LEU C 336 -3.69 25.67 47.06
CA LEU C 336 -3.73 24.40 47.81
C LEU C 336 -3.50 23.18 46.90
N VAL C 337 -3.87 23.28 45.63
CA VAL C 337 -3.59 22.20 44.68
C VAL C 337 -2.09 22.09 44.36
N ARG C 338 -1.46 23.19 43.93
CA ARG C 338 -0.05 23.13 43.49
C ARG C 338 0.91 22.77 44.64
N GLU C 339 0.38 22.68 45.86
CA GLU C 339 1.14 22.17 47.01
C GLU C 339 0.87 20.69 47.27
N HIS C 340 -0.39 20.26 47.19
CA HIS C 340 -0.74 18.88 47.53
C HIS C 340 -0.61 17.84 46.41
N PHE C 341 -0.36 18.29 45.18
CA PHE C 341 -0.26 17.39 44.03
C PHE C 341 0.95 17.71 43.19
N ASP C 342 1.66 16.66 42.77
CA ASP C 342 2.79 16.82 41.88
C ASP C 342 2.25 16.86 40.44
N LEU C 343 2.43 18.00 39.77
CA LEU C 343 1.78 18.28 38.48
C LEU C 343 2.72 18.26 37.28
N ARG C 344 4.03 18.17 37.53
CA ARG C 344 4.99 17.99 36.44
C ARG C 344 4.87 16.59 35.84
N PRO C 345 5.07 16.47 34.51
CA PRO C 345 4.81 15.23 33.80
C PRO C 345 5.24 13.96 34.54
N LYS C 346 6.52 13.83 34.87
CA LYS C 346 7.02 12.64 35.59
C LYS C 346 6.52 12.61 37.03
N GLY C 347 6.14 13.76 37.57
CA GLY C 347 5.43 13.83 38.84
C GLY C 347 4.08 13.14 38.77
N ILE C 348 3.33 13.39 37.69
CA ILE C 348 2.05 12.71 37.48
C ILE C 348 2.24 11.21 37.45
N ILE C 349 3.29 10.77 36.76
CA ILE C 349 3.49 9.35 36.46
C ILE C 349 3.67 8.48 37.72
N GLN C 350 4.54 8.92 38.65
CA GLN C 350 4.75 8.16 39.88
C GLN C 350 3.54 8.24 40.81
N MET C 351 2.82 9.35 40.76
CA MET C 351 1.65 9.55 41.60
C MET C 351 0.51 8.59 41.24
N LEU C 352 0.32 8.36 39.93
CA LEU C 352 -0.74 7.48 39.44
C LEU C 352 -0.21 6.13 38.91
N ASP C 353 1.11 5.92 39.03
CA ASP C 353 1.73 4.64 38.66
C ASP C 353 1.29 4.23 37.27
N LEU C 354 1.55 5.12 36.30
CA LEU C 354 0.98 5.02 34.95
C LEU C 354 1.73 4.10 33.96
N LEU C 355 2.91 3.60 34.35
CA LEU C 355 3.71 2.76 33.46
C LEU C 355 3.31 1.30 33.57
N ARG C 356 2.06 1.03 33.18
CA ARG C 356 1.47 -0.29 33.20
C ARG C 356 0.52 -0.43 31.98
N PRO C 357 0.38 -1.66 31.45
CA PRO C 357 -0.48 -1.85 30.31
C PRO C 357 -1.93 -1.92 30.77
N ILE C 358 -2.52 -0.76 31.06
CA ILE C 358 -3.90 -0.68 31.56
C ILE C 358 -4.82 0.16 30.66
N TYR C 359 -4.33 0.56 29.48
CA TYR C 359 -5.00 1.60 28.69
C TYR C 359 -6.06 1.13 27.68
N GLU C 360 -5.98 -0.10 27.19
CA GLU C 360 -7.03 -0.61 26.29
C GLU C 360 -8.39 -0.52 26.97
N LYS C 361 -8.41 -0.83 28.27
CA LYS C 361 -9.65 -0.75 29.07
C LYS C 361 -10.19 0.67 29.20
N THR C 362 -9.33 1.68 29.18
CA THR C 362 -9.82 3.07 29.22
C THR C 362 -10.48 3.49 27.91
N ALA C 363 -10.25 2.75 26.84
CA ALA C 363 -10.56 3.24 25.47
C ALA C 363 -12.00 3.02 25.06
N ALA C 364 -12.81 2.42 25.92
CA ALA C 364 -14.26 2.37 25.70
C ALA C 364 -14.97 2.63 27.02
N TYR C 365 -16.10 3.35 26.96
CA TYR C 365 -16.98 3.55 28.10
C TYR C 365 -16.47 4.63 29.06
N GLY C 366 -15.60 5.51 28.56
CA GLY C 366 -15.17 6.70 29.31
C GLY C 366 -13.89 6.47 30.09
N HIS C 367 -12.99 7.45 30.06
CA HIS C 367 -11.76 7.39 30.86
C HIS C 367 -11.99 7.78 32.30
N PHE C 368 -13.12 8.43 32.56
CA PHE C 368 -13.45 8.93 33.87
C PHE C 368 -14.78 8.39 34.34
N GLY C 369 -14.82 7.97 35.60
CA GLY C 369 -16.07 7.60 36.26
C GLY C 369 -16.29 6.12 36.45
N ARG C 370 -15.29 5.30 36.12
CA ARG C 370 -15.36 3.86 36.33
C ARG C 370 -14.33 3.51 37.38
N GLU C 371 -14.78 2.92 38.47
CA GLU C 371 -13.92 2.77 39.64
C GLU C 371 -13.24 1.41 39.68
N GLU C 372 -12.56 1.08 38.57
CA GLU C 372 -11.85 -0.19 38.44
C GLU C 372 -10.50 -0.02 39.15
N PRO C 373 -9.96 -1.13 39.70
CA PRO C 373 -8.76 -1.01 40.55
C PRO C 373 -7.56 -0.42 39.79
N GLU C 374 -7.43 -0.78 38.52
CA GLU C 374 -6.38 -0.29 37.64
C GLU C 374 -6.38 1.24 37.50
N PHE C 375 -7.55 1.86 37.59
CA PHE C 375 -7.65 3.28 37.28
C PHE C 375 -7.36 4.11 38.52
N SER C 376 -6.07 4.29 38.80
CA SER C 376 -5.63 4.95 40.02
C SER C 376 -6.13 6.39 40.14
N TRP C 377 -6.46 7.01 39.02
CA TRP C 377 -6.92 8.40 38.98
C TRP C 377 -8.38 8.57 39.46
N GLU C 378 -9.08 7.45 39.68
CA GLU C 378 -10.44 7.48 40.24
C GLU C 378 -10.48 7.17 41.73
N ALA C 379 -9.31 6.90 42.32
CA ALA C 379 -9.20 6.60 43.76
C ALA C 379 -9.25 7.86 44.61
N ALA C 380 -10.10 7.83 45.65
CA ALA C 380 -10.20 8.93 46.60
C ALA C 380 -9.29 8.68 47.79
N ASP C 381 -7.99 8.51 47.54
CA ASP C 381 -7.03 8.24 48.61
C ASP C 381 -6.27 9.50 49.06
N LYS C 382 -6.72 10.67 48.59
CA LYS C 382 -6.26 11.95 49.13
C LYS C 382 -7.45 12.77 49.63
N TYR D 9 -6.48 35.24 37.69
CA TYR D 9 -6.09 33.86 37.27
C TYR D 9 -5.50 33.85 35.85
N LEU D 10 -4.77 32.78 35.55
CA LEU D 10 -4.10 32.63 34.26
C LEU D 10 -4.85 31.63 33.38
N PHE D 11 -5.30 32.09 32.21
CA PHE D 11 -5.93 31.20 31.25
C PHE D 11 -5.09 31.06 29.98
N THR D 12 -4.96 29.83 29.48
CA THR D 12 -4.10 29.54 28.34
C THR D 12 -4.82 28.83 27.18
N SER D 13 -4.63 29.33 25.97
CA SER D 13 -5.08 28.68 24.74
C SER D 13 -3.89 28.46 23.82
N GLU D 14 -4.14 27.76 22.71
CA GLU D 14 -3.10 27.46 21.73
C GLU D 14 -3.64 27.44 20.29
N SER D 15 -2.72 27.53 19.33
CA SER D 15 -3.07 27.30 17.93
C SER D 15 -1.88 26.70 17.20
N VAL D 16 -2.13 26.27 15.96
CA VAL D 16 -1.09 25.70 15.12
C VAL D 16 -1.25 26.24 13.71
N SER D 17 -0.16 26.26 12.96
CA SER D 17 -0.19 26.81 11.60
C SER D 17 -0.85 25.83 10.63
N GLU D 18 -1.07 26.29 9.42
CA GLU D 18 -1.62 25.45 8.35
C GLU D 18 -0.71 24.32 7.94
N GLY D 19 0.56 24.41 8.34
CA GLY D 19 1.54 23.38 8.08
C GLY D 19 1.67 22.32 9.16
N HIS D 20 0.94 22.45 10.26
CA HIS D 20 0.92 21.41 11.28
C HIS D 20 0.22 20.17 10.69
N PRO D 21 0.75 18.96 10.95
CA PRO D 21 0.23 17.76 10.28
C PRO D 21 -1.28 17.51 10.47
N ASP D 22 -1.79 17.71 11.67
CA ASP D 22 -3.22 17.58 11.92
C ASP D 22 -4.01 18.58 11.05
N LYS D 23 -3.48 19.79 10.87
CA LYS D 23 -4.13 20.83 10.04
C LYS D 23 -4.00 20.62 8.55
N VAL D 24 -2.88 20.03 8.13
CA VAL D 24 -2.73 19.60 6.73
C VAL D 24 -3.90 18.67 6.38
N ALA D 25 -4.15 17.71 7.26
CA ALA D 25 -5.21 16.72 7.11
C ALA D 25 -6.61 17.36 7.05
N ASP D 26 -6.90 18.26 7.98
CA ASP D 26 -8.15 19.03 7.95
C ASP D 26 -8.29 19.75 6.63
N GLN D 27 -7.21 20.39 6.17
CA GLN D 27 -7.29 21.19 4.94
C GLN D 27 -7.47 20.32 3.70
N ILE D 28 -6.85 19.13 3.69
CA ILE D 28 -7.02 18.22 2.56
C ILE D 28 -8.48 17.73 2.55
N SER D 29 -8.95 17.29 3.72
CA SER D 29 -10.36 16.96 3.92
C SER D 29 -11.32 18.05 3.37
N ASP D 30 -11.08 19.30 3.75
CA ASP D 30 -11.98 20.39 3.32
C ASP D 30 -11.75 20.87 1.88
N ALA D 31 -10.54 20.68 1.34
CA ALA D 31 -10.26 20.97 -0.08
C ALA D 31 -11.02 20.01 -0.98
N ILE D 32 -11.22 18.80 -0.48
CA ILE D 32 -11.97 17.78 -1.18
C ILE D 32 -13.47 18.06 -1.06
N LEU D 33 -13.89 18.59 0.08
CA LEU D 33 -15.26 19.04 0.28
C LEU D 33 -15.60 20.15 -0.71
N ASP D 34 -14.79 21.20 -0.76
CA ASP D 34 -15.05 22.29 -1.72
C ASP D 34 -15.12 21.75 -3.13
N ALA D 35 -14.10 20.99 -3.53
CA ALA D 35 -14.03 20.45 -4.88
C ALA D 35 -15.30 19.65 -5.25
N ILE D 36 -15.88 18.98 -4.26
CA ILE D 36 -17.13 18.26 -4.46
C ILE D 36 -18.34 19.20 -4.52
N LEU D 37 -18.40 20.15 -3.60
CA LEU D 37 -19.55 21.08 -3.53
C LEU D 37 -19.56 22.04 -4.70
N ALA D 38 -18.39 22.32 -5.27
CA ALA D 38 -18.29 23.18 -6.46
C ALA D 38 -18.99 22.56 -7.66
N GLN D 39 -19.08 21.23 -7.70
CA GLN D 39 -19.80 20.51 -8.78
C GLN D 39 -21.20 20.03 -8.37
N ASP D 40 -21.38 19.75 -7.09
CA ASP D 40 -22.65 19.20 -6.59
C ASP D 40 -22.84 19.62 -5.13
N LYS D 41 -23.66 20.65 -4.93
CA LYS D 41 -23.80 21.33 -3.62
C LYS D 41 -24.64 20.58 -2.58
N TYR D 42 -25.38 19.56 -3.01
CA TYR D 42 -26.17 18.72 -2.10
C TYR D 42 -25.45 17.41 -1.75
N SER D 43 -24.16 17.34 -2.03
CA SER D 43 -23.38 16.12 -1.79
C SER D 43 -23.32 15.83 -0.29
N ARG D 44 -23.31 14.55 0.05
CA ARG D 44 -23.01 14.12 1.41
C ARG D 44 -21.54 13.71 1.45
N VAL D 45 -20.78 14.35 2.33
CA VAL D 45 -19.35 14.11 2.43
C VAL D 45 -18.93 13.93 3.87
N ALA D 46 -18.21 12.85 4.16
CA ALA D 46 -17.51 12.65 5.42
C ALA D 46 -16.08 12.20 5.06
N ALA D 47 -15.22 13.17 4.76
CA ALA D 47 -13.91 12.91 4.19
C ALA D 47 -12.81 12.93 5.25
N GLU D 48 -12.24 11.76 5.51
CA GLU D 48 -11.17 11.61 6.48
C GLU D 48 -9.83 11.48 5.77
N THR D 49 -8.82 12.10 6.36
CA THR D 49 -7.47 12.14 5.82
C THR D 49 -6.47 11.77 6.92
N LEU D 50 -5.52 10.90 6.59
CA LEU D 50 -4.38 10.62 7.44
C LEU D 50 -3.15 10.86 6.57
N CYS D 51 -2.20 11.65 7.07
CA CYS D 51 -0.98 11.92 6.34
C CYS D 51 0.24 11.78 7.24
N ASN D 52 1.28 11.14 6.70
CA ASN D 52 2.56 11.00 7.42
C ASN D 52 3.72 11.26 6.45
N THR D 53 4.89 10.70 6.71
CA THR D 53 6.08 11.01 5.90
C THR D 53 5.85 10.80 4.41
N GLY D 54 5.57 9.56 4.02
CA GLY D 54 5.41 9.25 2.61
C GLY D 54 3.99 8.96 2.16
N LEU D 55 3.01 9.24 3.01
CA LEU D 55 1.69 8.70 2.82
C LEU D 55 0.57 9.72 3.05
N VAL D 56 -0.40 9.73 2.14
CA VAL D 56 -1.68 10.37 2.37
C VAL D 56 -2.73 9.29 2.21
N VAL D 57 -3.61 9.16 3.19
CA VAL D 57 -4.71 8.22 3.13
C VAL D 57 -6.00 8.99 3.15
N LEU D 58 -6.86 8.70 2.16
CA LEU D 58 -8.17 9.32 2.02
C LEU D 58 -9.21 8.23 2.19
N ALA D 59 -10.12 8.40 3.15
CA ALA D 59 -11.15 7.40 3.43
C ALA D 59 -12.41 8.10 3.92
N GLY D 60 -13.46 7.32 4.14
CA GLY D 60 -14.75 7.87 4.53
C GLY D 60 -15.82 7.70 3.48
N GLU D 61 -16.89 8.47 3.64
CA GLU D 61 -18.16 8.23 2.96
C GLU D 61 -18.54 9.44 2.12
N ILE D 62 -18.80 9.20 0.83
CA ILE D 62 -19.14 10.25 -0.10
C ILE D 62 -20.29 9.81 -0.98
N THR D 63 -21.36 10.60 -1.00
CA THR D 63 -22.45 10.42 -1.95
C THR D 63 -22.52 11.69 -2.77
N THR D 64 -22.21 11.59 -4.06
CA THR D 64 -22.10 12.75 -4.93
C THR D 64 -22.25 12.39 -6.41
N THR D 65 -22.52 13.39 -7.25
CA THR D 65 -22.44 13.23 -8.70
C THR D 65 -21.11 13.80 -9.21
N ALA D 66 -20.39 14.49 -8.34
CA ALA D 66 -19.08 15.05 -8.69
C ALA D 66 -18.09 13.99 -9.15
N ASN D 67 -17.26 14.36 -10.12
CA ASN D 67 -16.13 13.53 -10.57
C ASN D 67 -14.86 14.31 -10.29
N ILE D 68 -14.13 13.87 -9.26
CA ILE D 68 -12.99 14.64 -8.73
C ILE D 68 -11.71 13.81 -8.83
N ASP D 69 -10.60 14.49 -9.15
CA ASP D 69 -9.25 13.92 -9.06
C ASP D 69 -8.79 14.13 -7.61
N TYR D 70 -9.08 13.16 -6.75
CA TYR D 70 -8.75 13.27 -5.33
C TYR D 70 -7.28 13.48 -5.09
N ILE D 71 -6.44 12.75 -5.79
CA ILE D 71 -5.01 12.87 -5.63
C ILE D 71 -4.53 14.29 -5.99
N GLN D 72 -4.96 14.81 -7.14
CA GLN D 72 -4.54 16.15 -7.56
C GLN D 72 -4.90 17.20 -6.52
N ILE D 73 -6.10 17.11 -5.96
CA ILE D 73 -6.55 18.06 -4.96
C ILE D 73 -5.72 17.97 -3.68
N ALA D 74 -5.46 16.75 -3.23
CA ALA D 74 -4.60 16.56 -2.08
C ALA D 74 -3.22 17.18 -2.33
N ARG D 75 -2.64 16.91 -3.50
CA ARG D 75 -1.30 17.43 -3.82
C ARG D 75 -1.32 18.94 -3.95
N ASP D 76 -2.36 19.47 -4.58
CA ASP D 76 -2.50 20.93 -4.71
C ASP D 76 -2.59 21.63 -3.36
N THR D 77 -3.23 20.97 -2.40
CA THR D 77 -3.34 21.49 -1.04
C THR D 77 -1.99 21.43 -0.31
N ILE D 78 -1.30 20.30 -0.38
CA ILE D 78 0.04 20.17 0.22
C ILE D 78 1.02 21.19 -0.38
N LYS D 79 0.90 21.43 -1.68
CA LYS D 79 1.72 22.42 -2.38
C LYS D 79 1.43 23.85 -1.88
N ARG D 80 0.16 24.26 -1.89
CA ARG D 80 -0.26 25.60 -1.40
C ARG D 80 0.26 25.89 0.01
N ILE D 81 0.19 24.88 0.87
CA ILE D 81 0.64 24.99 2.25
C ILE D 81 2.14 25.29 2.34
N GLY D 82 2.92 24.84 1.37
CA GLY D 82 4.36 25.14 1.32
C GLY D 82 5.32 23.96 1.31
N TYR D 83 4.80 22.74 1.41
CA TYR D 83 5.66 21.56 1.29
C TYR D 83 5.90 21.22 -0.20
N GLY D 94 7.15 12.97 -2.63
CA GLY D 94 6.73 11.87 -3.49
C GLY D 94 5.72 10.96 -2.79
N CYS D 95 4.78 11.59 -2.09
CA CYS D 95 3.88 10.85 -1.24
C CYS D 95 3.01 9.88 -2.04
N ALA D 96 3.07 8.62 -1.64
CA ALA D 96 2.04 7.63 -1.97
C ALA D 96 0.66 8.12 -1.49
N VAL D 97 -0.37 7.94 -2.31
CA VAL D 97 -1.73 8.31 -1.90
C VAL D 97 -2.71 7.14 -2.05
N LEU D 98 -3.34 6.78 -0.94
CA LEU D 98 -4.25 5.64 -0.91
C LEU D 98 -5.68 6.18 -0.80
N VAL D 99 -6.46 6.01 -1.87
CA VAL D 99 -7.83 6.50 -1.91
C VAL D 99 -8.76 5.33 -1.63
N ALA D 100 -9.48 5.40 -0.51
CA ALA D 100 -10.30 4.29 -0.05
C ALA D 100 -11.68 4.76 0.35
N TYR D 101 -12.14 5.88 -0.21
CA TYR D 101 -13.52 6.32 0.00
C TYR D 101 -14.54 5.24 -0.37
N ASP D 102 -15.61 5.16 0.42
CA ASP D 102 -16.84 4.48 -0.02
C ASP D 102 -17.71 5.53 -0.70
N LYS D 103 -17.67 5.56 -2.03
CA LYS D 103 -18.35 6.61 -2.80
C LYS D 103 -19.46 5.98 -3.63
N GLN D 104 -20.70 6.45 -3.45
CA GLN D 104 -21.90 5.88 -4.09
C GLN D 104 -22.46 6.80 -5.19
N GLN D 127 -27.29 11.85 15.90
CA GLN D 127 -27.06 12.04 17.33
C GLN D 127 -25.86 12.95 17.60
N GLY D 128 -26.03 13.89 18.54
CA GLY D 128 -24.94 14.80 18.90
C GLY D 128 -25.34 16.07 19.66
N LEU D 129 -24.34 16.68 20.28
CA LEU D 129 -24.48 17.86 21.16
C LEU D 129 -23.50 18.94 20.68
N MET D 130 -23.85 20.23 20.81
CA MET D 130 -22.94 21.32 20.36
C MET D 130 -23.25 22.76 20.92
N PHE D 131 -22.19 23.54 21.19
CA PHE D 131 -22.28 24.89 21.84
C PHE D 131 -21.84 26.07 20.96
N GLY D 132 -22.25 27.27 21.34
CA GLY D 132 -21.69 28.53 20.80
C GLY D 132 -21.25 29.51 21.90
N TYR D 133 -20.31 30.40 21.59
CA TYR D 133 -19.80 31.39 22.57
C TYR D 133 -19.22 32.63 21.90
N ALA D 134 -19.37 33.79 22.55
CA ALA D 134 -18.75 35.04 22.10
C ALA D 134 -18.51 35.98 23.29
N CYS D 135 -17.58 36.94 23.15
CA CYS D 135 -17.28 37.86 24.24
C CYS D 135 -16.59 39.14 23.81
N ASP D 136 -16.57 40.10 24.73
CA ASP D 136 -16.14 41.46 24.47
C ASP D 136 -14.65 41.62 24.20
N GLU D 137 -13.85 40.60 24.51
CA GLU D 137 -12.40 40.74 24.67
C GLU D 137 -11.61 41.13 23.41
N THR D 138 -12.21 40.98 22.24
CA THR D 138 -11.59 41.41 20.99
C THR D 138 -12.68 42.06 20.14
N PRO D 139 -12.28 42.83 19.10
CA PRO D 139 -13.31 43.45 18.24
C PRO D 139 -13.96 42.45 17.29
N GLU D 140 -13.32 41.30 17.12
CA GLU D 140 -13.92 40.16 16.42
C GLU D 140 -14.78 39.31 17.38
N LEU D 141 -14.94 39.78 18.62
CA LEU D 141 -15.79 39.15 19.64
C LEU D 141 -15.40 37.70 19.99
N MET D 142 -14.10 37.43 20.05
CA MET D 142 -13.58 36.14 20.47
C MET D 142 -12.80 36.28 21.78
N PRO D 143 -12.75 35.21 22.60
CA PRO D 143 -11.86 35.27 23.77
C PRO D 143 -10.44 35.57 23.32
N LEU D 144 -9.70 36.28 24.16
CA LEU D 144 -8.38 36.77 23.78
C LEU D 144 -7.38 35.65 23.52
N PRO D 145 -7.29 34.67 24.43
CA PRO D 145 -6.19 33.71 24.33
C PRO D 145 -6.18 32.89 23.05
N ILE D 146 -7.35 32.42 22.62
CA ILE D 146 -7.45 31.70 21.34
C ILE D 146 -7.22 32.62 20.14
N HIS D 147 -7.71 33.86 20.23
CA HIS D 147 -7.64 34.80 19.12
C HIS D 147 -6.20 35.21 18.84
N LEU D 148 -5.45 35.57 19.87
CA LEU D 148 -4.03 35.88 19.71
C LEU D 148 -3.23 34.67 19.25
N SER D 149 -3.58 33.49 19.74
CA SER D 149 -2.89 32.27 19.34
C SER D 149 -3.04 32.06 17.84
N HIS D 150 -4.26 32.29 17.37
CA HIS D 150 -4.58 32.17 15.95
C HIS D 150 -3.82 33.20 15.14
N ARG D 151 -3.81 34.43 15.63
CA ARG D 151 -3.25 35.53 14.85
C ARG D 151 -1.74 35.38 14.73
N LEU D 152 -1.11 34.76 15.74
CA LEU D 152 0.35 34.58 15.79
C LEU D 152 0.88 33.63 14.71
N VAL D 153 0.26 32.46 14.57
CA VAL D 153 0.68 31.49 13.56
C VAL D 153 0.26 31.94 12.16
N GLU D 154 -0.87 32.65 12.08
CA GLU D 154 -1.28 33.28 10.83
C GLU D 154 -0.20 34.27 10.39
N ARG D 155 0.27 35.06 11.35
CA ARG D 155 1.33 36.01 11.12
C ARG D 155 2.61 35.31 10.63
N GLN D 156 3.00 34.18 11.21
CA GLN D 156 4.23 33.53 10.73
C GLN D 156 4.10 32.95 9.32
N ALA D 157 2.90 32.51 8.95
CA ALA D 157 2.65 32.01 7.60
C ALA D 157 2.69 33.16 6.61
N ASN D 158 2.09 34.31 6.95
CA ASN D 158 2.16 35.48 6.08
C ASN D 158 3.60 35.96 5.88
N LEU D 159 4.36 36.02 6.96
CA LEU D 159 5.79 36.38 6.91
C LEU D 159 6.64 35.34 6.15
N ARG D 160 6.27 34.07 6.26
CA ARG D 160 6.91 33.05 5.47
C ARG D 160 6.62 33.26 3.99
N ARG D 161 5.37 33.60 3.67
CA ARG D 161 4.89 33.62 2.29
C ARG D 161 5.38 34.83 1.52
N ASP D 162 5.46 35.99 2.17
CA ASP D 162 5.97 37.16 1.46
C ASP D 162 7.50 37.30 1.56
N GLY D 163 8.15 36.30 2.18
CA GLY D 163 9.61 36.22 2.20
C GLY D 163 10.32 37.17 3.16
N ARG D 164 9.57 37.78 4.07
CA ARG D 164 10.11 38.69 5.08
C ARG D 164 11.13 38.00 5.96
N LEU D 165 10.82 36.78 6.37
CA LEU D 165 11.77 35.90 7.02
C LEU D 165 11.92 34.66 6.15
N PRO D 166 12.93 34.63 5.27
CA PRO D 166 12.97 33.59 4.23
C PRO D 166 13.25 32.18 4.75
N TRP D 167 13.82 32.07 5.94
CA TRP D 167 14.15 30.78 6.57
C TRP D 167 12.99 30.15 7.36
N LEU D 168 11.82 30.80 7.35
CA LEU D 168 10.62 30.21 7.97
C LEU D 168 10.15 29.03 7.15
N ARG D 169 9.70 27.99 7.83
CA ARG D 169 9.07 26.86 7.15
C ARG D 169 7.63 26.69 7.63
N PRO D 170 6.85 25.83 6.96
CA PRO D 170 5.37 25.84 7.17
C PRO D 170 4.83 25.51 8.57
N ASP D 171 5.44 24.55 9.28
CA ASP D 171 4.91 24.10 10.57
C ASP D 171 5.22 25.14 11.65
N ALA D 172 4.26 25.41 12.52
CA ALA D 172 4.47 26.28 13.68
C ALA D 172 3.33 26.10 14.68
N LYS D 173 3.61 26.39 15.94
CA LYS D 173 2.62 26.31 16.99
C LYS D 173 2.78 27.51 17.92
N SER D 174 1.67 28.04 18.42
CA SER D 174 1.65 29.13 19.36
C SER D 174 0.88 28.74 20.59
N GLN D 175 1.22 29.32 21.73
CA GLN D 175 0.43 29.22 22.96
C GLN D 175 0.50 30.55 23.72
N VAL D 176 -0.67 31.08 24.07
CA VAL D 176 -0.80 32.35 24.77
C VAL D 176 -1.49 32.17 26.14
N THR D 177 -0.81 32.64 27.17
CA THR D 177 -1.33 32.59 28.50
C THR D 177 -1.65 34.02 28.90
N VAL D 178 -2.93 34.29 29.17
CA VAL D 178 -3.37 35.62 29.57
C VAL D 178 -3.77 35.65 31.05
N ARG D 179 -3.41 36.74 31.71
CA ARG D 179 -3.78 36.94 33.09
C ARG D 179 -5.04 37.77 33.12
N TYR D 180 -6.03 37.25 33.85
CA TYR D 180 -7.33 37.88 34.01
C TYR D 180 -7.47 38.40 35.44
N VAL D 181 -7.71 39.70 35.57
CA VAL D 181 -8.01 40.34 36.86
C VAL D 181 -9.44 40.88 36.79
N ASP D 182 -10.20 40.67 37.86
CA ASP D 182 -11.60 41.05 37.93
C ASP D 182 -12.37 40.62 36.68
N GLY D 183 -12.08 39.40 36.21
CA GLY D 183 -12.78 38.81 35.05
C GLY D 183 -12.38 39.34 33.68
N LYS D 184 -11.53 40.37 33.65
CA LYS D 184 -11.13 41.03 32.40
C LYS D 184 -9.63 40.80 32.11
N PRO D 185 -9.25 40.77 30.81
CA PRO D 185 -7.83 40.74 30.42
C PRO D 185 -6.98 41.86 31.03
N HIS D 186 -5.87 41.50 31.67
CA HIS D 186 -4.98 42.44 32.34
C HIS D 186 -3.64 42.51 31.66
N SER D 187 -3.04 41.34 31.42
CA SER D 187 -1.69 41.28 30.86
C SER D 187 -1.46 39.95 30.18
N ILE D 188 -0.50 39.95 29.26
CA ILE D 188 -0.08 38.74 28.59
C ILE D 188 1.08 38.17 29.40
N ASP D 189 0.86 37.01 30.01
CA ASP D 189 1.84 36.40 30.89
C ASP D 189 2.93 35.73 30.09
N THR D 190 2.55 34.81 29.20
CA THR D 190 3.50 34.12 28.34
C THR D 190 3.00 33.98 26.90
N VAL D 191 3.91 34.15 25.94
CA VAL D 191 3.69 33.72 24.58
C VAL D 191 4.75 32.69 24.23
N VAL D 192 4.30 31.50 23.85
CA VAL D 192 5.16 30.49 23.27
C VAL D 192 5.02 30.54 21.75
N LEU D 193 6.14 30.47 21.04
CA LEU D 193 6.07 30.34 19.60
C LEU D 193 7.15 29.40 19.06
N SER D 194 6.72 28.25 18.56
CA SER D 194 7.64 27.26 17.96
C SER D 194 7.44 27.27 16.45
N THR D 195 8.49 27.57 15.69
CA THR D 195 8.40 27.56 14.24
C THR D 195 9.44 26.67 13.59
N GLN D 196 9.01 25.98 12.54
CA GLN D 196 9.90 25.25 11.67
C GLN D 196 10.73 26.27 10.89
N HIS D 197 11.95 25.88 10.49
CA HIS D 197 12.87 26.80 9.84
C HIS D 197 13.98 26.07 9.06
N ALA D 198 14.63 26.78 8.15
CA ALA D 198 15.75 26.24 7.39
C ALA D 198 16.93 25.95 8.32
N PRO D 199 17.79 24.98 7.97
CA PRO D 199 18.95 24.69 8.86
C PRO D 199 19.98 25.81 8.97
N GLU D 200 19.95 26.75 8.03
CA GLU D 200 20.98 27.78 7.92
C GLU D 200 20.95 28.86 9.01
N ILE D 201 19.76 29.19 9.51
CA ILE D 201 19.62 30.26 10.51
C ILE D 201 19.90 29.72 11.91
N ASP D 202 20.64 30.50 12.69
CA ASP D 202 20.96 30.15 14.08
C ASP D 202 19.81 30.53 15.03
N LEU D 203 19.61 29.70 16.06
CA LEU D 203 18.51 29.90 17.03
C LEU D 203 18.45 31.31 17.66
N PRO D 204 19.57 31.83 18.14
CA PRO D 204 19.46 33.16 18.76
C PRO D 204 18.88 34.24 17.82
N ALA D 205 19.36 34.31 16.58
CA ALA D 205 18.83 35.27 15.61
C ALA D 205 17.39 34.94 15.21
N LEU D 206 17.04 33.67 15.24
CA LEU D 206 15.66 33.25 14.94
C LEU D 206 14.71 33.78 16.01
N ARG D 207 15.08 33.60 17.28
CA ARG D 207 14.25 34.05 18.40
C ARG D 207 14.04 35.57 18.41
N GLU D 208 15.12 36.33 18.22
CA GLU D 208 14.97 37.78 18.15
C GLU D 208 14.02 38.20 17.02
N ALA D 209 14.19 37.63 15.82
CA ALA D 209 13.35 38.03 14.67
C ALA D 209 11.88 37.62 14.89
N VAL D 210 11.66 36.45 15.47
CA VAL D 210 10.31 35.95 15.71
C VAL D 210 9.60 36.79 16.77
N ILE D 211 10.34 37.15 17.82
CA ILE D 211 9.82 38.05 18.85
C ILE D 211 9.46 39.40 18.26
N GLU D 212 10.39 40.00 17.52
CA GLU D 212 10.16 41.34 16.98
C GLU D 212 9.12 41.40 15.85
N GLU D 213 9.08 40.39 14.99
CA GLU D 213 8.28 40.43 13.75
C GLU D 213 6.94 39.71 13.79
N VAL D 214 6.88 38.63 14.56
CA VAL D 214 5.70 37.78 14.63
C VAL D 214 4.90 38.08 15.89
N ILE D 215 5.60 38.13 17.02
CA ILE D 215 4.94 38.25 18.31
C ILE D 215 4.53 39.68 18.65
N LYS D 216 5.46 40.61 18.74
CA LYS D 216 5.16 41.95 19.28
C LYS D 216 4.09 42.76 18.49
N PRO D 217 4.10 42.67 17.15
CA PRO D 217 3.09 43.41 16.38
C PRO D 217 1.68 42.82 16.48
N THR D 218 1.58 41.55 16.87
CA THR D 218 0.29 40.88 17.10
C THR D 218 -0.33 41.23 18.48
N LEU D 219 0.52 41.63 19.44
CA LEU D 219 0.09 41.84 20.82
C LEU D 219 -0.48 43.24 21.07
N PRO D 220 -1.71 43.32 21.63
CA PRO D 220 -2.20 44.64 22.04
C PRO D 220 -1.25 45.32 23.02
N ALA D 221 -0.80 46.53 22.67
CA ALA D 221 0.17 47.30 23.46
C ALA D 221 -0.17 47.32 24.95
N ASP D 222 -1.45 47.51 25.24
CA ASP D 222 -1.94 47.69 26.61
C ASP D 222 -1.66 46.52 27.55
N LEU D 223 -1.63 45.30 27.00
CA LEU D 223 -1.44 44.08 27.81
C LEU D 223 0.03 43.65 27.93
N ILE D 224 0.93 44.43 27.33
CA ILE D 224 2.36 44.18 27.47
C ILE D 224 2.86 44.87 28.73
N LYS D 225 3.14 44.08 29.77
CA LYS D 225 3.73 44.59 31.02
C LYS D 225 5.12 43.98 31.27
N GLY D 226 5.81 44.49 32.28
CA GLY D 226 7.18 44.06 32.61
C GLY D 226 7.38 42.55 32.75
N ASP D 227 6.37 41.84 33.26
CA ASP D 227 6.50 40.41 33.52
C ASP D 227 6.23 39.48 32.31
N ILE D 228 6.26 40.00 31.08
CA ILE D 228 5.95 39.19 29.89
C ILE D 228 7.13 38.28 29.51
N LYS D 229 6.87 36.97 29.42
CA LYS D 229 7.88 36.00 29.04
C LYS D 229 7.66 35.58 27.58
N PHE D 230 8.72 35.61 26.77
CA PHE D 230 8.67 35.08 25.40
C PHE D 230 9.44 33.78 25.30
N LEU D 231 8.79 32.73 24.80
CA LEU D 231 9.44 31.44 24.59
C LEU D 231 9.36 31.08 23.11
N VAL D 232 10.45 31.32 22.38
CA VAL D 232 10.53 30.93 20.99
C VAL D 232 11.42 29.70 20.79
N ASN D 233 10.86 28.67 20.14
CA ASN D 233 11.52 27.38 19.92
C ASN D 233 12.28 26.96 21.17
N PRO D 234 11.60 26.78 22.31
CA PRO D 234 12.26 26.49 23.59
C PRO D 234 13.09 25.19 23.63
N THR D 235 12.74 24.21 22.81
CA THR D 235 13.58 23.00 22.68
C THR D 235 14.50 23.03 21.47
N GLY D 236 14.83 24.23 21.00
CA GLY D 236 15.85 24.40 19.98
C GLY D 236 15.41 24.11 18.56
N ARG D 237 16.31 23.44 17.82
CA ARG D 237 16.16 23.23 16.38
C ARG D 237 14.85 22.53 15.99
N PHE D 238 14.20 23.08 14.97
CA PHE D 238 12.92 22.62 14.45
C PHE D 238 13.03 22.74 12.91
N VAL D 239 13.85 21.87 12.34
CA VAL D 239 14.19 21.87 10.91
C VAL D 239 13.18 21.05 10.12
N ILE D 240 12.81 19.90 10.67
CA ILE D 240 11.91 18.98 9.98
C ILE D 240 10.55 18.97 10.69
N GLY D 241 9.49 19.21 9.93
CA GLY D 241 8.14 19.31 10.47
C GLY D 241 7.10 18.84 9.48
N GLY D 242 5.84 19.05 9.80
CA GLY D 242 4.73 18.59 8.96
C GLY D 242 4.60 17.09 9.07
N PRO D 243 3.85 16.47 8.15
CA PRO D 243 3.70 15.01 8.09
C PRO D 243 5.06 14.28 8.12
N GLN D 244 6.09 14.92 7.54
CA GLN D 244 7.45 14.38 7.51
C GLN D 244 8.02 14.07 8.91
N GLY D 245 7.59 14.81 9.92
CA GLY D 245 7.97 14.52 11.31
C GLY D 245 6.94 13.60 11.94
N ASP D 246 5.73 14.14 12.14
CA ASP D 246 4.66 13.46 12.87
C ASP D 246 3.43 13.18 11.99
N CYS D 247 2.68 12.16 12.36
CA CYS D 247 1.43 11.82 11.70
C CYS D 247 0.33 12.84 12.00
N GLY D 248 -0.43 13.23 10.98
CA GLY D 248 -1.65 14.02 11.17
C GLY D 248 -2.93 13.30 10.77
N LEU D 249 -4.01 13.53 11.53
CA LEU D 249 -5.38 13.07 11.17
C LEU D 249 -6.37 14.24 11.17
N THR D 250 -7.42 14.10 10.36
CA THR D 250 -8.56 15.01 10.37
C THR D 250 -9.28 15.04 11.73
N GLY D 251 -9.67 16.24 12.14
CA GLY D 251 -10.48 16.40 13.34
C GLY D 251 -9.79 16.11 14.67
N ARG D 252 -8.48 16.37 14.75
CA ARG D 252 -7.75 16.26 16.01
C ARG D 252 -7.30 17.62 16.54
N LYS D 253 -7.82 18.71 15.97
CA LYS D 253 -7.59 20.04 16.50
C LYS D 253 -8.91 20.76 16.75
N ILE D 254 -9.86 20.08 17.39
CA ILE D 254 -11.22 20.64 17.55
C ILE D 254 -11.31 21.81 18.54
N ILE D 255 -10.40 21.89 19.50
CA ILE D 255 -10.41 22.98 20.48
C ILE D 255 -9.72 24.21 19.90
N VAL D 256 -8.65 23.97 19.13
CA VAL D 256 -7.98 24.99 18.35
C VAL D 256 -8.95 25.56 17.32
N ASP D 257 -9.77 24.69 16.74
CA ASP D 257 -10.75 25.09 15.71
C ASP D 257 -11.86 26.02 16.24
N THR D 258 -12.07 26.05 17.56
CA THR D 258 -13.26 26.68 18.10
C THR D 258 -12.89 27.79 19.08
N TYR D 259 -12.90 27.51 20.39
CA TYR D 259 -12.71 28.56 21.42
C TYR D 259 -11.49 28.34 22.32
N GLY D 260 -10.58 27.46 21.93
CA GLY D 260 -9.38 27.20 22.71
C GLY D 260 -9.58 26.97 24.20
N GLY D 261 -10.68 26.31 24.55
CA GLY D 261 -10.94 25.97 25.94
C GLY D 261 -11.75 26.98 26.74
N ALA D 262 -12.14 28.09 26.10
CA ALA D 262 -12.92 29.13 26.78
C ALA D 262 -14.39 28.74 26.93
N ALA D 263 -14.84 27.76 26.16
CA ALA D 263 -16.22 27.27 26.22
C ALA D 263 -16.25 25.75 26.15
N PRO D 264 -17.33 25.15 26.66
CA PRO D 264 -17.58 23.74 26.49
C PRO D 264 -17.63 23.36 25.01
N HIS D 265 -17.28 22.11 24.72
CA HIS D 265 -17.42 21.56 23.38
C HIS D 265 -18.28 20.29 23.46
N GLY D 266 -19.17 20.14 22.47
CA GLY D 266 -20.05 18.98 22.36
C GLY D 266 -19.38 17.77 21.75
N GLY D 267 -18.51 17.99 20.76
CA GLY D 267 -17.42 17.04 20.47
C GLY D 267 -17.10 16.60 19.05
N GLY D 268 -17.96 16.93 18.09
CA GLY D 268 -17.68 16.56 16.70
C GLY D 268 -16.60 17.41 16.06
N ALA D 269 -15.88 16.84 15.12
CA ALA D 269 -14.93 17.59 14.32
C ALA D 269 -15.68 18.24 13.16
N PHE D 270 -15.11 19.28 12.55
CA PHE D 270 -15.75 19.98 11.44
C PHE D 270 -15.27 19.51 10.05
N SER D 271 -13.96 19.41 9.85
CA SER D 271 -13.44 19.28 8.49
C SER D 271 -13.79 17.92 7.84
N GLY D 272 -14.10 18.00 6.54
CA GLY D 272 -14.49 16.84 5.75
C GLY D 272 -15.97 16.60 5.73
N LYS D 273 -16.73 17.37 6.50
CA LYS D 273 -18.15 17.15 6.70
C LYS D 273 -18.95 18.18 5.92
N ASP D 274 -19.96 17.71 5.19
CA ASP D 274 -20.82 18.62 4.44
C ASP D 274 -21.78 19.32 5.43
N PRO D 275 -22.40 20.44 5.01
CA PRO D 275 -23.30 21.19 5.89
C PRO D 275 -24.46 20.41 6.55
N SER D 276 -24.93 19.33 5.93
CA SER D 276 -26.01 18.52 6.52
C SER D 276 -25.60 17.79 7.81
N LYS D 277 -24.29 17.72 8.07
CA LYS D 277 -23.75 17.11 9.29
C LYS D 277 -23.83 18.13 10.43
N VAL D 278 -24.65 17.82 11.41
CA VAL D 278 -25.03 18.75 12.47
C VAL D 278 -23.85 19.23 13.34
N ASP D 279 -22.88 18.36 13.56
CA ASP D 279 -21.65 18.72 14.26
C ASP D 279 -21.02 20.02 13.71
N ARG D 280 -21.19 20.29 12.43
CA ARG D 280 -20.63 21.50 11.81
C ARG D 280 -21.62 22.65 11.72
N SER D 281 -22.75 22.41 11.09
CA SER D 281 -23.74 23.46 10.83
C SER D 281 -24.25 24.08 12.13
N ALA D 282 -24.49 23.24 13.14
CA ALA D 282 -25.07 23.73 14.42
C ALA D 282 -24.06 24.53 15.26
N ALA D 283 -22.79 24.14 15.19
CA ALA D 283 -21.71 24.89 15.85
C ALA D 283 -21.54 26.25 15.20
N TYR D 284 -21.62 26.31 13.88
CA TYR D 284 -21.56 27.59 13.18
C TYR D 284 -22.72 28.45 13.63
N ALA D 285 -23.90 27.84 13.70
CA ALA D 285 -25.11 28.56 14.12
C ALA D 285 -24.91 29.16 15.50
N GLY D 286 -24.42 28.36 16.44
CA GLY D 286 -24.14 28.81 17.81
C GLY D 286 -23.21 30.01 17.85
N ARG D 287 -22.23 30.05 16.95
CA ARG D 287 -21.33 31.19 16.87
C ARG D 287 -22.07 32.41 16.35
N TYR D 288 -22.82 32.23 15.26
CA TYR D 288 -23.64 33.30 14.68
C TYR D 288 -24.55 33.95 15.74
N VAL D 289 -25.30 33.13 16.48
CA VAL D 289 -26.18 33.67 17.51
C VAL D 289 -25.37 34.42 18.57
N ALA D 290 -24.34 33.78 19.10
CA ALA D 290 -23.58 34.37 20.19
C ALA D 290 -22.95 35.69 19.76
N LYS D 291 -22.30 35.72 18.60
CA LYS D 291 -21.63 36.94 18.13
C LYS D 291 -22.61 38.08 17.86
N ASN D 292 -23.83 37.77 17.43
CA ASN D 292 -24.80 38.82 17.13
C ASN D 292 -25.42 39.41 18.39
N ILE D 293 -25.61 38.57 19.41
CA ILE D 293 -26.02 39.01 20.74
C ILE D 293 -25.06 40.09 21.25
N VAL D 294 -23.80 39.71 21.39
CA VAL D 294 -22.79 40.59 21.95
C VAL D 294 -22.61 41.84 21.08
N ALA D 295 -22.76 41.71 19.77
CA ALA D 295 -22.51 42.82 18.84
C ALA D 295 -23.57 43.92 18.94
N ALA D 296 -24.79 43.50 19.29
CA ALA D 296 -25.92 44.40 19.43
C ALA D 296 -25.98 45.01 20.83
N GLY D 297 -24.97 44.72 21.67
CA GLY D 297 -24.89 45.28 23.01
C GLY D 297 -25.74 44.58 24.07
N LEU D 298 -26.32 43.42 23.74
CA LEU D 298 -27.14 42.68 24.70
C LEU D 298 -26.32 42.20 25.90
N ALA D 299 -25.10 41.76 25.63
CA ALA D 299 -24.20 41.26 26.69
C ALA D 299 -22.74 41.59 26.41
N SER D 300 -21.91 41.44 27.43
CA SER D 300 -20.47 41.60 27.30
C SER D 300 -19.84 40.28 26.84
N ARG D 301 -20.42 39.16 27.29
CA ARG D 301 -20.04 37.84 26.84
C ARG D 301 -21.22 36.89 26.99
N ALA D 302 -21.36 35.95 26.05
CA ALA D 302 -22.54 35.09 26.01
C ALA D 302 -22.27 33.71 25.41
N LEU D 303 -22.76 32.67 26.10
CA LEU D 303 -22.66 31.26 25.68
C LEU D 303 -24.06 30.75 25.35
N ILE D 304 -24.18 29.82 24.40
CA ILE D 304 -25.46 29.14 24.11
C ILE D 304 -25.23 27.67 23.72
N GLN D 305 -26.32 26.87 23.67
CA GLN D 305 -26.21 25.41 23.55
C GLN D 305 -27.38 24.68 22.83
N VAL D 306 -27.07 23.54 22.17
CA VAL D 306 -28.07 22.71 21.45
C VAL D 306 -27.63 21.20 21.28
N SER D 307 -28.65 20.32 21.13
CA SER D 307 -28.50 18.87 20.92
C SER D 307 -29.50 18.35 19.85
N TYR D 308 -29.41 17.04 19.52
CA TYR D 308 -30.22 16.44 18.43
C TYR D 308 -30.60 14.97 18.69
N ALA D 309 -31.20 14.32 17.68
CA ALA D 309 -31.39 12.86 17.68
C ALA D 309 -31.02 12.28 16.32
N PHE D 341 -33.69 34.39 14.89
CA PHE D 341 -32.88 33.36 14.25
C PHE D 341 -33.68 32.09 13.95
N ASP D 342 -33.38 31.47 12.82
CA ASP D 342 -33.94 30.17 12.44
C ASP D 342 -32.94 29.08 12.79
N LEU D 343 -33.12 28.47 13.95
CA LEU D 343 -32.18 27.44 14.42
C LEU D 343 -32.63 26.02 14.06
N ARG D 344 -33.64 25.91 13.20
CA ARG D 344 -34.04 24.60 12.70
C ARG D 344 -32.89 23.99 11.88
N PRO D 345 -32.73 22.66 11.92
CA PRO D 345 -31.54 21.98 11.36
C PRO D 345 -31.22 22.30 9.91
N LYS D 346 -32.23 22.41 9.06
CA LYS D 346 -32.00 22.78 7.66
C LYS D 346 -32.27 24.27 7.46
N GLY D 347 -32.97 24.89 8.41
CA GLY D 347 -33.10 26.34 8.44
C GLY D 347 -31.78 27.02 8.76
N ILE D 348 -30.87 26.29 9.39
CA ILE D 348 -29.49 26.75 9.59
C ILE D 348 -28.78 26.86 8.25
N ILE D 349 -28.94 25.84 7.40
CA ILE D 349 -28.30 25.85 6.08
C ILE D 349 -28.75 27.05 5.26
N GLN D 350 -30.05 27.34 5.29
CA GLN D 350 -30.60 28.50 4.58
C GLN D 350 -30.08 29.82 5.16
N MET D 351 -30.13 29.94 6.48
CA MET D 351 -29.82 31.17 7.18
C MET D 351 -28.39 31.63 6.92
N LEU D 352 -27.46 30.68 6.94
CA LEU D 352 -26.03 30.96 6.72
C LEU D 352 -25.54 30.67 5.29
N ASP D 353 -26.40 30.14 4.43
CA ASP D 353 -26.05 29.85 3.03
C ASP D 353 -24.79 29.00 2.95
N LEU D 354 -24.86 27.83 3.58
CA LEU D 354 -23.71 26.97 3.81
C LEU D 354 -23.36 26.02 2.66
N LEU D 355 -24.22 25.94 1.64
CA LEU D 355 -23.96 25.06 0.49
C LEU D 355 -23.08 25.71 -0.57
N ARG D 356 -21.79 25.81 -0.25
CA ARG D 356 -20.85 26.63 -0.99
C ARG D 356 -19.42 26.10 -0.74
N PRO D 357 -18.54 26.15 -1.75
CA PRO D 357 -17.17 25.70 -1.57
C PRO D 357 -16.31 26.68 -0.78
N ILE D 358 -16.63 26.87 0.50
CA ILE D 358 -15.96 27.86 1.35
C ILE D 358 -15.21 27.22 2.53
N TYR D 359 -14.97 25.92 2.49
CA TYR D 359 -14.60 25.22 3.71
C TYR D 359 -13.12 25.00 3.94
N GLU D 360 -12.32 24.85 2.87
CA GLU D 360 -10.86 24.76 3.00
C GLU D 360 -10.30 25.92 3.84
N LYS D 361 -10.79 27.12 3.55
CA LYS D 361 -10.47 28.35 4.27
C LYS D 361 -10.63 28.24 5.80
N THR D 362 -11.68 27.57 6.25
CA THR D 362 -11.97 27.46 7.68
C THR D 362 -10.98 26.53 8.35
N ALA D 363 -10.32 25.69 7.56
CA ALA D 363 -9.56 24.54 8.08
C ALA D 363 -8.25 24.87 8.78
N ALA D 364 -7.85 26.15 8.79
CA ALA D 364 -6.67 26.58 9.54
C ALA D 364 -6.90 27.98 10.07
N TYR D 365 -6.34 28.27 11.25
CA TYR D 365 -6.44 29.60 11.90
C TYR D 365 -7.82 29.87 12.54
N GLY D 366 -8.59 28.81 12.79
CA GLY D 366 -9.87 28.91 13.51
C GLY D 366 -11.08 29.04 12.61
N HIS D 367 -12.16 28.37 12.97
CA HIS D 367 -13.40 28.52 12.24
C HIS D 367 -14.15 29.76 12.70
N PHE D 368 -13.79 30.25 13.89
CA PHE D 368 -14.37 31.44 14.49
C PHE D 368 -13.29 32.49 14.72
N GLY D 369 -13.69 33.76 14.58
CA GLY D 369 -12.80 34.88 14.87
C GLY D 369 -12.29 35.65 13.66
N ARG D 370 -12.64 35.18 12.46
CA ARG D 370 -12.13 35.78 11.21
C ARG D 370 -13.26 36.33 10.38
N GLU D 371 -13.20 37.62 10.08
CA GLU D 371 -14.30 38.29 9.36
C GLU D 371 -14.07 38.27 7.84
N GLU D 372 -13.99 37.06 7.30
CA GLU D 372 -13.93 36.86 5.86
C GLU D 372 -15.36 36.96 5.34
N PRO D 373 -15.54 37.35 4.06
CA PRO D 373 -16.90 37.49 3.53
C PRO D 373 -17.68 36.17 3.48
N GLU D 374 -17.02 35.10 3.04
CA GLU D 374 -17.64 33.78 2.97
C GLU D 374 -18.20 33.28 4.31
N PHE D 375 -17.58 33.67 5.42
CA PHE D 375 -17.99 33.12 6.71
C PHE D 375 -19.20 33.87 7.26
N SER D 376 -20.36 33.52 6.72
CA SER D 376 -21.63 34.18 7.07
C SER D 376 -21.89 34.16 8.57
N TRP D 377 -21.41 33.13 9.26
CA TRP D 377 -21.57 33.01 10.70
C TRP D 377 -20.78 34.04 11.50
N GLU D 378 -19.91 34.79 10.84
CA GLU D 378 -19.17 35.88 11.49
C GLU D 378 -19.72 37.26 11.15
N ALA D 379 -20.91 37.32 10.53
CA ALA D 379 -21.58 38.58 10.21
C ALA D 379 -22.38 39.12 11.40
N ALA D 380 -22.10 40.34 11.83
CA ALA D 380 -22.97 41.03 12.80
C ALA D 380 -24.21 41.54 12.08
N ASP D 381 -25.01 40.58 11.62
CA ASP D 381 -25.99 40.77 10.55
C ASP D 381 -27.37 41.14 11.09
N LYS D 382 -27.56 41.01 12.40
CA LYS D 382 -28.88 41.17 13.03
C LYS D 382 -28.81 42.10 14.23
#